data_9BI4
#
_entry.id   9BI4
#
loop_
_entity.id
_entity.type
_entity.pdbx_description
1 polymer 'DNA repair protein RAD50'
2 polymer 'Double-strand break repair protein MRE11'
3 polymer 'one strand of dsDNA'
4 polymer 'second strand of dsDNA'
5 non-polymer "ADENOSINE-5'-TRIPHOSPHATE"
6 non-polymer 'MAGNESIUM ION'
7 non-polymer 'MANGANESE (II) ION'
#
loop_
_entity_poly.entity_id
_entity_poly.type
_entity_poly.pdbx_seq_one_letter_code
_entity_poly.pdbx_strand_id
1 'polypeptide(L)'
;MSAIYKLSIQGIRSFDSNDRETIEFGKPLTLIVGMNGSGKTTIIECLKYATTGDLPPNSKGGVFIHDPKITGEKDIRAQV
KLAFTSANGLNMIVTRNIQLLMKKTTTTFKTLEGQLVAINNSGDRSTLSTRSLELDAQVPLYLGVPKAILEYVIFCHQED
SLWPLSEPSNLKKKFDEIFQAMKFTKALDNLKSIKKDMSVDIKLLKQSVEHLKLDKDRSKAMKLNIHQLQTKIDQYNEEV
SEIESQLNEITEKSDKLFKSNQDFQKILSKVENLKNTKLSISDQVKRLSNSIDILDLSKPDLQNLLANFSKVLMDKNNQL
RDLETDISSLKDRQSSLQSLSNSLIRRQGELEAGKETYEKNRNHLSSLKEAFQHKFQGLSNIENSDMAQVNHEMSQFKAF
ISQDLTDTIDQFAKDIQLKETNLSDLIKSITVDSQNLEYNKKDRSKLIHDSEELAEKLKSFKSLSTQDSLNHELENLKTY
KEKLQSWESENIIPKLNQKIEEKNNEMIILENQIEKFQDRIMKTNQQADLYAKLGLIKKSINTKLDELQKITEKLQNDSR
IRQVFPLTQEFQRADLEMDFQKLFINMQKNIAINNKKMHELDRRYTNALYNLNTIEKDLQDNQKSKEKVIQLLSENLPED
CTIDEYNDVLEETELSYKTALENLKMHQTTLEFNRKALEIAERDSCCYLCSRKFENESFKSKLLQELKTKTDANFEKTLK
DTVQNEKEYLHSLRLLEKHIITLNSINEKIDNSQKCLEKAKEETKTSKSKLDELEVDSTKLKDEKELAESEIRPLIEKFT
YLEKELKDLENSSKTISEELSIYNTSEDGIQTVDELRDQQRKMNDSLRELRKTISDLQMEKDEKVRENSRMINLIKEKEL
TVSEIESSLTQKQNIDDSIRSKRENINDIDSRVKELEARIISLKNKKDEAQSVLDKVKNERDIQVRNKQKTVADINRLID
RFQTIYNEVVDFEAKGFDELQTTIKELELNKAQMLELKEQLDLKSNEVNEEKRKLADSNNEEKNLKQNLELIELKSQLQH
IESEISRLDVQNAEAERDKYQEESLRLRTRFEKLSSENAGKLGEMKQLQNQIDSLTHQLRTDYKDIEKNYHKEWVELQTR
SFVTDDIDVYSKALDSAIMKYHGLKMQDINRIIDELWKRTYSGTDIDTIKIRSDEVSSTVKGKSYNYRVVMYKQDVELDM
RGRCSAGQKVLASIIIRLALSETFGANCGVIALDQPTTNLDEENIESLAKSLHNIINMRRHQKNFQLIVITHDEKFLGHM
NAAAFTDHFFKVKRDDRQKSQIEWVDINRVTY
;
C,D
2 'polypeptide(L)'
;MDYPDPDTIRILITTDNHVGYNENDPITGDDSWKTFHEVMMLAKNNNVDMVVQSGDLFHVNKPSKKSLYQVLKTLRLCCM
GDKPCELELLSDPSQVFHYDEFTNVNYEDPNFNISIPVFGISGNHDDASGDSLLCPMDILHATGLINHFGKVIESDKIKV
VPLLFQKGSTKLALYGLAAVRDERLFRTFKDGGVTFEVPTMREGEWFNLMCVHQNHTGHTNTAFLPEQFLPDFLDMVIWG
HEHECIPNLVHNPIKNFDVLQPGSSVATSLCEAEAQPKYVFILDIKYGEAPKMTPIPLETIRTFKMKSISLQDVPHLRPH
DKDATSKYLIEQVEEMIRDANEETKQKLADDGEGDMVAELPKPLIRLRVDYSAPSNTQSPIDYQVENPRRFSNRFVGRVA
NGNNVVQFYKKRSPVTRSKKSGINGTSISDRDVEKLFSESGGELEVQTLVNDLLNKMQLSLLPEVGLNEAVKKFVDKDEK
TALKEFISHEISNEVGILSTNEEFLRTDDAEEMKALIKQVKRANSVRPTPPKENDETNFAFNGNGLDSFRSSNREVRTGS
PDITQSHVDNESRITHISQAESSKPTSKPKRVRTATKKKIPAFSDSTVISDAENELGDNNDAQDDVDIDENDIIMVSTDE
EDASYGLLNGRKTKTKTRPAASTKTASRRGKGRASRTPKTDILGSLLAKKRKYDYKDDDDKHHHHH
;
B,A
3 'polydeoxyribonucleotide'
;(DA)(DA)(DA)(DA)(DA)(DA)(DA)(DA)(DA)(DA)(DA)(DA)(DA)(DA)(DA)(DA)(DA)(DA)(DA)(DA)
(DA)(DA)(DA)(DA)(DA)(DA)(DA)(DA)(DA)(DA)(DA)(DA)(DA)(DA)(DA)(DA)(DA)(DA)(DA)(DA)
(DA)(DA)(DA)(DA)(DA)(DA)(DA)(DA)(DA)(DA)(DA)(DA)(DA)(DA)(DA)(DA)(DA)(DA)(DA)(DA)
(DA)(DA)(DA)(DA)(DA)(DA)(DA)(DA)(DA)(DA)(DA)(DA)(DA)(DA)(DA)(DA)(DA)(DA)(DA)(DA)
(DA)(DA)(DA)
;
E
4 'polydeoxyribonucleotide'
;(DT)(DT)(DT)(DT)(DT)(DT)(DT)(DT)(DT)(DT)(DT)(DT)(DT)(DT)(DT)(DT)(DT)(DT)(DT)(DT)
(DT)(DT)(DT)(DT)(DT)(DT)(DT)(DT)(DT)(DT)(DT)(DT)(DT)(DT)(DT)(DT)(DT)(DT)(DT)(DT)
(DT)(DT)(DT)(DT)(DT)(DT)(DT)(DT)(DT)(DT)(DT)(DT)(DT)(DT)(DT)(DT)(DT)(DT)(DT)(DT)
(DT)(DT)(DT)(DT)(DT)(DT)(DT)(DT)(DT)(DT)(DT)(DT)(DT)(DT)(DT)(DT)(DT)(DT)(DT)(DT)
(DT)(DT)(DT)
;
F
#
# COMPACT_ATOMS: atom_id res chain seq x y z
N MET A 1 15.54 -25.92 -17.10
CA MET A 1 14.95 -24.66 -17.56
C MET A 1 15.78 -23.48 -17.11
N SER A 2 15.43 -22.30 -17.62
CA SER A 2 16.22 -21.11 -17.36
C SER A 2 16.13 -20.71 -15.90
N ALA A 3 17.17 -20.02 -15.43
CA ALA A 3 17.23 -19.56 -14.05
C ALA A 3 18.25 -18.44 -13.96
N ILE A 4 17.97 -17.45 -13.13
CA ILE A 4 18.87 -16.32 -12.92
C ILE A 4 19.73 -16.60 -11.69
N TYR A 5 20.98 -16.14 -11.75
CA TYR A 5 21.96 -16.45 -10.71
C TYR A 5 22.45 -15.22 -9.97
N LYS A 6 22.90 -14.18 -10.67
CA LYS A 6 23.51 -13.03 -10.01
C LYS A 6 23.24 -11.77 -10.81
N LEU A 7 23.20 -10.64 -10.11
CA LEU A 7 22.99 -9.33 -10.71
C LEU A 7 23.97 -8.33 -10.10
N SER A 8 24.54 -7.47 -10.94
CA SER A 8 25.61 -6.56 -10.53
C SER A 8 25.33 -5.15 -11.02
N ILE A 9 24.55 -4.39 -10.27
CA ILE A 9 24.20 -3.03 -10.63
C ILE A 9 25.38 -2.10 -10.43
N GLN A 10 25.47 -1.05 -11.23
CA GLN A 10 26.52 -0.06 -11.04
C GLN A 10 26.10 1.24 -11.63
N GLY A 11 26.06 2.29 -10.83
CA GLY A 11 25.72 3.64 -11.28
C GLY A 11 24.31 3.97 -11.71
N ILE A 12 23.42 3.01 -11.60
CA ILE A 12 22.04 3.15 -12.00
C ILE A 12 21.14 3.67 -10.90
N ARG A 13 20.37 4.69 -11.21
CA ARG A 13 19.46 5.31 -10.27
C ARG A 13 20.09 5.73 -8.95
N SER A 14 19.69 5.09 -7.88
CA SER A 14 20.19 5.46 -6.57
C SER A 14 21.58 4.94 -6.27
N PHE A 15 22.04 3.97 -7.04
CA PHE A 15 23.34 3.36 -6.82
C PHE A 15 24.53 4.25 -7.14
N ASP A 16 25.69 3.83 -6.67
CA ASP A 16 26.88 4.62 -6.88
C ASP A 16 27.47 4.26 -8.21
N SER A 17 28.03 5.24 -8.89
CA SER A 17 28.62 5.03 -10.20
C SER A 17 30.08 4.60 -10.13
N ASN A 18 30.62 4.43 -8.92
CA ASN A 18 31.98 3.98 -8.70
C ASN A 18 32.01 2.80 -7.75
N ASP A 19 31.02 1.92 -7.86
CA ASP A 19 30.94 0.72 -7.04
C ASP A 19 30.34 -0.39 -7.89
N ARG A 20 30.08 -1.53 -7.25
CA ARG A 20 29.51 -2.68 -7.95
C ARG A 20 28.70 -3.47 -6.93
N GLU A 21 27.41 -3.18 -6.86
CA GLU A 21 26.53 -3.83 -5.91
C GLU A 21 25.98 -5.12 -6.49
N THR A 22 26.09 -6.20 -5.74
CA THR A 22 25.81 -7.54 -6.22
C THR A 22 24.76 -8.21 -5.35
N ILE A 23 23.76 -8.82 -5.99
CA ILE A 23 22.74 -9.61 -5.30
C ILE A 23 22.61 -10.94 -6.01
N GLU A 24 22.66 -12.02 -5.23
CA GLU A 24 22.59 -13.38 -5.77
C GLU A 24 21.23 -13.98 -5.47
N PHE A 25 20.61 -14.58 -6.48
CA PHE A 25 19.27 -15.13 -6.34
C PHE A 25 19.34 -16.62 -6.05
N GLY A 26 18.53 -17.07 -5.09
CA GLY A 26 18.52 -18.45 -4.67
C GLY A 26 17.19 -19.12 -5.01
N LYS A 27 17.18 -20.43 -4.85
CA LYS A 27 15.96 -21.17 -5.13
C LYS A 27 15.39 -21.76 -3.86
N PRO A 28 14.06 -21.80 -3.73
CA PRO A 28 13.05 -21.29 -4.66
C PRO A 28 12.53 -19.90 -4.28
N LEU A 29 13.15 -19.20 -3.34
CA LEU A 29 12.62 -17.92 -2.89
C LEU A 29 13.76 -16.95 -2.67
N THR A 30 13.51 -15.68 -2.96
CA THR A 30 14.44 -14.59 -2.70
C THR A 30 13.66 -13.49 -1.99
N LEU A 31 14.21 -12.96 -0.91
CA LEU A 31 13.55 -11.93 -0.12
C LEU A 31 14.39 -10.67 -0.13
N ILE A 32 13.75 -9.53 -0.42
CA ILE A 32 14.41 -8.23 -0.44
C ILE A 32 13.60 -7.31 0.46
N VAL A 33 14.24 -6.81 1.52
CA VAL A 33 13.59 -5.94 2.49
C VAL A 33 14.43 -4.67 2.61
N GLY A 34 13.76 -3.53 2.63
CA GLY A 34 14.45 -2.27 2.77
C GLY A 34 13.50 -1.18 3.24
N MET A 35 14.02 0.04 3.28
CA MET A 35 13.21 1.20 3.62
C MET A 35 12.71 1.86 2.33
N ASN A 36 12.17 3.08 2.45
CA ASN A 36 11.67 3.81 1.31
C ASN A 36 12.82 4.55 0.63
N GLY A 37 12.96 4.37 -0.67
CA GLY A 37 14.05 4.97 -1.40
C GLY A 37 15.35 4.21 -1.34
N SER A 38 15.33 2.95 -0.90
CA SER A 38 16.54 2.17 -0.75
C SER A 38 17.12 1.76 -2.10
N GLY A 39 16.29 1.25 -3.00
CA GLY A 39 16.76 0.71 -4.26
C GLY A 39 16.12 -0.62 -4.59
N LYS A 40 15.06 -0.98 -3.86
CA LYS A 40 14.43 -2.28 -4.05
C LYS A 40 13.82 -2.41 -5.44
N THR A 41 13.15 -1.37 -5.91
CA THR A 41 12.55 -1.42 -7.24
C THR A 41 13.61 -1.29 -8.33
N THR A 42 14.71 -0.60 -8.03
CA THR A 42 15.78 -0.46 -9.01
C THR A 42 16.39 -1.82 -9.36
N ILE A 43 16.39 -2.77 -8.42
CA ILE A 43 16.91 -4.09 -8.71
C ILE A 43 16.08 -4.76 -9.80
N ILE A 44 14.76 -4.69 -9.68
CA ILE A 44 13.90 -5.29 -10.70
C ILE A 44 13.99 -4.53 -12.00
N GLU A 45 14.13 -3.20 -11.93
CA GLU A 45 14.33 -2.42 -13.15
C GLU A 45 15.58 -2.87 -13.88
N CYS A 46 16.66 -3.12 -13.13
CA CYS A 46 17.90 -3.59 -13.74
C CYS A 46 17.75 -5.00 -14.29
N LEU A 47 17.00 -5.86 -13.61
CA LEU A 47 16.75 -7.21 -14.13
C LEU A 47 16.02 -7.13 -15.47
N LYS A 48 14.98 -6.29 -15.55
CA LYS A 48 14.24 -6.15 -16.79
C LYS A 48 15.08 -5.50 -17.87
N TYR A 49 15.93 -4.54 -17.51
CA TYR A 49 16.79 -3.92 -18.51
C TYR A 49 17.80 -4.91 -19.05
N ALA A 50 18.36 -5.75 -18.20
CA ALA A 50 19.30 -6.76 -18.67
C ALA A 50 18.62 -7.78 -19.57
N THR A 51 17.42 -8.23 -19.19
CA THR A 51 16.79 -9.30 -19.96
C THR A 51 16.18 -8.81 -21.27
N THR A 52 15.55 -7.64 -21.27
CA THR A 52 14.90 -7.15 -22.49
C THR A 52 15.55 -5.92 -23.11
N GLY A 53 16.06 -5.01 -22.31
CA GLY A 53 16.76 -3.86 -22.84
C GLY A 53 15.98 -2.56 -22.86
N ASP A 54 14.93 -2.43 -22.06
CA ASP A 54 14.09 -1.24 -22.06
C ASP A 54 14.03 -0.64 -20.66
N LEU A 55 14.08 0.68 -20.60
CA LEU A 55 14.16 1.44 -19.37
C LEU A 55 12.80 1.52 -18.68
N PRO A 56 12.78 1.90 -17.40
CA PRO A 56 11.52 2.08 -16.70
C PRO A 56 10.73 3.23 -17.29
N PRO A 57 9.41 3.24 -17.09
CA PRO A 57 8.58 4.28 -17.69
C PRO A 57 8.92 5.65 -17.15
N ASN A 58 8.72 6.67 -18.00
CA ASN A 58 8.90 8.06 -17.61
C ASN A 58 10.35 8.38 -17.26
N SER A 59 11.27 7.95 -18.12
CA SER A 59 12.71 8.12 -17.95
C SER A 59 13.31 8.75 -19.19
N LYS A 60 12.67 9.80 -19.69
CA LYS A 60 13.10 10.41 -20.95
C LYS A 60 14.46 11.07 -20.81
N GLY A 61 14.66 11.87 -19.76
CA GLY A 61 15.86 12.68 -19.65
C GLY A 61 17.07 11.98 -19.10
N GLY A 62 17.18 10.67 -19.30
CA GLY A 62 18.29 9.94 -18.71
C GLY A 62 18.27 9.92 -17.20
N VAL A 63 17.08 9.72 -16.60
CA VAL A 63 16.96 9.65 -15.15
C VAL A 63 17.23 8.26 -14.61
N PHE A 64 17.40 7.27 -15.49
CA PHE A 64 17.78 5.93 -15.06
C PHE A 64 19.21 5.90 -14.54
N ILE A 65 20.04 6.84 -14.96
CA ILE A 65 21.44 6.85 -14.55
C ILE A 65 21.60 7.67 -13.28
N HIS A 66 22.65 7.37 -12.53
CA HIS A 66 22.94 8.14 -11.33
C HIS A 66 23.15 9.59 -11.70
N ASP A 67 22.45 10.48 -11.00
CA ASP A 67 22.30 11.86 -11.43
C ASP A 67 23.65 12.57 -11.48
N PRO A 68 24.03 13.17 -12.61
CA PRO A 68 25.28 13.95 -12.64
C PRO A 68 25.27 15.16 -11.74
N LYS A 69 24.13 15.83 -11.60
CA LYS A 69 24.06 17.03 -10.77
C LYS A 69 24.28 16.71 -9.30
N ILE A 70 24.00 15.47 -8.89
CA ILE A 70 24.34 15.04 -7.54
C ILE A 70 25.84 14.81 -7.41
N THR A 71 26.40 13.99 -8.30
CA THR A 71 27.82 13.68 -8.22
C THR A 71 28.67 14.90 -8.58
N GLY A 72 28.32 15.58 -9.66
CA GLY A 72 29.05 16.75 -10.11
C GLY A 72 29.98 16.50 -11.27
N GLU A 73 30.23 15.24 -11.63
CA GLU A 73 31.12 14.92 -12.73
C GLU A 73 30.39 15.15 -14.05
N LYS A 74 31.02 14.76 -15.16
CA LYS A 74 30.45 14.97 -16.48
C LYS A 74 30.21 13.68 -17.24
N ASP A 75 31.17 12.76 -17.24
CA ASP A 75 31.06 11.51 -17.98
C ASP A 75 30.72 10.39 -17.01
N ILE A 76 29.46 9.98 -17.01
CA ILE A 76 28.96 8.93 -16.14
C ILE A 76 28.77 7.68 -16.97
N ARG A 77 29.06 6.52 -16.40
CA ARG A 77 28.96 5.26 -17.13
C ARG A 77 28.39 4.20 -16.20
N ALA A 78 27.18 3.74 -16.50
CA ALA A 78 26.53 2.67 -15.78
C ALA A 78 26.78 1.33 -16.47
N GLN A 79 26.52 0.25 -15.75
CA GLN A 79 26.76 -1.08 -16.30
C GLN A 79 25.96 -2.10 -15.48
N VAL A 80 24.91 -2.64 -16.07
CA VAL A 80 24.16 -3.73 -15.46
C VAL A 80 24.67 -5.04 -16.03
N LYS A 81 24.89 -6.02 -15.15
CA LYS A 81 25.47 -7.30 -15.54
C LYS A 81 24.71 -8.43 -14.87
N LEU A 82 24.34 -9.44 -15.63
CA LEU A 82 23.51 -10.54 -15.15
C LEU A 82 24.13 -11.87 -15.52
N ALA A 83 24.08 -12.82 -14.59
CA ALA A 83 24.54 -14.18 -14.81
C ALA A 83 23.36 -15.11 -14.73
N PHE A 84 23.15 -15.92 -15.76
CA PHE A 84 21.98 -16.77 -15.82
C PHE A 84 22.31 -18.03 -16.61
N THR A 85 21.48 -19.05 -16.43
CA THR A 85 21.59 -20.29 -17.19
C THR A 85 20.40 -20.39 -18.13
N SER A 86 20.66 -20.87 -19.34
CA SER A 86 19.64 -20.90 -20.37
C SER A 86 18.62 -22.00 -20.08
N ALA A 87 17.62 -22.11 -20.95
CA ALA A 87 16.60 -23.14 -20.80
C ALA A 87 17.20 -24.54 -20.99
N ASN A 88 18.09 -24.68 -21.96
CA ASN A 88 18.69 -25.99 -22.23
C ASN A 88 19.77 -26.36 -21.23
N GLY A 89 20.25 -25.42 -20.42
CA GLY A 89 21.26 -25.67 -19.41
C GLY A 89 22.55 -24.92 -19.59
N LEU A 90 22.73 -24.25 -20.72
CA LEU A 90 23.97 -23.50 -20.96
C LEU A 90 24.08 -22.31 -20.00
N ASN A 91 25.30 -22.03 -19.58
CA ASN A 91 25.58 -20.95 -18.64
C ASN A 91 26.02 -19.71 -19.42
N MET A 92 25.39 -18.57 -19.15
CA MET A 92 25.63 -17.37 -19.93
C MET A 92 25.65 -16.14 -19.04
N ILE A 93 26.28 -15.09 -19.54
CA ILE A 93 26.39 -13.81 -18.84
C ILE A 93 26.13 -12.70 -19.85
N VAL A 94 25.39 -11.66 -19.42
CA VAL A 94 25.05 -10.54 -20.29
C VAL A 94 25.45 -9.24 -19.61
N THR A 95 26.12 -8.37 -20.38
CA THR A 95 26.59 -7.07 -19.90
C THR A 95 25.92 -5.97 -20.72
N ARG A 96 25.62 -4.85 -20.07
CA ARG A 96 24.96 -3.74 -20.74
C ARG A 96 25.53 -2.42 -20.21
N ASN A 97 26.22 -1.69 -21.08
CA ASN A 97 26.84 -0.42 -20.72
C ASN A 97 26.03 0.74 -21.28
N ILE A 98 25.93 1.82 -20.52
CA ILE A 98 25.25 3.03 -20.99
C ILE A 98 26.08 4.23 -20.52
N GLN A 99 25.87 5.38 -21.14
CA GLN A 99 26.60 6.60 -20.84
C GLN A 99 25.63 7.77 -20.73
N LEU A 100 26.00 8.76 -19.93
CA LEU A 100 25.22 9.99 -19.75
C LEU A 100 26.12 11.20 -19.87
N LEU A 101 26.83 11.30 -20.98
CA LEU A 101 27.71 12.44 -21.22
C LEU A 101 26.93 13.74 -21.13
N MET A 102 27.48 14.69 -20.40
CA MET A 102 26.80 15.95 -20.11
C MET A 102 27.60 17.11 -20.71
N LYS A 103 26.92 17.93 -21.49
CA LYS A 103 27.53 19.14 -22.05
C LYS A 103 27.21 20.32 -21.13
N LYS A 104 27.60 21.52 -21.55
CA LYS A 104 27.28 22.71 -20.77
C LYS A 104 25.77 22.94 -20.71
N THR A 105 25.09 22.75 -21.83
CA THR A 105 23.65 23.00 -21.93
C THR A 105 22.83 21.74 -21.70
N THR A 106 23.03 20.73 -22.53
CA THR A 106 22.20 19.53 -22.53
C THR A 106 23.02 18.31 -22.11
N THR A 107 22.30 17.26 -21.73
CA THR A 107 22.88 15.97 -21.37
C THR A 107 22.47 14.96 -22.43
N THR A 108 23.44 14.26 -23.00
CA THR A 108 23.20 13.29 -24.06
C THR A 108 23.28 11.87 -23.49
N PHE A 109 22.25 11.09 -23.73
CA PHE A 109 22.19 9.69 -23.28
C PHE A 109 22.43 8.78 -24.48
N LYS A 110 23.39 7.87 -24.35
CA LYS A 110 23.66 6.93 -25.42
C LYS A 110 23.97 5.56 -24.83
N THR A 111 23.66 4.52 -25.59
CA THR A 111 23.84 3.15 -25.18
C THR A 111 25.08 2.59 -25.85
N LEU A 112 26.08 2.22 -25.04
CA LEU A 112 27.29 1.65 -25.58
C LEU A 112 27.08 0.19 -25.95
N GLU A 113 28.11 -0.42 -26.52
CA GLU A 113 28.03 -1.83 -26.87
C GLU A 113 27.95 -2.69 -25.62
N GLY A 114 27.08 -3.68 -25.66
CA GLY A 114 26.96 -4.67 -24.59
C GLY A 114 27.84 -5.86 -24.86
N GLN A 115 27.48 -6.99 -24.24
CA GLN A 115 28.20 -8.23 -24.43
C GLN A 115 27.38 -9.39 -23.90
N LEU A 116 27.35 -10.48 -24.66
CA LEU A 116 26.78 -11.74 -24.23
C LEU A 116 27.81 -12.83 -24.46
N VAL A 117 28.01 -13.69 -23.47
CA VAL A 117 28.99 -14.76 -23.56
C VAL A 117 28.39 -16.04 -22.99
N ALA A 118 28.67 -17.16 -23.64
CA ALA A 118 28.21 -18.48 -23.21
C ALA A 118 29.40 -19.23 -22.62
N ILE A 119 29.61 -19.06 -21.32
CA ILE A 119 30.76 -19.68 -20.67
C ILE A 119 30.51 -21.15 -20.46
N ASN A 120 31.42 -21.99 -20.94
CA ASN A 120 31.26 -23.43 -20.87
C ASN A 120 31.62 -23.92 -19.47
N ASN A 121 31.78 -25.24 -19.33
CA ASN A 121 32.13 -25.81 -18.03
C ASN A 121 33.55 -25.44 -17.60
N SER A 122 34.46 -25.33 -18.55
CA SER A 122 35.86 -25.05 -18.27
C SER A 122 36.22 -23.59 -18.53
N GLY A 123 35.28 -22.68 -18.31
CA GLY A 123 35.53 -21.27 -18.52
C GLY A 123 35.89 -20.92 -19.94
N ASP A 124 35.18 -21.50 -20.91
CA ASP A 124 35.45 -21.25 -22.32
C ASP A 124 34.66 -20.03 -22.79
N ARG A 125 35.17 -18.86 -22.41
CA ARG A 125 34.53 -17.59 -22.73
C ARG A 125 34.48 -17.36 -24.23
N SER A 126 33.28 -17.40 -24.81
CA SER A 126 33.10 -17.20 -26.24
C SER A 126 31.91 -16.26 -26.43
N THR A 127 32.18 -15.06 -26.94
CA THR A 127 31.11 -14.07 -27.10
C THR A 127 30.15 -14.50 -28.19
N LEU A 128 28.88 -14.16 -28.01
CA LEU A 128 27.82 -14.48 -28.96
C LEU A 128 27.38 -13.28 -29.77
N SER A 129 27.15 -12.14 -29.13
CA SER A 129 26.84 -10.89 -29.83
C SER A 129 27.27 -9.74 -28.94
N THR A 130 27.42 -8.58 -29.56
CA THR A 130 27.89 -7.39 -28.86
C THR A 130 26.90 -6.23 -28.90
N ARG A 131 26.28 -5.98 -30.05
CA ARG A 131 25.39 -4.83 -30.18
C ARG A 131 24.09 -5.06 -29.42
N SER A 132 23.54 -3.98 -28.89
CA SER A 132 22.36 -4.09 -28.03
C SER A 132 21.11 -4.50 -28.81
N LEU A 133 21.07 -4.22 -30.11
CA LEU A 133 19.90 -4.61 -30.90
C LEU A 133 19.69 -6.11 -30.89
N GLU A 134 20.76 -6.88 -31.10
CA GLU A 134 20.67 -8.32 -31.03
C GLU A 134 20.73 -8.84 -29.60
N LEU A 135 21.20 -8.01 -28.66
CA LEU A 135 21.18 -8.37 -27.25
C LEU A 135 19.78 -8.32 -26.67
N ASP A 136 18.90 -7.50 -27.23
CA ASP A 136 17.50 -7.50 -26.83
C ASP A 136 16.73 -8.70 -27.38
N ALA A 137 17.32 -9.45 -28.30
CA ALA A 137 16.66 -10.60 -28.91
C ALA A 137 17.28 -11.94 -28.54
N GLN A 138 18.58 -11.98 -28.26
CA GLN A 138 19.19 -13.25 -27.89
C GLN A 138 18.80 -13.67 -26.48
N VAL A 139 18.82 -12.73 -25.53
CA VAL A 139 18.55 -13.09 -24.14
C VAL A 139 17.14 -13.62 -23.92
N PRO A 140 16.07 -12.95 -24.39
CA PRO A 140 14.75 -13.58 -24.29
C PRO A 140 14.63 -14.88 -25.05
N LEU A 141 15.37 -15.03 -26.15
CA LEU A 141 15.34 -16.29 -26.88
C LEU A 141 16.02 -17.40 -26.11
N TYR A 142 17.09 -17.10 -25.38
CA TYR A 142 17.79 -18.10 -24.59
C TYR A 142 17.02 -18.46 -23.32
N LEU A 143 16.38 -17.47 -22.68
CA LEU A 143 15.60 -17.77 -21.48
C LEU A 143 14.44 -18.70 -21.80
N GLY A 144 13.83 -18.55 -22.96
CA GLY A 144 12.71 -19.36 -23.38
C GLY A 144 11.39 -18.62 -23.45
N VAL A 145 11.29 -17.46 -22.85
CA VAL A 145 10.04 -16.70 -22.80
C VAL A 145 10.06 -15.59 -23.84
N PRO A 146 8.90 -15.14 -24.32
CA PRO A 146 8.88 -13.98 -25.21
C PRO A 146 9.29 -12.72 -24.45
N LYS A 147 9.63 -11.69 -25.23
CA LYS A 147 10.09 -10.45 -24.62
C LYS A 147 8.97 -9.74 -23.87
N ALA A 148 7.72 -9.99 -24.25
CA ALA A 148 6.60 -9.36 -23.55
C ALA A 148 6.39 -9.96 -22.19
N ILE A 149 6.57 -11.28 -22.06
CA ILE A 149 6.39 -11.95 -20.77
C ILE A 149 7.41 -11.43 -19.77
N LEU A 150 8.64 -11.18 -20.23
CA LEU A 150 9.68 -10.74 -19.31
C LEU A 150 9.41 -9.36 -18.74
N GLU A 151 8.66 -8.52 -19.45
CA GLU A 151 8.48 -7.13 -19.03
C GLU A 151 7.07 -6.80 -18.54
N TYR A 152 6.10 -7.68 -18.75
CA TYR A 152 4.75 -7.47 -18.25
C TYR A 152 4.35 -8.45 -17.16
N VAL A 153 4.88 -9.66 -17.19
CA VAL A 153 4.48 -10.71 -16.26
C VAL A 153 5.57 -10.99 -15.23
N ILE A 154 6.80 -11.25 -15.68
CA ILE A 154 7.85 -11.62 -14.74
C ILE A 154 8.39 -10.39 -14.02
N PHE A 155 9.06 -9.51 -14.74
CA PHE A 155 9.65 -8.31 -14.14
C PHE A 155 8.74 -7.09 -14.32
N CYS A 156 7.48 -7.21 -13.93
CA CYS A 156 6.55 -6.10 -14.09
C CYS A 156 6.89 -4.97 -13.13
N HIS A 157 6.79 -3.74 -13.61
CA HIS A 157 7.15 -2.60 -12.78
C HIS A 157 6.15 -2.44 -11.64
N GLN A 158 6.62 -1.81 -10.56
CA GLN A 158 5.73 -1.55 -9.44
C GLN A 158 4.61 -0.58 -9.81
N GLU A 159 4.92 0.46 -10.57
CA GLU A 159 3.91 1.45 -10.91
C GLU A 159 3.05 1.04 -12.09
N ASP A 160 3.37 -0.08 -12.74
CA ASP A 160 2.54 -0.63 -13.81
C ASP A 160 2.03 -2.02 -13.45
N SER A 161 1.85 -2.28 -12.16
CA SER A 161 1.40 -3.60 -11.72
C SER A 161 -0.03 -3.88 -12.17
N LEU A 162 -0.89 -2.87 -12.13
CA LEU A 162 -2.30 -3.06 -12.45
C LEU A 162 -2.59 -2.82 -13.93
N TRP A 163 -1.81 -3.44 -14.80
CA TRP A 163 -2.06 -3.34 -16.22
C TRP A 163 -3.24 -4.21 -16.70
N PRO A 164 -3.55 -5.35 -16.06
CA PRO A 164 -4.70 -6.13 -16.56
C PRO A 164 -6.04 -5.41 -16.46
N LEU A 165 -6.14 -4.37 -15.63
CA LEU A 165 -7.40 -3.64 -15.48
C LEU A 165 -7.26 -2.22 -15.99
N SER A 166 -6.64 -2.05 -17.14
CA SER A 166 -6.48 -0.77 -17.81
C SER A 166 -7.39 -0.72 -19.05
N GLU A 167 -7.22 0.33 -19.84
CA GLU A 167 -8.11 0.57 -20.96
C GLU A 167 -8.06 -0.59 -21.96
N PRO A 168 -9.14 -0.81 -22.72
CA PRO A 168 -9.16 -1.96 -23.64
C PRO A 168 -8.01 -1.96 -24.64
N SER A 169 -7.62 -0.79 -25.15
CA SER A 169 -6.52 -0.74 -26.11
C SER A 169 -5.19 -1.14 -25.48
N ASN A 170 -4.97 -0.75 -24.22
CA ASN A 170 -3.76 -1.18 -23.53
C ASN A 170 -3.73 -2.69 -23.34
N LEU A 171 -4.86 -3.29 -22.95
CA LEU A 171 -4.91 -4.74 -22.80
C LEU A 171 -4.67 -5.44 -24.13
N LYS A 172 -5.29 -4.96 -25.20
CA LYS A 172 -5.07 -5.59 -26.50
C LYS A 172 -3.63 -5.45 -26.95
N LYS A 173 -3.02 -4.29 -26.73
CA LYS A 173 -1.62 -4.07 -27.07
C LYS A 173 -0.69 -4.96 -26.27
N LYS A 174 -1.01 -5.25 -25.01
CA LYS A 174 -0.16 -6.10 -24.19
C LYS A 174 -0.38 -7.59 -24.41
N PHE A 175 -1.58 -8.00 -24.83
CA PHE A 175 -1.81 -9.39 -25.19
C PHE A 175 -1.44 -9.70 -26.63
N ASP A 176 -1.25 -8.67 -27.47
CA ASP A 176 -0.72 -8.90 -28.81
C ASP A 176 0.71 -9.40 -28.75
N GLU A 177 1.53 -8.81 -27.88
CA GLU A 177 2.93 -9.19 -27.79
C GLU A 177 3.10 -10.51 -27.05
N ILE A 178 2.27 -10.76 -26.03
CA ILE A 178 2.34 -12.02 -25.30
C ILE A 178 2.03 -13.19 -26.22
N PHE A 179 1.00 -13.05 -27.05
CA PHE A 179 0.59 -14.10 -27.95
C PHE A 179 1.41 -14.15 -29.23
N GLN A 180 2.48 -13.36 -29.32
CA GLN A 180 3.36 -13.31 -30.48
C GLN A 180 2.59 -12.98 -31.76
N ALA A 181 1.60 -12.10 -31.66
CA ALA A 181 0.83 -11.65 -32.81
C ALA A 181 1.10 -10.20 -33.15
N MET A 182 2.25 -9.67 -32.71
CA MET A 182 2.58 -8.28 -32.97
C MET A 182 3.00 -8.04 -34.42
N LYS A 183 3.48 -9.08 -35.08
CA LYS A 183 3.91 -8.95 -36.44
C LYS A 183 2.74 -8.52 -37.30
N PHE A 184 1.62 -9.22 -37.18
CA PHE A 184 0.44 -8.93 -37.98
C PHE A 184 -0.19 -7.61 -37.58
N THR A 185 -0.11 -7.23 -36.31
CA THR A 185 -0.60 -5.92 -35.89
C THR A 185 0.24 -4.78 -36.45
N LYS A 186 1.53 -4.99 -36.68
CA LYS A 186 2.35 -4.02 -37.38
C LYS A 186 2.13 -4.04 -38.88
N ALA A 187 1.82 -5.20 -39.45
CA ALA A 187 1.39 -5.25 -40.85
C ALA A 187 0.10 -4.47 -41.08
N LEU A 188 -0.85 -4.56 -40.16
CA LEU A 188 -2.05 -3.73 -40.25
C LEU A 188 -1.75 -2.26 -40.11
N ASP A 189 -0.84 -1.87 -39.21
CA ASP A 189 -0.47 -0.47 -39.07
C ASP A 189 0.33 0.05 -40.25
N ASN A 190 0.99 -0.83 -40.99
CA ASN A 190 1.65 -0.42 -42.23
C ASN A 190 0.69 -0.36 -43.41
N LEU A 191 -0.33 -1.22 -43.43
CA LEU A 191 -1.40 -1.12 -44.41
C LEU A 191 -2.31 0.08 -44.16
N LYS A 192 -2.36 0.57 -42.93
CA LYS A 192 -3.06 1.81 -42.62
C LYS A 192 -2.26 3.03 -43.05
N SER A 193 -0.93 2.96 -43.02
CA SER A 193 -0.06 4.02 -43.50
C SER A 193 0.11 3.96 -45.02
N ILE A 194 -0.72 3.14 -45.68
CA ILE A 194 -0.86 3.21 -47.13
C ILE A 194 -2.16 3.86 -47.55
N LYS A 195 -3.14 3.78 -46.68
CA LYS A 195 -4.40 4.44 -46.93
C LYS A 195 -4.25 5.92 -46.57
N LYS A 196 -3.53 6.24 -45.49
CA LYS A 196 -3.39 7.68 -45.10
C LYS A 196 -2.91 8.68 -46.21
N ASP A 197 -1.67 8.46 -46.67
CA ASP A 197 -1.05 9.27 -47.73
C ASP A 197 -1.96 9.25 -48.95
N MET A 198 -2.38 8.03 -49.32
CA MET A 198 -3.33 7.76 -50.39
C MET A 198 -4.48 8.73 -50.29
N SER A 199 -5.16 8.75 -49.14
CA SER A 199 -6.30 9.64 -48.91
C SER A 199 -5.96 11.07 -49.27
N VAL A 200 -4.81 11.55 -48.74
CA VAL A 200 -4.37 12.93 -49.05
C VAL A 200 -4.32 13.16 -50.57
N ASP A 201 -3.64 12.22 -51.24
CA ASP A 201 -3.51 12.26 -52.69
C ASP A 201 -4.87 12.34 -53.35
N ILE A 202 -5.81 11.50 -52.92
CA ILE A 202 -7.16 11.48 -53.46
C ILE A 202 -7.76 12.87 -53.39
N LYS A 203 -7.53 13.53 -52.25
CA LYS A 203 -7.98 14.88 -51.88
C LYS A 203 -7.48 15.99 -52.77
N LEU A 204 -6.29 15.75 -53.30
CA LEU A 204 -5.60 16.56 -54.30
C LEU A 204 -6.19 16.31 -55.70
N LEU A 205 -6.33 15.02 -56.02
CA LEU A 205 -6.88 14.59 -57.29
C LEU A 205 -8.23 15.21 -57.50
N LYS A 206 -9.08 15.15 -56.50
CA LYS A 206 -10.40 15.73 -56.60
C LYS A 206 -10.34 17.19 -57.04
N GLN A 207 -9.49 17.99 -56.40
CA GLN A 207 -9.32 19.42 -56.76
C GLN A 207 -8.96 19.55 -58.25
N SER A 208 -7.95 18.75 -58.60
CA SER A 208 -7.48 18.68 -59.97
C SER A 208 -8.65 18.37 -60.91
N VAL A 209 -9.51 17.40 -60.57
CA VAL A 209 -10.68 16.99 -61.34
C VAL A 209 -11.44 18.20 -61.73
N GLU A 210 -11.82 19.02 -60.73
CA GLU A 210 -12.58 20.23 -61.03
C GLU A 210 -11.88 21.06 -62.12
N HIS A 211 -10.59 21.35 -61.85
CA HIS A 211 -9.85 22.17 -62.84
C HIS A 211 -9.84 21.56 -64.25
N LEU A 212 -9.60 20.25 -64.29
CA LEU A 212 -9.50 19.53 -65.54
C LEU A 212 -10.79 19.63 -66.28
N LYS A 213 -11.91 19.46 -65.57
CA LYS A 213 -13.22 19.52 -66.18
C LYS A 213 -13.38 20.86 -66.86
N LEU A 214 -13.02 21.94 -66.14
CA LEU A 214 -13.10 23.28 -66.76
C LEU A 214 -12.31 23.31 -68.09
N ASP A 215 -11.07 22.82 -68.05
CA ASP A 215 -10.28 22.81 -69.27
C ASP A 215 -10.93 21.99 -70.40
N LYS A 216 -11.56 20.85 -70.05
CA LYS A 216 -12.24 20.00 -71.02
C LYS A 216 -13.44 20.70 -71.63
N ASP A 217 -14.09 21.57 -70.85
CA ASP A 217 -15.18 22.36 -71.38
C ASP A 217 -14.57 23.29 -72.42
N ARG A 218 -13.44 23.92 -72.09
CA ARG A 218 -12.81 24.83 -73.05
C ARG A 218 -12.12 24.23 -74.30
N SER A 219 -12.76 23.33 -75.04
CA SER A 219 -12.10 22.77 -76.22
C SER A 219 -13.12 22.25 -77.25
N LYS A 220 -14.15 21.53 -76.78
CA LYS A 220 -15.31 21.09 -77.57
C LYS A 220 -16.11 22.24 -78.18
N ALA A 221 -16.32 23.32 -77.39
CA ALA A 221 -17.03 24.53 -77.83
C ALA A 221 -16.31 25.26 -78.97
N MET A 222 -14.98 25.45 -78.87
CA MET A 222 -14.16 26.05 -79.92
C MET A 222 -14.10 25.22 -81.21
N LYS A 223 -14.07 23.88 -81.08
CA LYS A 223 -14.12 22.94 -82.21
C LYS A 223 -15.46 22.96 -82.97
N LEU A 224 -16.58 23.13 -82.22
CA LEU A 224 -17.92 23.30 -82.77
C LEU A 224 -18.11 24.65 -83.45
N ASN A 225 -17.57 25.75 -82.87
CA ASN A 225 -17.60 27.09 -83.44
C ASN A 225 -16.76 27.20 -84.73
N ILE A 226 -15.59 26.53 -84.76
CA ILE A 226 -14.75 26.41 -85.95
C ILE A 226 -15.46 25.67 -87.11
N HIS A 227 -16.17 24.56 -86.80
CA HIS A 227 -16.95 23.80 -87.77
C HIS A 227 -18.14 24.60 -88.34
N GLN A 228 -18.82 25.39 -87.49
CA GLN A 228 -19.91 26.30 -87.86
C GLN A 228 -19.45 27.44 -88.78
N LEU A 229 -18.23 27.98 -88.55
CA LEU A 229 -17.61 29.02 -89.38
C LEU A 229 -17.07 28.46 -90.71
N GLN A 230 -16.55 27.22 -90.71
CA GLN A 230 -16.07 26.51 -91.89
C GLN A 230 -17.19 26.21 -92.91
N THR A 231 -18.31 25.65 -92.44
CA THR A 231 -19.49 25.35 -93.25
C THR A 231 -20.21 26.61 -93.78
N LYS A 232 -20.12 27.75 -93.06
CA LYS A 232 -20.57 29.05 -93.55
C LYS A 232 -19.70 29.60 -94.69
N ILE A 233 -18.37 29.41 -94.60
CA ILE A 233 -17.41 29.76 -95.66
C ILE A 233 -17.59 28.89 -96.92
N ASP A 234 -17.85 27.58 -96.76
CA ASP A 234 -18.19 26.64 -97.83
C ASP A 234 -19.46 27.04 -98.60
N GLN A 235 -20.48 27.52 -97.88
CA GLN A 235 -21.72 28.08 -98.45
C GLN A 235 -21.47 29.36 -99.28
N TYR A 236 -20.57 30.25 -98.81
CA TYR A 236 -20.18 31.47 -99.52
C TYR A 236 -19.30 31.21 -100.75
N ASN A 237 -18.55 30.09 -100.76
CA ASN A 237 -17.78 29.62 -101.93
C ASN A 237 -18.70 29.06 -103.04
N GLU A 238 -19.83 28.45 -102.65
CA GLU A 238 -20.88 27.98 -103.55
C GLU A 238 -21.75 29.13 -104.13
N GLU A 239 -21.77 30.30 -103.43
CA GLU A 239 -22.44 31.53 -103.86
C GLU A 239 -21.41 32.31 -104.65
N GLN A 1089 -12.49 34.14 -92.35
CA GLN A 1089 -11.52 33.05 -92.15
C GLN A 1089 -10.68 33.30 -90.87
N ASN A 1090 -10.37 34.57 -90.54
CA ASN A 1090 -9.50 34.96 -89.41
C ASN A 1090 -10.07 34.59 -88.02
N GLN A 1091 -11.39 34.37 -87.92
CA GLN A 1091 -12.05 33.84 -86.73
C GLN A 1091 -11.69 32.37 -86.46
N ILE A 1092 -11.62 31.56 -87.53
CA ILE A 1092 -11.15 30.17 -87.48
C ILE A 1092 -9.65 30.09 -87.13
N ASP A 1093 -8.83 30.96 -87.74
CA ASP A 1093 -7.38 31.06 -87.50
C ASP A 1093 -7.04 31.39 -86.04
N SER A 1094 -7.80 32.30 -85.42
CA SER A 1094 -7.67 32.68 -84.01
C SER A 1094 -8.06 31.54 -83.06
N LEU A 1095 -9.21 30.89 -83.32
CA LEU A 1095 -9.72 29.77 -82.53
C LEU A 1095 -8.85 28.49 -82.65
N THR A 1096 -8.25 28.27 -83.83
CA THR A 1096 -7.32 27.16 -84.09
C THR A 1096 -5.98 27.37 -83.37
N HIS A 1097 -5.48 28.61 -83.29
CA HIS A 1097 -4.28 28.99 -82.55
C HIS A 1097 -4.46 28.84 -81.03
N GLN A 1098 -5.65 29.20 -80.51
CA GLN A 1098 -6.06 29.01 -79.12
C GLN A 1098 -6.14 27.52 -78.74
N LEU A 1099 -6.69 26.67 -79.63
CA LEU A 1099 -6.74 25.22 -79.47
C LEU A 1099 -5.36 24.55 -79.51
N ARG A 1100 -4.45 25.07 -80.36
CA ARG A 1100 -3.09 24.56 -80.52
C ARG A 1100 -2.16 24.92 -79.34
N THR A 1101 -2.38 26.08 -78.72
CA THR A 1101 -1.55 26.60 -77.63
C THR A 1101 -2.06 26.21 -76.24
N ASP A 1102 -3.39 26.37 -76.01
CA ASP A 1102 -4.01 26.32 -74.68
C ASP A 1102 -4.72 24.99 -74.40
N TYR A 1103 -5.36 24.39 -75.43
CA TYR A 1103 -6.27 23.24 -75.26
C TYR A 1103 -5.82 22.00 -76.05
N LYS A 1104 -4.50 21.84 -76.24
CA LYS A 1104 -3.88 20.86 -77.13
C LYS A 1104 -4.14 19.39 -76.71
N ASP A 1105 -3.41 18.92 -75.69
CA ASP A 1105 -3.38 17.52 -75.24
C ASP A 1105 -4.30 17.35 -74.02
N ILE A 1106 -5.62 17.44 -74.27
CA ILE A 1106 -6.66 17.48 -73.25
C ILE A 1106 -7.48 16.18 -73.14
N GLU A 1107 -7.77 15.53 -74.28
CA GLU A 1107 -8.70 14.41 -74.40
C GLU A 1107 -8.25 13.17 -73.60
N LYS A 1108 -6.92 12.98 -73.62
CA LYS A 1108 -6.18 11.90 -72.96
C LYS A 1108 -5.30 12.29 -71.76
N ASN A 1109 -4.89 13.55 -71.60
CA ASN A 1109 -4.11 13.94 -70.41
C ASN A 1109 -5.09 13.74 -69.26
N TYR A 1110 -6.25 14.36 -69.46
CA TYR A 1110 -7.40 14.21 -68.61
C TYR A 1110 -7.75 12.73 -68.48
N HIS A 1111 -7.70 11.93 -69.59
CA HIS A 1111 -8.01 10.50 -69.53
C HIS A 1111 -7.18 9.88 -68.41
N LYS A 1112 -5.86 10.03 -68.50
CA LYS A 1112 -4.99 9.47 -67.46
C LYS A 1112 -5.32 9.99 -66.07
N GLU A 1113 -5.66 11.28 -65.92
CA GLU A 1113 -6.04 11.75 -64.59
C GLU A 1113 -7.20 10.93 -64.03
N TRP A 1114 -8.22 10.76 -64.87
CA TRP A 1114 -9.41 10.01 -64.48
C TRP A 1114 -9.02 8.62 -64.02
N VAL A 1115 -8.20 7.97 -64.85
CA VAL A 1115 -7.72 6.61 -64.56
C VAL A 1115 -7.12 6.57 -63.17
N GLU A 1116 -6.19 7.50 -62.91
CA GLU A 1116 -5.52 7.58 -61.63
C GLU A 1116 -6.52 7.64 -60.49
N LEU A 1117 -7.50 8.54 -60.63
CA LEU A 1117 -8.53 8.71 -59.60
C LEU A 1117 -9.20 7.37 -59.30
N GLN A 1118 -9.63 6.70 -60.38
CA GLN A 1118 -10.29 5.41 -60.26
C GLN A 1118 -9.42 4.43 -59.46
N THR A 1119 -8.14 4.37 -59.83
CA THR A 1119 -7.18 3.50 -59.17
C THR A 1119 -7.20 3.78 -57.67
N ARG A 1120 -7.10 5.07 -57.30
CA ARG A 1120 -7.12 5.45 -55.88
C ARG A 1120 -8.36 4.90 -55.17
N SER A 1121 -9.52 5.09 -55.82
CA SER A 1121 -10.79 4.61 -55.27
C SER A 1121 -10.66 3.12 -54.98
N PHE A 1122 -10.30 2.32 -55.95
CA PHE A 1122 -10.17 0.90 -55.63
C PHE A 1122 -9.10 0.62 -54.53
N VAL A 1123 -8.00 1.36 -54.50
CA VAL A 1123 -7.01 1.13 -53.47
C VAL A 1123 -7.60 1.34 -52.08
N THR A 1124 -8.60 2.22 -51.95
CA THR A 1124 -9.17 2.43 -50.60
C THR A 1124 -9.80 1.17 -49.98
N ASP A 1125 -10.95 0.79 -50.53
CA ASP A 1125 -11.77 -0.38 -50.21
C ASP A 1125 -10.89 -1.58 -49.88
N ASP A 1126 -9.95 -1.97 -50.77
CA ASP A 1126 -9.05 -3.11 -50.57
C ASP A 1126 -8.15 -3.07 -49.33
N ILE A 1127 -7.66 -1.89 -48.94
CA ILE A 1127 -6.86 -1.71 -47.73
C ILE A 1127 -7.71 -1.90 -46.47
N ASP A 1128 -8.91 -1.29 -46.43
CA ASP A 1128 -9.91 -1.49 -45.38
C ASP A 1128 -10.41 -2.93 -45.28
N VAL A 1129 -10.91 -3.46 -46.40
CA VAL A 1129 -11.45 -4.83 -46.41
C VAL A 1129 -10.48 -5.87 -45.91
N TYR A 1130 -9.24 -5.83 -46.38
CA TYR A 1130 -8.23 -6.75 -45.90
C TYR A 1130 -7.95 -6.49 -44.43
N SER A 1131 -7.93 -5.22 -44.02
CA SER A 1131 -7.67 -4.85 -42.63
C SER A 1131 -8.74 -5.42 -41.72
N LYS A 1132 -10.00 -5.40 -42.16
CA LYS A 1132 -11.07 -5.95 -41.36
C LYS A 1132 -10.97 -7.47 -41.27
N ALA A 1133 -10.61 -8.14 -42.38
CA ALA A 1133 -10.49 -9.60 -42.34
C ALA A 1133 -9.23 -10.05 -41.63
N LEU A 1134 -8.11 -9.35 -41.82
CA LEU A 1134 -6.87 -9.71 -41.16
C LEU A 1134 -6.83 -9.31 -39.70
N ASP A 1135 -7.83 -8.55 -39.24
CA ASP A 1135 -7.97 -8.23 -37.82
C ASP A 1135 -8.99 -9.10 -37.11
N SER A 1136 -10.04 -9.53 -37.81
CA SER A 1136 -10.92 -10.53 -37.24
C SER A 1136 -10.17 -11.82 -36.95
N ALA A 1137 -9.23 -12.19 -37.82
CA ALA A 1137 -8.41 -13.37 -37.58
C ALA A 1137 -7.51 -13.18 -36.36
N ILE A 1138 -6.94 -11.99 -36.19
CA ILE A 1138 -6.09 -11.74 -35.04
C ILE A 1138 -6.90 -11.83 -33.74
N MET A 1139 -8.10 -11.25 -33.73
CA MET A 1139 -8.93 -11.34 -32.52
C MET A 1139 -9.44 -12.76 -32.28
N LYS A 1140 -9.70 -13.51 -33.36
CA LYS A 1140 -10.06 -14.92 -33.18
C LYS A 1140 -8.91 -15.70 -32.55
N TYR A 1141 -7.68 -15.43 -33.00
CA TYR A 1141 -6.52 -16.09 -32.41
C TYR A 1141 -6.35 -15.69 -30.94
N HIS A 1142 -6.57 -14.41 -30.64
CA HIS A 1142 -6.55 -13.95 -29.26
C HIS A 1142 -7.53 -14.74 -28.40
N GLY A 1143 -8.79 -14.82 -28.83
CA GLY A 1143 -9.79 -15.52 -28.05
C GLY A 1143 -9.59 -17.02 -28.00
N LEU A 1144 -8.92 -17.59 -29.01
CA LEU A 1144 -8.65 -19.01 -29.02
C LEU A 1144 -7.50 -19.38 -28.08
N LYS A 1145 -6.50 -18.51 -27.96
CA LYS A 1145 -5.34 -18.75 -27.12
C LYS A 1145 -5.54 -18.23 -25.70
N MET A 1146 -6.76 -17.82 -25.36
CA MET A 1146 -7.07 -17.25 -24.06
C MET A 1146 -7.79 -18.22 -23.15
N GLN A 1147 -8.14 -19.41 -23.65
CA GLN A 1147 -8.91 -20.36 -22.85
C GLN A 1147 -8.05 -21.01 -21.77
N ASP A 1148 -6.81 -21.36 -22.10
CA ASP A 1148 -5.95 -22.00 -21.11
C ASP A 1148 -5.57 -21.04 -19.99
N ILE A 1149 -5.46 -19.74 -20.27
CA ILE A 1149 -5.19 -18.78 -19.23
C ILE A 1149 -6.38 -18.63 -18.31
N ASN A 1150 -7.58 -18.54 -18.88
CA ASN A 1150 -8.80 -18.42 -18.07
C ASN A 1150 -9.05 -19.63 -17.21
N ARG A 1151 -8.56 -20.80 -17.60
CA ARG A 1151 -8.80 -22.00 -16.81
C ARG A 1151 -7.95 -22.03 -15.55
N ILE A 1152 -6.76 -21.43 -15.58
CA ILE A 1152 -5.91 -21.34 -14.39
C ILE A 1152 -6.00 -20.01 -13.70
N ILE A 1153 -6.63 -19.00 -14.31
CA ILE A 1153 -7.05 -17.82 -13.55
C ILE A 1153 -8.12 -18.20 -12.55
N ASP A 1154 -9.09 -19.02 -12.99
CA ASP A 1154 -10.24 -19.36 -12.17
C ASP A 1154 -9.87 -20.23 -10.99
N GLU A 1155 -8.99 -21.20 -11.17
CA GLU A 1155 -8.61 -22.06 -10.06
C GLU A 1155 -7.78 -21.31 -9.03
N LEU A 1156 -7.01 -20.30 -9.47
CA LEU A 1156 -6.26 -19.49 -8.51
C LEU A 1156 -7.16 -18.53 -7.76
N TRP A 1157 -8.11 -17.91 -8.44
CA TRP A 1157 -9.02 -16.99 -7.76
C TRP A 1157 -9.86 -17.71 -6.73
N LYS A 1158 -10.27 -18.94 -7.04
CA LYS A 1158 -11.17 -19.68 -6.16
C LYS A 1158 -10.56 -19.91 -4.80
N ARG A 1159 -9.28 -20.26 -4.75
CA ARG A 1159 -8.61 -20.59 -3.50
C ARG A 1159 -7.82 -19.43 -2.90
N THR A 1160 -7.87 -18.24 -3.52
CA THR A 1160 -7.10 -17.09 -3.03
C THR A 1160 -7.97 -15.96 -2.51
N TYR A 1161 -9.04 -15.62 -3.22
CA TYR A 1161 -9.93 -14.54 -2.78
C TYR A 1161 -10.72 -15.02 -1.58
N SER A 1162 -10.54 -14.37 -0.42
CA SER A 1162 -11.24 -14.74 0.80
C SER A 1162 -12.43 -13.82 1.00
N GLY A 1163 -13.43 -14.00 0.14
CA GLY A 1163 -14.63 -13.19 0.19
C GLY A 1163 -15.80 -13.97 -0.38
N THR A 1164 -16.99 -13.43 -0.15
CA THR A 1164 -18.22 -14.16 -0.46
C THR A 1164 -19.08 -13.45 -1.51
N ASP A 1165 -18.48 -12.57 -2.33
CA ASP A 1165 -19.23 -11.83 -3.33
C ASP A 1165 -18.96 -12.31 -4.75
N ILE A 1166 -17.69 -12.44 -5.12
CA ILE A 1166 -17.29 -12.80 -6.48
C ILE A 1166 -17.07 -14.31 -6.54
N ASP A 1167 -17.67 -14.95 -7.53
CA ASP A 1167 -17.49 -16.38 -7.72
C ASP A 1167 -16.19 -16.68 -8.44
N THR A 1168 -16.07 -16.20 -9.69
CA THR A 1168 -14.88 -16.42 -10.49
C THR A 1168 -14.47 -15.14 -11.18
N ILE A 1169 -13.47 -15.22 -12.05
CA ILE A 1169 -12.98 -14.07 -12.79
C ILE A 1169 -12.39 -14.58 -14.09
N LYS A 1170 -12.56 -13.84 -15.17
CA LYS A 1170 -12.06 -14.31 -16.45
C LYS A 1170 -11.77 -13.12 -17.35
N ILE A 1171 -10.90 -13.34 -18.32
CA ILE A 1171 -10.58 -12.36 -19.35
C ILE A 1171 -11.25 -12.80 -20.64
N ARG A 1172 -11.90 -11.86 -21.32
CA ARG A 1172 -12.58 -12.20 -22.56
C ARG A 1172 -12.42 -11.06 -23.55
N SER A 1173 -12.10 -11.43 -24.78
CA SER A 1173 -12.03 -10.48 -25.87
C SER A 1173 -13.33 -10.50 -26.66
N ASP A 1174 -13.88 -9.32 -26.90
CA ASP A 1174 -15.21 -9.19 -27.50
C ASP A 1174 -16.25 -9.96 -26.68
N SER A 1184 -13.15 0.43 -29.50
CA SER A 1184 -12.77 -0.78 -30.21
C SER A 1184 -12.29 -1.84 -29.25
N TYR A 1185 -12.27 -3.09 -29.71
CA TYR A 1185 -11.66 -4.15 -28.92
C TYR A 1185 -12.29 -4.23 -27.54
N ASN A 1186 -13.53 -4.71 -27.47
CA ASN A 1186 -14.21 -4.86 -26.20
C ASN A 1186 -13.43 -5.92 -25.45
N TYR A 1187 -12.29 -5.51 -24.91
CA TYR A 1187 -11.27 -6.37 -24.33
C TYR A 1187 -11.20 -6.05 -22.84
N ARG A 1188 -11.70 -6.96 -22.01
CA ARG A 1188 -11.85 -6.64 -20.60
C ARG A 1188 -11.81 -7.93 -19.79
N VAL A 1189 -11.67 -7.75 -18.47
CA VAL A 1189 -11.76 -8.83 -17.51
C VAL A 1189 -13.07 -8.66 -16.76
N VAL A 1190 -13.87 -9.72 -16.70
CA VAL A 1190 -15.18 -9.67 -16.08
C VAL A 1190 -15.16 -10.47 -14.78
N MET A 1191 -16.07 -10.12 -13.88
CA MET A 1191 -16.24 -10.83 -12.63
C MET A 1191 -17.66 -11.35 -12.55
N TYR A 1192 -17.82 -12.53 -11.95
CA TYR A 1192 -19.12 -13.18 -11.84
C TYR A 1192 -19.59 -13.16 -10.40
N LYS A 1193 -20.79 -12.61 -10.18
CA LYS A 1193 -21.39 -12.54 -8.87
C LYS A 1193 -22.67 -13.38 -8.92
N GLN A 1194 -22.54 -14.68 -8.65
CA GLN A 1194 -23.65 -15.62 -8.69
C GLN A 1194 -24.25 -15.69 -10.09
N ASP A 1195 -23.43 -16.10 -11.04
CA ASP A 1195 -23.86 -16.36 -12.43
C ASP A 1195 -24.40 -15.10 -13.10
N VAL A 1196 -23.76 -13.96 -12.87
CA VAL A 1196 -24.00 -12.75 -13.65
C VAL A 1196 -22.65 -12.14 -13.99
N GLU A 1197 -22.49 -11.69 -15.23
CA GLU A 1197 -21.22 -11.17 -15.70
C GLU A 1197 -21.22 -9.64 -15.64
N LEU A 1198 -20.22 -9.08 -14.99
CA LEU A 1198 -20.07 -7.64 -14.90
C LEU A 1198 -18.63 -7.26 -15.17
N ASP A 1199 -18.44 -6.18 -15.93
CA ASP A 1199 -17.09 -5.70 -16.17
C ASP A 1199 -16.47 -5.26 -14.85
N MET A 1200 -15.25 -5.72 -14.59
CA MET A 1200 -14.62 -5.48 -13.30
C MET A 1200 -14.14 -4.05 -13.15
N ARG A 1201 -13.81 -3.39 -14.26
CA ARG A 1201 -13.18 -2.07 -14.19
C ARG A 1201 -14.21 -0.99 -13.90
N GLY A 1202 -13.90 -0.13 -12.92
CA GLY A 1202 -14.81 0.89 -12.48
C GLY A 1202 -15.91 0.39 -11.58
N ARG A 1203 -15.88 -0.88 -11.20
CA ARG A 1203 -16.93 -1.52 -10.42
C ARG A 1203 -16.33 -2.43 -9.35
N CYS A 1204 -15.10 -2.17 -8.96
CA CYS A 1204 -14.42 -2.96 -7.94
C CYS A 1204 -13.74 -2.00 -6.97
N SER A 1205 -12.90 -2.54 -6.10
CA SER A 1205 -12.19 -1.74 -5.13
C SER A 1205 -10.69 -1.82 -5.39
N ALA A 1206 -9.91 -1.21 -4.49
CA ALA A 1206 -8.46 -1.23 -4.65
C ALA A 1206 -7.89 -2.60 -4.36
N GLY A 1207 -8.31 -3.23 -3.26
CA GLY A 1207 -7.76 -4.53 -2.91
C GLY A 1207 -8.14 -5.61 -3.90
N GLN A 1208 -9.40 -5.59 -4.37
CA GLN A 1208 -9.83 -6.56 -5.36
C GLN A 1208 -9.08 -6.39 -6.67
N LYS A 1209 -8.84 -5.15 -7.08
CA LYS A 1209 -8.05 -4.91 -8.28
C LYS A 1209 -6.61 -5.41 -8.13
N VAL A 1210 -6.00 -5.14 -6.98
CA VAL A 1210 -4.64 -5.62 -6.71
C VAL A 1210 -4.59 -7.14 -6.78
N LEU A 1211 -5.54 -7.80 -6.13
CA LEU A 1211 -5.55 -9.26 -6.11
C LEU A 1211 -5.81 -9.82 -7.50
N ALA A 1212 -6.71 -9.21 -8.27
CA ALA A 1212 -6.97 -9.70 -9.62
C ALA A 1212 -5.73 -9.58 -10.48
N SER A 1213 -5.00 -8.47 -10.37
CA SER A 1213 -3.78 -8.32 -11.15
C SER A 1213 -2.75 -9.37 -10.77
N ILE A 1214 -2.57 -9.62 -9.46
CA ILE A 1214 -1.61 -10.64 -9.04
C ILE A 1214 -2.01 -12.00 -9.59
N ILE A 1215 -3.29 -12.35 -9.50
CA ILE A 1215 -3.76 -13.66 -9.98
C ILE A 1215 -3.53 -13.79 -11.48
N ILE A 1216 -3.82 -12.74 -12.24
CA ILE A 1216 -3.66 -12.79 -13.69
C ILE A 1216 -2.19 -12.95 -14.07
N ARG A 1217 -1.30 -12.23 -13.38
CA ARG A 1217 0.12 -12.37 -13.67
C ARG A 1217 0.63 -13.76 -13.29
N LEU A 1218 0.18 -14.30 -12.16
CA LEU A 1218 0.60 -15.65 -11.77
C LEU A 1218 0.06 -16.71 -12.72
N ALA A 1219 -1.11 -16.49 -13.29
CA ALA A 1219 -1.67 -17.43 -14.26
C ALA A 1219 -0.96 -17.35 -15.60
N LEU A 1220 -0.55 -16.15 -16.01
CA LEU A 1220 0.22 -16.03 -17.24
C LEU A 1220 1.65 -16.51 -17.07
N SER A 1221 2.19 -16.50 -15.84
CA SER A 1221 3.55 -16.95 -15.62
C SER A 1221 3.70 -18.46 -15.80
N GLU A 1222 2.66 -19.24 -15.53
CA GLU A 1222 2.78 -20.69 -15.57
C GLU A 1222 2.20 -21.29 -16.84
N THR A 1223 1.75 -20.47 -17.77
CA THR A 1223 1.33 -20.95 -19.08
C THR A 1223 2.25 -20.52 -20.21
N PHE A 1224 2.86 -19.34 -20.13
CA PHE A 1224 3.87 -18.91 -21.08
C PHE A 1224 5.27 -18.90 -20.49
N GLY A 1225 5.40 -18.74 -19.18
CA GLY A 1225 6.68 -18.86 -18.52
C GLY A 1225 6.88 -20.25 -17.98
N ALA A 1226 6.37 -21.25 -18.68
CA ALA A 1226 6.64 -22.63 -18.31
C ALA A 1226 8.10 -23.01 -18.51
N ASN A 1227 8.80 -22.30 -19.41
CA ASN A 1227 10.21 -22.55 -19.66
C ASN A 1227 11.10 -21.57 -18.91
N CYS A 1228 10.53 -20.73 -18.07
CA CYS A 1228 11.30 -19.79 -17.26
C CYS A 1228 10.56 -19.64 -15.94
N GLY A 1229 10.99 -20.37 -14.92
CA GLY A 1229 10.32 -20.33 -13.64
C GLY A 1229 10.73 -19.18 -12.76
N VAL A 1230 10.61 -17.96 -13.28
CA VAL A 1230 10.97 -16.76 -12.54
C VAL A 1230 9.76 -15.84 -12.50
N ILE A 1231 9.53 -15.22 -11.36
CA ILE A 1231 8.52 -14.16 -11.25
C ILE A 1231 8.85 -13.28 -10.05
N ALA A 1232 8.76 -11.98 -10.23
CA ALA A 1232 9.10 -11.01 -9.19
C ALA A 1232 7.84 -10.26 -8.78
N LEU A 1233 7.51 -10.32 -7.50
CA LEU A 1233 6.33 -9.67 -6.94
C LEU A 1233 6.79 -8.49 -6.10
N ASP A 1234 6.53 -7.27 -6.59
CA ASP A 1234 6.99 -6.05 -5.95
C ASP A 1234 5.85 -5.47 -5.12
N GLN A 1235 5.96 -5.61 -3.80
CA GLN A 1235 4.91 -5.20 -2.85
C GLN A 1235 3.59 -5.87 -3.19
N PRO A 1236 3.49 -7.19 -3.07
CA PRO A 1236 2.22 -7.85 -3.40
C PRO A 1236 1.06 -7.43 -2.50
N THR A 1237 1.33 -7.13 -1.24
CA THR A 1237 0.28 -6.88 -0.26
C THR A 1237 0.07 -5.38 -0.06
N THR A 1238 -0.49 -4.74 -1.09
CA THR A 1238 -0.93 -3.36 -1.00
C THR A 1238 -2.44 -3.33 -1.14
N ASN A 1239 -3.10 -2.61 -0.23
CA ASN A 1239 -4.55 -2.48 -0.15
C ASN A 1239 -5.24 -3.80 0.15
N LEU A 1240 -4.51 -4.81 0.60
CA LEU A 1240 -5.09 -6.09 0.97
C LEU A 1240 -5.27 -6.17 2.47
N ASP A 1241 -6.41 -6.72 2.89
CA ASP A 1241 -6.72 -6.87 4.30
C ASP A 1241 -5.96 -8.07 4.86
N GLU A 1242 -6.19 -8.36 6.14
CA GLU A 1242 -5.50 -9.48 6.78
C GLU A 1242 -5.86 -10.80 6.12
N GLU A 1243 -7.14 -11.00 5.82
CA GLU A 1243 -7.58 -12.28 5.27
C GLU A 1243 -6.95 -12.53 3.91
N ASN A 1244 -6.93 -11.53 3.03
CA ASN A 1244 -6.36 -11.73 1.70
C ASN A 1244 -4.86 -11.83 1.76
N ILE A 1245 -4.21 -11.18 2.72
CA ILE A 1245 -2.77 -11.35 2.91
C ILE A 1245 -2.47 -12.80 3.26
N GLU A 1246 -3.21 -13.36 4.22
CA GLU A 1246 -2.98 -14.74 4.60
C GLU A 1246 -3.25 -15.70 3.44
N SER A 1247 -4.36 -15.49 2.73
CA SER A 1247 -4.70 -16.41 1.64
C SER A 1247 -3.70 -16.30 0.50
N LEU A 1248 -3.23 -15.10 0.20
CA LEU A 1248 -2.22 -14.94 -0.84
C LEU A 1248 -0.91 -15.61 -0.45
N ALA A 1249 -0.49 -15.49 0.82
CA ALA A 1249 0.72 -16.15 1.25
C ALA A 1249 0.60 -17.66 1.14
N LYS A 1250 -0.55 -18.21 1.56
CA LYS A 1250 -0.77 -19.65 1.44
C LYS A 1250 -0.78 -20.09 -0.01
N SER A 1251 -1.38 -19.29 -0.89
CA SER A 1251 -1.41 -19.62 -2.31
C SER A 1251 -0.03 -19.59 -2.92
N LEU A 1252 0.81 -18.62 -2.52
CA LEU A 1252 2.17 -18.59 -3.02
C LEU A 1252 2.97 -19.79 -2.53
N HIS A 1253 2.76 -20.18 -1.26
CA HIS A 1253 3.39 -21.40 -0.76
C HIS A 1253 2.98 -22.62 -1.58
N ASN A 1254 1.68 -22.74 -1.89
CA ASN A 1254 1.23 -23.85 -2.72
C ASN A 1254 1.81 -23.81 -4.13
N ILE A 1255 1.95 -22.61 -4.72
CA ILE A 1255 2.54 -22.49 -6.04
C ILE A 1255 4.00 -22.92 -6.02
N ILE A 1256 4.73 -22.50 -4.98
CA ILE A 1256 6.14 -22.91 -4.85
C ILE A 1256 6.24 -24.42 -4.73
N ASN A 1257 5.39 -25.03 -3.91
CA ASN A 1257 5.41 -26.47 -3.76
C ASN A 1257 5.09 -27.18 -5.07
N MET A 1258 4.08 -26.68 -5.80
CA MET A 1258 3.67 -27.35 -7.02
C MET A 1258 4.72 -27.23 -8.11
N ARG A 1259 5.36 -26.06 -8.22
CA ARG A 1259 6.31 -25.81 -9.31
C ARG A 1259 7.75 -26.11 -8.91
N ARG A 1260 7.98 -27.04 -7.99
CA ARG A 1260 9.32 -27.45 -7.61
C ARG A 1260 9.68 -28.86 -8.03
N HIS A 1261 8.70 -29.70 -8.36
CA HIS A 1261 9.02 -30.94 -9.06
C HIS A 1261 9.35 -30.68 -10.53
N GLN A 1262 9.12 -29.44 -10.98
CA GLN A 1262 9.65 -28.94 -12.24
C GLN A 1262 11.15 -28.68 -12.06
N LYS A 1263 11.79 -28.04 -13.03
CA LYS A 1263 13.22 -27.78 -12.87
C LYS A 1263 13.47 -26.80 -11.74
N ASN A 1264 12.72 -25.71 -11.70
CA ASN A 1264 12.91 -24.68 -10.68
C ASN A 1264 11.73 -23.73 -10.69
N PHE A 1265 11.67 -22.93 -9.64
CA PHE A 1265 10.74 -21.82 -9.54
C PHE A 1265 11.41 -20.77 -8.65
N GLN A 1266 11.57 -19.56 -9.17
CA GLN A 1266 12.25 -18.51 -8.42
C GLN A 1266 11.29 -17.35 -8.21
N LEU A 1267 10.80 -17.21 -6.99
CA LEU A 1267 9.89 -16.14 -6.62
C LEU A 1267 10.68 -15.08 -5.87
N ILE A 1268 10.79 -13.89 -6.46
CA ILE A 1268 11.43 -12.77 -5.80
C ILE A 1268 10.35 -11.93 -5.14
N VAL A 1269 10.42 -11.79 -3.82
CA VAL A 1269 9.43 -11.07 -3.04
C VAL A 1269 10.07 -9.83 -2.47
N ILE A 1270 9.44 -8.68 -2.70
CA ILE A 1270 9.90 -7.39 -2.18
C ILE A 1270 8.80 -6.84 -1.30
N THR A 1271 9.12 -6.61 -0.03
CA THR A 1271 8.10 -6.13 0.90
C THR A 1271 8.78 -5.59 2.15
N HIS A 1272 8.07 -4.69 2.83
CA HIS A 1272 8.40 -4.29 4.19
C HIS A 1272 7.19 -4.39 5.10
N ASP A 1273 6.18 -5.18 4.69
CA ASP A 1273 5.06 -5.53 5.54
C ASP A 1273 5.39 -6.84 6.25
N GLU A 1274 5.57 -6.77 7.57
CA GLU A 1274 6.14 -7.90 8.29
C GLU A 1274 5.18 -9.09 8.38
N LYS A 1275 3.88 -8.83 8.39
CA LYS A 1275 2.92 -9.90 8.62
C LYS A 1275 2.85 -10.86 7.44
N PHE A 1276 3.12 -10.38 6.23
CA PHE A 1276 3.03 -11.25 5.06
C PHE A 1276 4.11 -12.32 5.06
N LEU A 1277 5.23 -12.09 5.73
CA LEU A 1277 6.29 -13.08 5.77
C LEU A 1277 5.87 -14.31 6.57
N GLY A 1278 5.09 -14.11 7.64
CA GLY A 1278 4.80 -15.20 8.55
C GLY A 1278 4.05 -16.34 7.89
N HIS A 1279 3.01 -16.01 7.12
CA HIS A 1279 2.14 -17.05 6.57
C HIS A 1279 2.77 -17.83 5.43
N MET A 1280 3.86 -17.34 4.85
CA MET A 1280 4.50 -18.03 3.73
C MET A 1280 5.69 -18.89 4.16
N ASN A 1281 6.09 -18.82 5.43
CA ASN A 1281 7.25 -19.55 5.94
C ASN A 1281 8.51 -19.17 5.16
N ALA A 1282 8.90 -17.90 5.28
CA ALA A 1282 10.12 -17.46 4.64
C ALA A 1282 11.34 -18.21 5.18
N ALA A 1283 11.32 -18.51 6.48
CA ALA A 1283 12.44 -19.22 7.09
C ALA A 1283 12.50 -20.68 6.67
N ALA A 1284 11.41 -21.25 6.18
CA ALA A 1284 11.40 -22.64 5.74
C ALA A 1284 11.93 -22.82 4.32
N PHE A 1285 12.08 -21.73 3.56
CA PHE A 1285 12.58 -21.81 2.20
C PHE A 1285 13.96 -21.20 2.01
N THR A 1286 14.36 -20.27 2.86
CA THR A 1286 15.68 -19.65 2.76
C THR A 1286 16.25 -19.41 4.15
N ASP A 1287 17.56 -19.34 4.21
CA ASP A 1287 18.29 -19.07 5.44
C ASP A 1287 18.79 -17.64 5.52
N HIS A 1288 18.42 -16.79 4.58
CA HIS A 1288 18.95 -15.43 4.53
C HIS A 1288 17.99 -14.56 3.73
N PHE A 1289 18.29 -13.27 3.70
CA PHE A 1289 17.59 -12.32 2.84
C PHE A 1289 18.54 -11.15 2.59
N PHE A 1290 18.13 -10.27 1.70
CA PHE A 1290 18.96 -9.14 1.31
C PHE A 1290 18.30 -7.84 1.76
N LYS A 1291 19.08 -6.99 2.41
CA LYS A 1291 18.60 -5.70 2.90
C LYS A 1291 19.28 -4.60 2.11
N VAL A 1292 18.49 -3.71 1.53
CA VAL A 1292 18.99 -2.57 0.77
C VAL A 1292 18.89 -1.33 1.64
N LYS A 1293 19.98 -0.59 1.73
CA LYS A 1293 20.04 0.56 2.62
C LYS A 1293 21.05 1.58 2.11
N ARG A 1294 20.72 2.86 2.29
CA ARG A 1294 21.66 3.92 1.94
C ARG A 1294 22.79 3.98 2.95
N ASP A 1295 23.99 4.28 2.46
CA ASP A 1295 25.14 4.46 3.32
C ASP A 1295 25.23 5.93 3.72
N ASP A 1296 26.32 6.33 4.38
CA ASP A 1296 26.44 7.70 4.85
C ASP A 1296 26.69 8.69 3.72
N ARG A 1297 26.98 8.23 2.50
CA ARG A 1297 27.13 9.11 1.36
C ARG A 1297 25.94 9.04 0.41
N GLN A 1298 24.84 8.45 0.88
CA GLN A 1298 23.53 8.39 0.23
C GLN A 1298 23.45 7.40 -0.93
N LYS A 1299 24.50 6.61 -1.18
CA LYS A 1299 24.41 5.57 -2.18
C LYS A 1299 23.80 4.31 -1.58
N SER A 1300 23.30 3.44 -2.43
CA SER A 1300 22.62 2.24 -1.96
C SER A 1300 23.59 1.07 -1.83
N GLN A 1301 23.36 0.25 -0.81
CA GLN A 1301 24.12 -0.95 -0.56
C GLN A 1301 23.15 -2.12 -0.44
N ILE A 1302 23.62 -3.32 -0.81
CA ILE A 1302 22.84 -4.54 -0.68
C ILE A 1302 23.58 -5.46 0.27
N GLU A 1303 22.92 -5.83 1.37
CA GLU A 1303 23.56 -6.62 2.41
C GLU A 1303 23.15 -8.10 2.29
N TRP A 1304 23.56 -8.90 3.28
CA TRP A 1304 23.30 -10.33 3.29
C TRP A 1304 23.01 -10.69 4.74
N VAL A 1305 21.73 -10.74 5.11
CA VAL A 1305 21.31 -10.83 6.50
C VAL A 1305 20.77 -12.22 6.77
N ASP A 1306 21.05 -12.73 7.96
CA ASP A 1306 20.51 -14.02 8.37
C ASP A 1306 18.99 -13.95 8.52
N ILE A 1307 18.33 -15.07 8.27
CA ILE A 1307 16.88 -15.06 8.15
C ILE A 1307 16.20 -14.74 9.49
N ASN A 1308 16.74 -15.25 10.58
CA ASN A 1308 16.10 -15.03 11.88
C ASN A 1308 16.23 -13.60 12.38
N ARG A 1309 17.09 -12.79 11.76
CA ARG A 1309 17.32 -11.43 12.20
C ARG A 1309 16.27 -10.46 11.68
N VAL A 1310 15.31 -10.93 10.90
CA VAL A 1310 14.19 -10.09 10.47
C VAL A 1310 13.10 -10.18 11.53
N THR A 1311 12.32 -9.12 11.66
CA THR A 1311 11.25 -9.08 12.65
C THR A 1311 9.88 -9.03 11.98
N MET B 1 -16.43 28.13 11.17
CA MET B 1 -15.86 27.04 10.39
C MET B 1 -16.79 25.84 10.35
N SER B 2 -17.01 25.32 9.15
CA SER B 2 -18.07 24.34 8.92
C SER B 2 -17.72 22.99 9.54
N ALA B 3 -18.70 22.10 9.52
CA ALA B 3 -18.57 20.78 10.12
C ALA B 3 -19.67 19.88 9.61
N ILE B 4 -19.33 18.62 9.35
CA ILE B 4 -20.29 17.61 8.91
C ILE B 4 -20.65 16.74 10.11
N TYR B 5 -21.89 16.26 10.15
CA TYR B 5 -22.40 15.57 11.32
C TYR B 5 -22.84 14.15 11.05
N LYS B 6 -23.66 13.91 10.03
CA LYS B 6 -24.24 12.59 9.83
C LYS B 6 -24.57 12.38 8.35
N LEU B 7 -24.20 11.22 7.83
CA LEU B 7 -24.41 10.85 6.43
C LEU B 7 -25.19 9.54 6.36
N SER B 8 -26.13 9.45 5.43
CA SER B 8 -26.96 8.27 5.26
C SER B 8 -26.94 7.85 3.80
N ILE B 9 -26.53 6.61 3.54
CA ILE B 9 -26.42 6.09 2.19
C ILE B 9 -27.57 5.12 1.93
N GLN B 10 -28.06 5.05 0.71
CA GLN B 10 -29.11 4.11 0.38
C GLN B 10 -29.13 3.82 -1.09
N GLY B 11 -28.66 2.67 -1.51
CA GLY B 11 -28.71 2.34 -2.92
C GLY B 11 -27.46 2.55 -3.71
N ILE B 12 -26.47 3.17 -3.10
CA ILE B 12 -25.20 3.47 -3.75
C ILE B 12 -24.21 2.32 -3.65
N ARG B 13 -23.61 1.97 -4.78
CA ARG B 13 -22.64 0.89 -4.86
C ARG B 13 -23.11 -0.40 -4.24
N SER B 14 -22.46 -0.86 -3.17
CA SER B 14 -22.83 -2.13 -2.58
C SER B 14 -23.90 -2.01 -1.52
N PHE B 15 -24.38 -0.82 -1.25
CA PHE B 15 -25.39 -0.63 -0.24
C PHE B 15 -26.73 -1.04 -0.79
N ASP B 16 -27.60 -1.53 0.07
CA ASP B 16 -28.90 -2.00 -0.39
C ASP B 16 -29.80 -0.83 -0.74
N SER B 17 -30.59 -1.01 -1.80
CA SER B 17 -31.51 0.03 -2.25
C SER B 17 -32.84 0.00 -1.53
N ASN B 18 -33.05 -0.97 -0.64
CA ASN B 18 -34.27 -1.09 0.14
C ASN B 18 -34.00 -0.95 1.63
N ASP B 19 -32.92 -0.26 1.97
CA ASP B 19 -32.53 -0.07 3.36
C ASP B 19 -31.78 1.26 3.45
N ARG B 20 -31.09 1.49 4.57
CA ARG B 20 -30.38 2.74 4.76
C ARG B 20 -29.38 2.58 5.89
N GLU B 21 -28.12 2.92 5.61
CA GLU B 21 -27.04 2.85 6.57
C GLU B 21 -26.52 4.26 6.84
N THR B 22 -26.32 4.59 8.10
CA THR B 22 -25.89 5.92 8.50
C THR B 22 -24.58 5.84 9.27
N ILE B 23 -23.87 6.96 9.29
CA ILE B 23 -22.61 7.08 10.02
C ILE B 23 -22.50 8.50 10.56
N GLU B 24 -22.12 8.63 11.82
CA GLU B 24 -21.95 9.92 12.47
C GLU B 24 -20.47 10.23 12.59
N PHE B 25 -20.07 11.41 12.13
CA PHE B 25 -18.67 11.81 12.08
C PHE B 25 -18.34 12.61 13.34
N GLY B 26 -17.52 12.04 14.21
CA GLY B 26 -17.17 12.70 15.44
C GLY B 26 -16.02 13.67 15.28
N LYS B 27 -15.72 14.38 16.35
CA LYS B 27 -14.61 15.32 16.37
C LYS B 27 -13.63 14.95 17.47
N PRO B 28 -12.32 15.07 17.22
CA PRO B 28 -11.69 15.49 15.97
C PRO B 28 -11.27 14.32 15.09
N LEU B 29 -11.73 13.10 15.35
CA LEU B 29 -11.24 11.95 14.64
C LEU B 29 -12.39 10.99 14.34
N THR B 30 -12.37 10.41 13.16
CA THR B 30 -13.32 9.37 12.77
C THR B 30 -12.54 8.21 12.18
N LEU B 31 -12.84 6.99 12.61
CA LEU B 31 -12.16 5.80 12.14
C LEU B 31 -13.14 4.88 11.44
N ILE B 32 -12.78 4.39 10.27
CA ILE B 32 -13.63 3.49 9.53
C ILE B 32 -12.74 2.33 9.15
N VAL B 33 -13.11 1.11 9.51
CA VAL B 33 -12.31 -0.06 9.14
C VAL B 33 -13.20 -1.14 8.57
N GLY B 34 -12.62 -2.11 7.91
CA GLY B 34 -13.38 -3.20 7.32
C GLY B 34 -12.49 -4.06 6.46
N MET B 35 -13.09 -4.95 5.69
CA MET B 35 -12.35 -5.85 4.81
C MET B 35 -12.32 -5.27 3.40
N ASN B 36 -11.89 -6.07 2.43
CA ASN B 36 -11.87 -5.63 1.04
C ASN B 36 -13.24 -5.83 0.41
N GLY B 37 -13.75 -4.80 -0.23
CA GLY B 37 -15.09 -4.85 -0.77
C GLY B 37 -16.18 -4.51 0.21
N SER B 38 -15.85 -3.81 1.30
CA SER B 38 -16.84 -3.50 2.31
C SER B 38 -17.70 -2.29 1.93
N GLY B 39 -17.05 -1.18 1.58
CA GLY B 39 -17.79 0.04 1.35
C GLY B 39 -17.14 1.24 2.01
N LYS B 40 -15.89 1.08 2.43
CA LYS B 40 -15.19 2.18 3.09
C LYS B 40 -15.01 3.36 2.15
N THR B 41 -14.59 3.12 0.91
CA THR B 41 -14.39 4.21 -0.03
C THR B 41 -15.72 4.73 -0.57
N THR B 42 -16.75 3.88 -0.61
CA THR B 42 -18.06 4.37 -1.03
C THR B 42 -18.57 5.45 -0.09
N ILE B 43 -18.17 5.41 1.18
CA ILE B 43 -18.57 6.45 2.12
C ILE B 43 -17.99 7.80 1.69
N ILE B 44 -16.70 7.81 1.32
CA ILE B 44 -16.08 9.05 0.86
C ILE B 44 -16.65 9.48 -0.48
N GLU B 45 -16.95 8.52 -1.36
CA GLU B 45 -17.58 8.86 -2.64
C GLU B 45 -18.92 9.53 -2.43
N CYS B 46 -19.72 9.02 -1.50
CA CYS B 46 -21.01 9.63 -1.21
C CYS B 46 -20.88 10.97 -0.50
N LEU B 47 -19.87 11.14 0.36
CA LEU B 47 -19.62 12.46 0.94
C LEU B 47 -19.27 13.48 -0.12
N LYS B 48 -18.38 13.11 -1.04
CA LYS B 48 -18.01 14.01 -2.12
C LYS B 48 -19.18 14.32 -3.04
N TYR B 49 -20.03 13.32 -3.30
CA TYR B 49 -21.22 13.57 -4.10
C TYR B 49 -22.22 14.44 -3.35
N ALA B 50 -22.33 14.30 -2.04
CA ALA B 50 -23.24 15.16 -1.28
C ALA B 50 -22.78 16.60 -1.31
N THR B 51 -21.48 16.83 -1.13
CA THR B 51 -21.01 18.22 -1.04
C THR B 51 -20.86 18.85 -2.42
N THR B 52 -20.05 18.26 -3.29
CA THR B 52 -19.82 18.86 -4.61
C THR B 52 -20.92 18.49 -5.58
N GLY B 53 -21.14 17.19 -5.79
CA GLY B 53 -22.18 16.74 -6.69
C GLY B 53 -21.69 16.09 -7.95
N ASP B 54 -20.58 15.35 -7.87
CA ASP B 54 -20.01 14.66 -9.02
C ASP B 54 -19.72 13.20 -8.69
N LEU B 55 -19.97 12.34 -9.66
CA LEU B 55 -19.82 10.91 -9.48
C LEU B 55 -18.35 10.51 -9.42
N PRO B 56 -18.05 9.32 -8.91
CA PRO B 56 -16.66 8.84 -8.92
C PRO B 56 -16.13 8.67 -10.33
N PRO B 57 -14.81 8.65 -10.50
CA PRO B 57 -14.24 8.45 -11.84
C PRO B 57 -14.62 7.10 -12.43
N ASN B 58 -14.82 7.10 -13.75
CA ASN B 58 -15.14 5.89 -14.51
C ASN B 58 -16.43 5.26 -14.00
N SER B 59 -17.52 6.02 -14.14
CA SER B 59 -18.84 5.60 -13.70
C SER B 59 -19.88 5.96 -14.75
N LYS B 60 -19.56 5.70 -16.02
CA LYS B 60 -20.40 6.11 -17.13
C LYS B 60 -21.51 5.13 -17.46
N GLY B 61 -21.52 3.95 -16.84
CA GLY B 61 -22.60 3.01 -17.08
C GLY B 61 -23.67 3.09 -16.01
N GLY B 62 -23.70 4.18 -15.26
CA GLY B 62 -24.52 4.24 -14.07
C GLY B 62 -24.10 3.23 -13.03
N VAL B 63 -22.80 3.06 -12.83
CA VAL B 63 -22.26 2.02 -11.95
C VAL B 63 -22.05 2.58 -10.55
N PHE B 64 -22.47 3.82 -10.33
CA PHE B 64 -22.54 4.39 -9.00
C PHE B 64 -23.82 3.99 -8.28
N ILE B 65 -24.71 3.27 -8.94
CA ILE B 65 -25.97 2.83 -8.38
C ILE B 65 -25.90 1.32 -8.22
N HIS B 66 -26.59 0.81 -7.20
CA HIS B 66 -26.68 -0.63 -6.97
C HIS B 66 -27.23 -1.32 -8.21
N ASP B 67 -26.41 -2.13 -8.87
CA ASP B 67 -26.71 -2.59 -10.21
C ASP B 67 -27.99 -3.42 -10.23
N PRO B 68 -28.93 -3.12 -11.13
CA PRO B 68 -30.19 -3.88 -11.16
C PRO B 68 -30.06 -5.26 -11.77
N LYS B 69 -28.93 -5.56 -12.41
CA LYS B 69 -28.74 -6.86 -13.04
C LYS B 69 -28.64 -7.99 -12.03
N ILE B 70 -28.29 -7.70 -10.78
CA ILE B 70 -28.21 -8.72 -9.75
C ILE B 70 -29.43 -8.72 -8.83
N THR B 71 -30.17 -7.62 -8.75
CA THR B 71 -31.37 -7.55 -7.94
C THR B 71 -32.62 -7.96 -8.70
N GLY B 72 -32.69 -7.63 -9.99
CA GLY B 72 -33.81 -8.04 -10.82
C GLY B 72 -34.97 -7.07 -10.87
N GLU B 73 -34.78 -5.82 -10.47
CA GLU B 73 -35.83 -4.81 -10.53
C GLU B 73 -35.47 -3.77 -11.57
N LYS B 74 -36.48 -3.27 -12.28
CA LYS B 74 -36.24 -2.35 -13.38
C LYS B 74 -35.93 -0.94 -12.87
N ASP B 75 -36.87 -0.33 -12.16
CA ASP B 75 -36.71 1.02 -11.65
C ASP B 75 -36.08 0.95 -10.26
N ILE B 76 -34.88 1.51 -10.14
CA ILE B 76 -34.15 1.54 -8.88
C ILE B 76 -33.71 2.97 -8.59
N ARG B 77 -33.85 3.40 -7.34
CA ARG B 77 -33.55 4.76 -6.94
C ARG B 77 -32.61 4.78 -5.74
N ALA B 78 -31.63 5.67 -5.79
CA ALA B 78 -30.67 5.87 -4.71
C ALA B 78 -30.91 7.21 -4.04
N GLN B 79 -30.22 7.42 -2.91
CA GLN B 79 -30.36 8.66 -2.17
C GLN B 79 -29.18 8.85 -1.24
N VAL B 80 -28.70 10.08 -1.13
CA VAL B 80 -27.59 10.43 -0.26
C VAL B 80 -27.98 11.68 0.52
N LYS B 81 -27.87 11.61 1.84
CA LYS B 81 -28.26 12.71 2.72
C LYS B 81 -27.10 13.06 3.63
N LEU B 82 -26.74 14.33 3.68
CA LEU B 82 -25.69 14.82 4.56
C LEU B 82 -26.26 15.92 5.44
N ALA B 83 -25.95 15.86 6.73
CA ALA B 83 -26.43 16.84 7.70
C ALA B 83 -25.20 17.58 8.22
N PHE B 84 -24.89 18.71 7.59
CA PHE B 84 -23.74 19.51 7.95
C PHE B 84 -24.20 20.80 8.63
N THR B 85 -23.24 21.60 9.07
CA THR B 85 -23.50 22.93 9.59
C THR B 85 -22.71 23.94 8.78
N SER B 86 -23.34 25.07 8.47
CA SER B 86 -22.72 26.08 7.63
C SER B 86 -21.47 26.64 8.31
N ALA B 87 -20.72 27.42 7.52
CA ALA B 87 -19.52 28.07 8.06
C ALA B 87 -19.89 29.06 9.16
N ASN B 88 -20.96 29.80 8.97
CA ASN B 88 -21.46 30.75 9.97
C ASN B 88 -22.54 30.12 10.84
N GLY B 89 -22.26 28.94 11.38
CA GLY B 89 -23.11 28.27 12.34
C GLY B 89 -24.58 28.16 11.99
N LEU B 90 -24.90 27.40 10.96
CA LEU B 90 -26.29 27.16 10.57
C LEU B 90 -26.45 25.70 10.22
N ASN B 91 -27.39 25.03 10.86
CA ASN B 91 -27.60 23.60 10.64
C ASN B 91 -28.41 23.40 9.38
N MET B 92 -27.84 22.69 8.41
CA MET B 92 -28.49 22.46 7.13
C MET B 92 -28.48 20.97 6.82
N ILE B 93 -29.30 20.58 5.85
CA ILE B 93 -29.39 19.20 5.38
C ILE B 93 -29.47 19.21 3.86
N VAL B 94 -28.70 18.34 3.21
CA VAL B 94 -28.72 18.20 1.75
C VAL B 94 -29.15 16.79 1.41
N THR B 95 -29.98 16.67 0.37
CA THR B 95 -30.46 15.38 -0.12
C THR B 95 -30.21 15.31 -1.62
N ARG B 96 -29.85 14.12 -2.10
CA ARG B 96 -29.51 13.92 -3.50
C ARG B 96 -30.18 12.64 -4.00
N ASN B 97 -31.12 12.77 -4.92
CA ASN B 97 -31.88 11.65 -5.45
C ASN B 97 -31.39 11.28 -6.84
N ILE B 98 -31.29 9.97 -7.10
CA ILE B 98 -30.77 9.45 -8.36
C ILE B 98 -31.65 8.29 -8.81
N GLN B 99 -31.89 8.18 -10.11
CA GLN B 99 -32.71 7.12 -10.66
C GLN B 99 -31.96 6.41 -11.78
N LEU B 100 -32.14 5.10 -11.87
CA LEU B 100 -31.53 4.30 -12.93
C LEU B 100 -32.59 3.33 -13.47
N LEU B 101 -33.20 3.70 -14.59
CA LEU B 101 -34.20 2.85 -15.21
C LEU B 101 -33.54 1.79 -16.08
N MET B 102 -34.06 0.57 -16.01
CA MET B 102 -33.63 -0.52 -16.88
C MET B 102 -34.87 -1.09 -17.55
N LYS B 103 -35.28 -0.48 -18.65
CA LYS B 103 -36.44 -0.97 -19.39
C LYS B 103 -36.06 -2.12 -20.32
N LYS B 104 -35.23 -1.83 -21.31
CA LYS B 104 -34.64 -2.81 -22.19
C LYS B 104 -33.18 -3.01 -21.78
N THR B 105 -32.42 -3.72 -22.63
CA THR B 105 -31.00 -3.94 -22.36
C THR B 105 -30.23 -2.64 -22.17
N THR B 106 -30.82 -1.49 -22.48
CA THR B 106 -30.22 -0.20 -22.22
C THR B 106 -30.73 0.36 -20.90
N THR B 107 -29.81 0.85 -20.08
CA THR B 107 -30.13 1.43 -18.78
C THR B 107 -29.94 2.93 -18.85
N THR B 108 -30.93 3.68 -18.38
CA THR B 108 -30.90 5.14 -18.40
C THR B 108 -30.65 5.65 -16.99
N PHE B 109 -29.73 6.60 -16.87
CA PHE B 109 -29.35 7.21 -15.60
C PHE B 109 -29.86 8.64 -15.56
N LYS B 110 -30.41 9.04 -14.41
CA LYS B 110 -31.00 10.37 -14.28
C LYS B 110 -30.85 10.87 -12.86
N THR B 111 -30.69 12.17 -12.71
CA THR B 111 -30.56 12.81 -11.40
C THR B 111 -31.84 13.57 -11.10
N LEU B 112 -32.66 13.04 -10.22
CA LEU B 112 -33.89 13.69 -9.80
C LEU B 112 -33.57 14.91 -8.95
N GLU B 113 -34.61 15.62 -8.55
CA GLU B 113 -34.42 16.83 -7.77
C GLU B 113 -34.06 16.50 -6.32
N GLY B 114 -33.06 17.20 -5.79
CA GLY B 114 -32.70 17.12 -4.39
C GLY B 114 -33.37 18.21 -3.59
N GLN B 115 -32.75 18.54 -2.45
CA GLN B 115 -33.21 19.68 -1.67
C GLN B 115 -32.17 20.06 -0.63
N LEU B 116 -32.06 21.36 -0.36
CA LEU B 116 -31.22 21.88 0.70
C LEU B 116 -32.12 22.65 1.66
N VAL B 117 -32.30 22.11 2.85
CA VAL B 117 -33.07 22.76 3.89
C VAL B 117 -32.09 23.38 4.87
N ALA B 118 -32.54 24.41 5.57
CA ALA B 118 -31.73 25.10 6.56
C ALA B 118 -32.57 25.19 7.83
N ILE B 119 -32.45 24.18 8.69
CA ILE B 119 -33.26 24.15 9.90
C ILE B 119 -32.82 25.27 10.84
N ASN B 120 -33.79 25.98 11.39
CA ASN B 120 -33.51 27.05 12.33
C ASN B 120 -33.34 26.43 13.71
N ASN B 121 -33.27 27.27 14.75
CA ASN B 121 -33.24 26.75 16.11
C ASN B 121 -34.58 26.19 16.54
N SER B 122 -35.65 26.50 15.80
CA SER B 122 -37.00 26.06 16.14
C SER B 122 -37.54 25.05 15.11
N GLY B 123 -36.65 24.32 14.45
CA GLY B 123 -37.08 23.32 13.49
C GLY B 123 -37.84 23.91 12.31
N ASP B 124 -37.37 25.05 11.79
CA ASP B 124 -38.04 25.72 10.68
C ASP B 124 -37.45 25.19 9.38
N ARG B 125 -37.96 24.03 8.95
CA ARG B 125 -37.58 23.43 7.68
C ARG B 125 -37.95 24.36 6.52
N SER B 126 -36.96 24.78 5.74
CA SER B 126 -37.19 25.72 4.63
C SER B 126 -36.29 25.32 3.47
N THR B 127 -36.85 24.61 2.49
CA THR B 127 -36.08 24.18 1.34
C THR B 127 -35.68 25.38 0.50
N LEU B 128 -34.41 25.78 0.59
CA LEU B 128 -33.97 26.99 -0.09
C LEU B 128 -33.42 26.74 -1.49
N SER B 129 -33.26 25.50 -1.90
CA SER B 129 -32.85 25.20 -3.27
C SER B 129 -33.24 23.76 -3.58
N THR B 130 -33.58 23.51 -4.83
CA THR B 130 -34.00 22.18 -5.25
C THR B 130 -33.25 21.66 -6.46
N ARG B 131 -32.88 22.53 -7.39
CA ARG B 131 -32.15 22.09 -8.56
C ARG B 131 -30.75 21.62 -8.17
N SER B 132 -30.38 20.43 -8.65
CA SER B 132 -29.05 19.90 -8.34
C SER B 132 -27.96 20.83 -8.84
N LEU B 133 -28.18 21.49 -9.97
CA LEU B 133 -27.22 22.47 -10.46
C LEU B 133 -27.06 23.61 -9.46
N GLU B 134 -28.16 24.04 -8.85
CA GLU B 134 -28.07 25.02 -7.78
C GLU B 134 -27.36 24.46 -6.55
N LEU B 135 -27.61 23.19 -6.23
CA LEU B 135 -26.99 22.58 -5.07
C LEU B 135 -25.47 22.55 -5.18
N ASP B 136 -24.97 22.21 -6.38
CA ASP B 136 -23.52 22.15 -6.56
C ASP B 136 -22.84 23.50 -6.35
N ALA B 137 -23.59 24.59 -6.41
CA ALA B 137 -23.05 25.90 -6.11
C ALA B 137 -23.38 26.39 -4.72
N GLN B 138 -24.47 25.89 -4.12
CA GLN B 138 -24.86 26.33 -2.79
C GLN B 138 -24.06 25.62 -1.72
N VAL B 139 -24.02 24.29 -1.76
CA VAL B 139 -23.38 23.53 -0.69
C VAL B 139 -21.92 23.92 -0.49
N PRO B 140 -21.07 24.00 -1.53
CA PRO B 140 -19.72 24.51 -1.30
C PRO B 140 -19.68 25.92 -0.76
N LEU B 141 -20.63 26.78 -1.14
CA LEU B 141 -20.64 28.15 -0.62
C LEU B 141 -21.00 28.17 0.86
N TYR B 142 -21.94 27.33 1.28
CA TYR B 142 -22.30 27.27 2.69
C TYR B 142 -21.21 26.60 3.52
N LEU B 143 -20.47 25.66 2.95
CA LEU B 143 -19.37 25.05 3.68
C LEU B 143 -18.22 26.05 3.85
N GLY B 144 -18.03 26.93 2.88
CA GLY B 144 -17.03 27.98 2.98
C GLY B 144 -15.81 27.80 2.11
N VAL B 145 -15.67 26.65 1.43
CA VAL B 145 -14.50 26.38 0.61
C VAL B 145 -14.91 26.29 -0.85
N PRO B 146 -14.00 26.51 -1.80
CA PRO B 146 -14.35 26.33 -3.21
C PRO B 146 -14.62 24.86 -3.52
N LYS B 147 -15.32 24.64 -4.64
CA LYS B 147 -15.71 23.28 -5.00
C LYS B 147 -14.49 22.40 -5.27
N ALA B 148 -13.45 22.98 -5.89
CA ALA B 148 -12.29 22.18 -6.27
C ALA B 148 -11.54 21.66 -5.05
N ILE B 149 -11.64 22.36 -3.92
CA ILE B 149 -11.01 21.87 -2.70
C ILE B 149 -11.67 20.60 -2.21
N LEU B 150 -12.99 20.54 -2.28
CA LEU B 150 -13.71 19.37 -1.79
C LEU B 150 -13.53 18.16 -2.69
N GLU B 151 -13.15 18.36 -3.95
CA GLU B 151 -12.99 17.25 -4.88
C GLU B 151 -11.62 16.60 -4.77
N TYR B 152 -10.57 17.40 -4.75
CA TYR B 152 -9.21 16.89 -4.84
C TYR B 152 -8.49 16.88 -3.51
N VAL B 153 -8.84 17.76 -2.58
CA VAL B 153 -8.09 17.89 -1.34
C VAL B 153 -8.83 17.21 -0.20
N ILE B 154 -10.06 17.64 0.09
CA ILE B 154 -10.76 17.13 1.26
C ILE B 154 -11.23 15.70 1.02
N PHE B 155 -12.23 15.52 0.17
CA PHE B 155 -12.78 14.20 -0.12
C PHE B 155 -12.18 13.63 -1.40
N CYS B 156 -10.86 13.52 -1.42
CA CYS B 156 -10.18 13.02 -2.61
C CYS B 156 -10.42 11.53 -2.77
N HIS B 157 -10.63 11.10 -4.01
CA HIS B 157 -10.83 9.68 -4.27
C HIS B 157 -9.52 8.92 -4.06
N GLN B 158 -9.65 7.62 -3.80
CA GLN B 158 -8.47 6.80 -3.56
C GLN B 158 -7.59 6.71 -4.81
N GLU B 159 -8.21 6.51 -5.98
CA GLU B 159 -7.43 6.35 -7.20
C GLU B 159 -6.80 7.66 -7.67
N ASP B 160 -7.36 8.80 -7.26
CA ASP B 160 -6.82 10.10 -7.60
C ASP B 160 -5.99 10.70 -6.47
N SER B 161 -5.50 9.86 -5.55
CA SER B 161 -4.78 10.37 -4.40
C SER B 161 -3.47 11.02 -4.80
N LEU B 162 -2.74 10.42 -5.73
CA LEU B 162 -1.43 10.93 -6.14
C LEU B 162 -1.55 11.86 -7.34
N TRP B 163 -2.46 12.82 -7.25
CA TRP B 163 -2.63 13.78 -8.34
C TRP B 163 -1.53 14.84 -8.37
N PRO B 164 -0.94 15.28 -7.25
CA PRO B 164 0.13 16.28 -7.34
C PRO B 164 1.35 15.80 -8.14
N LEU B 165 1.42 14.52 -8.47
CA LEU B 165 2.57 14.01 -9.23
C LEU B 165 2.10 13.45 -10.56
N SER B 166 1.25 14.18 -11.25
CA SER B 166 0.74 13.84 -12.56
C SER B 166 1.29 14.82 -13.60
N GLU B 167 0.79 14.70 -14.83
CA GLU B 167 1.33 15.46 -15.95
C GLU B 167 1.12 16.95 -15.74
N PRO B 168 1.99 17.80 -16.30
CA PRO B 168 1.89 19.24 -16.00
C PRO B 168 0.55 19.86 -16.35
N SER B 169 -0.05 19.45 -17.47
CA SER B 169 -1.38 19.97 -17.82
C SER B 169 -2.43 19.49 -16.85
N ASN B 170 -2.39 18.21 -16.47
CA ASN B 170 -3.32 17.68 -15.48
C ASN B 170 -3.14 18.33 -14.10
N LEU B 171 -1.95 18.87 -13.83
CA LEU B 171 -1.66 19.55 -12.58
C LEU B 171 -2.15 20.99 -12.59
N LYS B 172 -1.92 21.70 -13.69
CA LYS B 172 -2.45 23.05 -13.81
C LYS B 172 -3.96 23.04 -13.85
N LYS B 173 -4.57 22.00 -14.41
CA LYS B 173 -6.02 21.96 -14.41
C LYS B 173 -6.51 21.90 -12.98
N LYS B 174 -5.94 21.01 -12.16
CA LYS B 174 -6.40 20.94 -10.78
C LYS B 174 -6.17 22.25 -10.05
N PHE B 175 -4.98 22.85 -10.20
CA PHE B 175 -4.67 24.06 -9.47
C PHE B 175 -5.36 25.30 -10.02
N ASP B 176 -5.96 25.21 -11.20
CA ASP B 176 -6.66 26.36 -11.77
C ASP B 176 -7.94 26.65 -11.03
N GLU B 177 -8.71 25.60 -10.74
CA GLU B 177 -9.98 25.75 -10.04
C GLU B 177 -9.80 25.83 -8.52
N ILE B 178 -8.64 25.43 -8.00
CA ILE B 178 -8.35 25.66 -6.58
C ILE B 178 -8.11 27.14 -6.32
N PHE B 179 -7.41 27.81 -7.23
CA PHE B 179 -7.10 29.22 -7.09
C PHE B 179 -8.20 30.12 -7.62
N GLN B 180 -9.33 29.54 -8.05
CA GLN B 180 -10.47 30.30 -8.58
C GLN B 180 -10.04 31.18 -9.75
N ALA B 181 -9.21 30.61 -10.64
CA ALA B 181 -8.80 31.28 -11.86
C ALA B 181 -9.28 30.53 -13.09
N MET B 182 -10.29 29.67 -12.93
CA MET B 182 -10.80 28.92 -14.07
C MET B 182 -11.61 29.79 -15.02
N LYS B 183 -12.09 30.94 -14.56
CA LYS B 183 -12.89 31.82 -15.41
C LYS B 183 -12.06 32.36 -16.56
N PHE B 184 -10.87 32.88 -16.26
CA PHE B 184 -10.00 33.38 -17.32
C PHE B 184 -9.46 32.25 -18.19
N THR B 185 -9.29 31.05 -17.67
CA THR B 185 -8.94 29.92 -18.51
C THR B 185 -10.07 29.58 -19.47
N LYS B 186 -11.33 29.68 -19.03
CA LYS B 186 -12.45 29.52 -19.93
C LYS B 186 -12.43 30.59 -21.02
N ALA B 187 -12.10 31.83 -20.64
CA ALA B 187 -11.98 32.89 -21.63
C ALA B 187 -10.91 32.58 -22.66
N LEU B 188 -9.77 32.04 -22.20
CA LEU B 188 -8.70 31.66 -23.12
C LEU B 188 -9.13 30.52 -24.04
N ASP B 189 -9.86 29.55 -23.51
CA ASP B 189 -10.39 28.47 -24.34
C ASP B 189 -11.34 29.03 -25.39
N ASN B 190 -12.14 30.03 -25.05
CA ASN B 190 -12.99 30.68 -26.03
C ASN B 190 -12.19 31.44 -27.09
N LEU B 191 -11.15 32.15 -26.69
CA LEU B 191 -10.29 32.88 -27.62
C LEU B 191 -9.46 31.95 -28.49
N LYS B 192 -9.49 30.67 -28.16
CA LYS B 192 -8.82 29.66 -28.96
C LYS B 192 -9.86 29.06 -29.88
N SER B 193 -11.05 28.77 -29.36
CA SER B 193 -12.09 28.19 -30.20
C SER B 193 -12.48 29.12 -31.33
N ILE B 194 -12.56 30.43 -31.13
CA ILE B 194 -12.91 31.27 -32.29
C ILE B 194 -11.81 31.28 -33.34
N LYS B 195 -10.57 31.30 -32.88
CA LYS B 195 -9.39 31.32 -33.74
C LYS B 195 -9.44 30.30 -34.89
N LYS B 196 -9.61 29.03 -34.52
CA LYS B 196 -9.67 27.92 -35.46
C LYS B 196 -10.63 28.22 -36.58
N ASP B 197 -11.87 28.59 -36.21
CA ASP B 197 -12.90 28.91 -37.18
C ASP B 197 -12.37 29.95 -38.16
N MET B 198 -11.83 31.04 -37.60
CA MET B 198 -11.23 32.08 -38.40
C MET B 198 -10.17 31.50 -39.32
N SER B 199 -9.28 30.64 -38.82
CA SER B 199 -8.27 30.01 -39.67
C SER B 199 -8.90 29.31 -40.88
N VAL B 200 -9.97 28.54 -40.63
CA VAL B 200 -10.69 27.84 -41.69
C VAL B 200 -11.14 28.86 -42.73
N ASP B 201 -11.76 29.95 -42.23
CA ASP B 201 -12.21 31.03 -43.09
C ASP B 201 -11.05 31.53 -43.94
N ILE B 202 -9.86 31.77 -43.34
CA ILE B 202 -8.69 32.22 -44.09
C ILE B 202 -8.45 31.29 -45.23
N LYS B 203 -8.42 30.01 -44.96
CA LYS B 203 -8.17 29.03 -46.00
C LYS B 203 -9.13 29.20 -47.15
N LEU B 204 -10.41 29.26 -46.84
CA LEU B 204 -11.46 29.43 -47.86
C LEU B 204 -11.18 30.66 -48.69
N LEU B 205 -10.92 31.75 -47.97
CA LEU B 205 -10.64 33.03 -48.56
C LEU B 205 -9.52 32.88 -49.54
N LYS B 206 -8.41 32.25 -49.14
CA LYS B 206 -7.25 32.06 -49.99
C LYS B 206 -7.67 31.44 -51.30
N GLN B 207 -8.43 30.33 -51.22
CA GLN B 207 -8.87 29.65 -52.46
C GLN B 207 -9.62 30.64 -53.37
N SER B 208 -10.57 31.33 -52.75
CA SER B 208 -11.38 32.32 -53.46
C SER B 208 -10.49 33.35 -54.13
N VAL B 209 -9.52 33.86 -53.37
CA VAL B 209 -8.59 34.86 -53.83
C VAL B 209 -7.88 34.36 -55.06
N GLU B 210 -7.40 33.11 -55.05
CA GLU B 210 -6.73 32.53 -56.22
C GLU B 210 -7.63 32.67 -57.44
N HIS B 211 -8.88 32.22 -57.28
CA HIS B 211 -9.85 32.35 -58.38
C HIS B 211 -9.95 33.80 -58.89
N LEU B 212 -10.08 34.73 -57.93
CA LEU B 212 -10.18 36.15 -58.22
C LEU B 212 -8.98 36.59 -59.04
N LYS B 213 -7.78 36.18 -58.63
CA LYS B 213 -6.55 36.51 -59.32
C LYS B 213 -6.69 36.08 -60.76
N LEU B 214 -7.10 34.84 -61.01
CA LEU B 214 -7.29 34.38 -62.39
C LEU B 214 -8.21 35.32 -63.18
N ASP B 215 -9.35 35.67 -62.57
CA ASP B 215 -10.27 36.56 -63.28
C ASP B 215 -9.63 37.93 -63.58
N LYS B 216 -8.83 38.45 -62.64
CA LYS B 216 -8.13 39.72 -62.78
C LYS B 216 -6.97 39.66 -63.77
N ASP B 217 -6.48 38.44 -64.03
CA ASP B 217 -5.44 38.18 -65.00
C ASP B 217 -6.13 38.29 -66.36
N ARG B 218 -7.39 37.86 -66.40
CA ARG B 218 -8.19 37.93 -67.62
C ARG B 218 -9.00 39.22 -67.64
N SER B 219 -9.98 39.30 -68.54
CA SER B 219 -10.88 40.47 -68.73
C SER B 219 -10.22 41.72 -69.37
N LYS B 220 -9.16 42.24 -68.75
CA LYS B 220 -8.41 43.39 -69.25
C LYS B 220 -7.77 43.08 -70.60
N ALA B 221 -7.31 41.85 -70.78
CA ALA B 221 -6.69 41.40 -72.04
C ALA B 221 -7.70 41.53 -73.20
N MET B 222 -8.95 41.16 -72.92
CA MET B 222 -10.03 41.28 -73.87
C MET B 222 -10.26 42.78 -74.11
N LYS B 223 -10.22 43.56 -73.03
CA LYS B 223 -10.36 45.02 -73.13
C LYS B 223 -9.25 45.68 -73.97
N LEU B 224 -8.02 45.16 -73.87
CA LEU B 224 -6.87 45.56 -74.68
C LEU B 224 -7.00 45.12 -76.15
N ASN B 225 -7.47 43.89 -76.39
CA ASN B 225 -7.73 43.35 -77.74
C ASN B 225 -8.88 44.10 -78.46
N ILE B 226 -9.94 44.46 -77.72
CA ILE B 226 -11.03 45.31 -78.22
C ILE B 226 -10.55 46.71 -78.64
N HIS B 227 -9.69 47.34 -77.83
CA HIS B 227 -9.08 48.64 -78.12
C HIS B 227 -8.15 48.62 -79.35
N GLN B 228 -7.38 47.53 -79.51
CA GLN B 228 -6.52 47.28 -80.67
C GLN B 228 -7.30 47.09 -81.99
N LEU B 229 -8.47 46.42 -81.91
CA LEU B 229 -9.38 46.21 -83.03
C LEU B 229 -10.17 47.47 -83.40
N GLN B 230 -10.55 48.29 -82.39
CA GLN B 230 -11.23 49.57 -82.56
C GLN B 230 -10.37 50.61 -83.30
N THR B 231 -9.11 50.80 -82.86
CA THR B 231 -8.15 51.70 -83.48
C THR B 231 -7.71 51.27 -84.90
N LYS B 232 -7.74 49.96 -85.20
CA LYS B 232 -7.57 49.44 -86.56
C LYS B 232 -8.74 49.78 -87.48
N ILE B 233 -9.98 49.70 -86.97
CA ILE B 233 -11.20 50.10 -87.68
C ILE B 233 -11.25 51.62 -87.95
N ASP B 234 -10.81 52.44 -86.98
CA ASP B 234 -10.66 53.90 -87.11
C ASP B 234 -9.67 54.30 -88.22
N GLN B 235 -8.55 53.56 -88.33
CA GLN B 235 -7.57 53.71 -89.41
C GLN B 235 -8.14 53.37 -90.80
N TYR B 236 -8.98 52.33 -90.90
CA TYR B 236 -9.65 51.92 -92.13
C TYR B 236 -10.79 52.88 -92.55
N ASN B 237 -11.40 53.60 -91.59
CA ASN B 237 -12.37 54.67 -91.84
C ASN B 237 -11.71 55.94 -92.40
N GLU B 238 -10.45 56.22 -91.99
CA GLU B 238 -9.61 57.29 -92.52
C GLU B 238 -9.03 56.98 -93.91
N GLU B 239 -8.97 55.68 -94.29
CA GLU B 239 -8.55 55.18 -95.61
C GLU B 239 -9.82 55.10 -96.44
N GLN B 1089 -15.58 44.18 -87.38
CA GLN B 1089 -16.36 44.70 -86.23
C GLN B 1089 -16.87 43.52 -85.36
N ASN B 1090 -17.23 42.37 -85.96
CA ASN B 1090 -17.82 41.22 -85.27
C ASN B 1090 -16.89 40.55 -84.23
N GLN B 1091 -15.57 40.77 -84.34
CA GLN B 1091 -14.59 40.37 -83.33
C GLN B 1091 -14.72 41.18 -82.03
N ILE B 1092 -14.97 42.49 -82.14
CA ILE B 1092 -15.26 43.38 -81.00
C ILE B 1092 -16.60 43.03 -80.36
N ASP B 1093 -17.64 42.76 -81.17
CA ASP B 1093 -18.99 42.37 -80.73
C ASP B 1093 -19.00 41.07 -79.90
N SER B 1094 -18.20 40.07 -80.33
CA SER B 1094 -18.03 38.80 -79.63
C SER B 1094 -17.29 38.95 -78.29
N LEU B 1095 -16.18 39.72 -78.28
CA LEU B 1095 -15.38 40.01 -77.09
C LEU B 1095 -16.11 40.90 -76.06
N THR B 1096 -16.96 41.83 -76.53
CA THR B 1096 -17.81 42.68 -75.70
C THR B 1096 -18.94 41.89 -75.03
N HIS B 1097 -19.53 40.91 -75.75
CA HIS B 1097 -20.54 40.00 -75.22
C HIS B 1097 -19.98 39.05 -74.15
N GLN B 1098 -18.75 38.55 -74.35
CA GLN B 1098 -17.99 37.75 -73.39
C GLN B 1098 -17.65 38.53 -72.11
N LEU B 1099 -17.27 39.80 -72.24
CA LEU B 1099 -17.03 40.71 -71.11
C LEU B 1099 -18.31 41.06 -70.33
N ARG B 1100 -19.44 41.20 -71.04
CA ARG B 1100 -20.74 41.53 -70.45
C ARG B 1100 -21.39 40.36 -69.70
N THR B 1101 -21.13 39.12 -70.15
CA THR B 1101 -21.73 37.91 -69.60
C THR B 1101 -20.85 37.25 -68.53
N ASP B 1102 -19.54 37.12 -68.81
CA ASP B 1102 -18.60 36.28 -68.05
C ASP B 1102 -17.70 37.08 -67.09
N TYR B 1103 -17.28 38.29 -67.50
CA TYR B 1103 -16.24 39.07 -66.82
C TYR B 1103 -16.74 40.46 -66.35
N LYS B 1104 -18.05 40.56 -66.04
CA LYS B 1104 -18.77 41.82 -65.79
C LYS B 1104 -18.25 42.58 -64.53
N ASP B 1105 -18.67 42.11 -63.34
CA ASP B 1105 -18.44 42.76 -62.04
C ASP B 1105 -17.22 42.11 -61.34
N ILE B 1106 -16.03 42.37 -61.89
CA ILE B 1106 -14.77 41.73 -61.49
C ILE B 1106 -13.82 42.65 -60.71
N GLU B 1107 -13.76 43.94 -61.08
CA GLU B 1107 -12.78 44.91 -60.59
C GLU B 1107 -12.89 45.17 -59.07
N LYS B 1108 -14.10 45.34 -58.55
CA LYS B 1108 -14.29 45.59 -57.14
C LYS B 1108 -14.26 44.33 -56.29
N ASN B 1109 -15.13 43.39 -56.64
CA ASN B 1109 -15.29 42.10 -55.97
C ASN B 1109 -14.01 41.46 -55.45
N TYR B 1110 -13.12 41.12 -56.38
CA TYR B 1110 -11.84 40.51 -56.09
C TYR B 1110 -11.09 41.30 -55.01
N HIS B 1111 -10.99 42.62 -55.22
CA HIS B 1111 -10.31 43.50 -54.28
C HIS B 1111 -10.91 43.32 -52.90
N LYS B 1112 -12.22 43.40 -52.77
CA LYS B 1112 -12.81 43.25 -51.45
C LYS B 1112 -12.52 41.88 -50.86
N GLU B 1113 -12.55 40.82 -51.66
CA GLU B 1113 -12.17 39.50 -51.15
C GLU B 1113 -10.79 39.57 -50.51
N TRP B 1114 -9.84 40.16 -51.25
CA TRP B 1114 -8.47 40.31 -50.78
C TRP B 1114 -8.47 41.01 -49.44
N VAL B 1115 -9.20 42.13 -49.35
CA VAL B 1115 -9.31 42.90 -48.12
C VAL B 1115 -9.77 42.00 -46.99
N GLU B 1116 -10.83 41.22 -47.22
CA GLU B 1116 -11.36 40.30 -46.22
C GLU B 1116 -10.25 39.38 -45.72
N LEU B 1117 -9.50 38.79 -46.67
CA LEU B 1117 -8.39 37.90 -46.31
C LEU B 1117 -7.43 38.62 -45.36
N GLN B 1118 -7.04 39.84 -45.74
CA GLN B 1118 -6.15 40.65 -44.92
C GLN B 1118 -6.71 40.79 -43.51
N THR B 1119 -8.00 41.13 -43.42
CA THR B 1119 -8.68 41.29 -42.14
C THR B 1119 -8.50 40.03 -41.31
N ARG B 1120 -8.77 38.87 -41.92
CA ARG B 1120 -8.60 37.59 -41.23
C ARG B 1120 -7.19 37.47 -40.66
N SER B 1121 -6.20 37.77 -41.50
CA SER B 1121 -4.80 37.72 -41.07
C SER B 1121 -4.59 38.60 -39.84
N PHE B 1122 -5.12 39.82 -39.87
CA PHE B 1122 -5.00 40.76 -38.76
C PHE B 1122 -5.74 40.32 -37.49
N VAL B 1123 -6.78 39.49 -37.65
CA VAL B 1123 -7.51 38.97 -36.52
C VAL B 1123 -6.63 37.88 -35.91
N THR B 1124 -5.88 37.16 -36.74
CA THR B 1124 -5.02 36.13 -36.20
C THR B 1124 -3.99 36.74 -35.25
N ASP B 1125 -3.34 37.82 -35.68
CA ASP B 1125 -2.35 38.49 -34.85
C ASP B 1125 -2.98 39.01 -33.55
N ASP B 1126 -4.07 39.80 -33.64
CA ASP B 1126 -4.77 40.37 -32.48
C ASP B 1126 -5.33 39.37 -31.47
N ILE B 1127 -5.84 38.22 -31.92
CA ILE B 1127 -6.33 37.16 -31.05
C ILE B 1127 -5.18 36.48 -30.28
N ASP B 1128 -4.08 36.16 -30.98
CA ASP B 1128 -2.83 35.66 -30.40
C ASP B 1128 -2.18 36.65 -29.44
N VAL B 1129 -1.91 37.88 -29.83
CA VAL B 1129 -1.23 38.80 -28.91
C VAL B 1129 -1.85 38.96 -27.51
N TYR B 1130 -3.14 39.23 -27.45
CA TYR B 1130 -3.82 39.33 -26.16
C TYR B 1130 -3.83 37.98 -25.46
N SER B 1131 -4.03 36.92 -26.21
CA SER B 1131 -4.07 35.58 -25.62
C SER B 1131 -2.78 35.14 -24.93
N LYS B 1132 -1.62 35.46 -25.51
CA LYS B 1132 -0.35 35.07 -24.91
C LYS B 1132 0.01 35.95 -23.72
N ALA B 1133 -0.83 36.95 -23.48
CA ALA B 1133 -0.69 37.85 -22.35
C ALA B 1133 -1.71 37.57 -21.26
N LEU B 1134 -2.92 37.17 -21.62
CA LEU B 1134 -3.88 36.70 -20.63
C LEU B 1134 -3.49 35.38 -20.00
N ASP B 1135 -2.50 34.68 -20.56
CA ASP B 1135 -1.91 33.51 -19.93
C ASP B 1135 -0.70 33.85 -19.08
N SER B 1136 0.09 34.84 -19.50
CA SER B 1136 1.19 35.33 -18.68
C SER B 1136 0.70 36.04 -17.43
N ALA B 1137 -0.49 36.64 -17.47
CA ALA B 1137 -1.07 37.22 -16.26
C ALA B 1137 -1.85 36.20 -15.44
N ILE B 1138 -2.10 35.00 -15.97
CA ILE B 1138 -2.69 33.93 -15.18
C ILE B 1138 -1.63 33.12 -14.46
N MET B 1139 -0.57 32.67 -15.16
CA MET B 1139 0.48 31.89 -14.53
C MET B 1139 1.39 32.75 -13.65
N LYS B 1140 1.31 34.07 -13.76
CA LYS B 1140 1.91 34.98 -12.79
C LYS B 1140 1.11 35.04 -11.51
N TYR B 1141 -0.15 34.59 -11.55
CA TYR B 1141 -1.00 34.49 -10.39
C TYR B 1141 -0.99 33.11 -9.75
N HIS B 1142 -0.77 32.05 -10.55
CA HIS B 1142 -0.59 30.72 -10.00
C HIS B 1142 0.65 30.62 -9.14
N GLY B 1143 1.75 31.24 -9.56
CA GLY B 1143 2.97 31.26 -8.79
C GLY B 1143 3.02 32.33 -7.72
N LEU B 1144 2.00 33.18 -7.65
CA LEU B 1144 1.91 34.20 -6.62
C LEU B 1144 1.01 33.74 -5.48
N LYS B 1145 -0.11 33.09 -5.81
CA LYS B 1145 -0.97 32.54 -4.78
C LYS B 1145 -0.33 31.35 -4.09
N MET B 1146 0.36 30.49 -4.85
CA MET B 1146 1.04 29.33 -4.28
C MET B 1146 2.41 29.74 -3.75
N GLN B 1147 2.36 30.56 -2.72
CA GLN B 1147 3.56 31.00 -2.02
C GLN B 1147 3.53 30.65 -0.55
N ASP B 1148 2.38 30.84 0.11
CA ASP B 1148 2.18 30.33 1.46
C ASP B 1148 1.84 28.86 1.47
N ILE B 1149 1.50 28.27 0.32
CA ILE B 1149 1.36 26.83 0.22
C ILE B 1149 2.72 26.14 0.25
N ASN B 1150 3.76 26.75 -0.31
CA ASN B 1150 5.09 26.18 -0.25
C ASN B 1150 5.75 26.35 1.10
N ARG B 1151 5.28 27.29 1.92
CA ARG B 1151 5.79 27.45 3.27
C ARG B 1151 5.32 26.34 4.20
N ILE B 1152 4.17 25.73 3.92
CA ILE B 1152 3.62 24.69 4.75
C ILE B 1152 4.03 23.30 4.30
N ILE B 1153 4.22 23.08 3.00
CA ILE B 1153 4.85 21.85 2.55
C ILE B 1153 6.29 21.78 3.04
N ASP B 1154 6.94 22.93 3.18
CA ASP B 1154 8.34 22.96 3.61
C ASP B 1154 8.51 22.62 5.07
N GLU B 1155 7.56 22.99 5.92
CA GLU B 1155 7.66 22.69 7.35
C GLU B 1155 6.91 21.43 7.74
N LEU B 1156 6.11 20.87 6.84
CA LEU B 1156 5.52 19.55 7.04
C LEU B 1156 6.43 18.44 6.58
N TRP B 1157 7.18 18.68 5.53
CA TRP B 1157 8.09 17.70 5.01
C TRP B 1157 9.20 17.47 6.01
N LYS B 1158 9.81 18.54 6.46
CA LYS B 1158 10.92 18.46 7.40
C LYS B 1158 10.57 17.66 8.62
N ARG B 1159 9.38 17.89 9.17
CA ARG B 1159 8.97 17.20 10.38
C ARG B 1159 8.32 15.86 10.17
N THR B 1160 8.23 15.37 8.95
CA THR B 1160 7.59 14.08 8.69
C THR B 1160 8.40 13.05 7.94
N TYR B 1161 9.19 13.47 6.96
CA TYR B 1161 9.99 12.55 6.17
C TYR B 1161 11.19 12.06 6.97
N SER B 1162 11.25 10.74 7.18
CA SER B 1162 12.34 10.11 7.91
C SER B 1162 13.31 9.49 6.90
N GLY B 1163 14.19 10.33 6.37
CA GLY B 1163 15.15 9.88 5.38
C GLY B 1163 16.22 10.93 5.21
N THR B 1164 17.34 10.49 4.65
CA THR B 1164 18.53 11.33 4.57
C THR B 1164 18.75 11.96 3.20
N ASP B 1165 17.93 11.63 2.20
CA ASP B 1165 18.20 12.09 0.84
C ASP B 1165 17.53 13.42 0.53
N ILE B 1166 16.21 13.49 0.63
CA ILE B 1166 15.50 14.69 0.23
C ILE B 1166 15.46 15.68 1.39
N ASP B 1167 15.78 16.94 1.11
CA ASP B 1167 15.75 17.99 2.11
C ASP B 1167 14.39 18.66 2.22
N THR B 1168 13.76 18.98 1.09
CA THR B 1168 12.47 19.63 1.07
C THR B 1168 11.86 19.42 -0.32
N ILE B 1169 10.56 19.69 -0.44
CA ILE B 1169 9.90 19.65 -1.73
C ILE B 1169 9.15 20.96 -1.94
N LYS B 1170 8.88 21.24 -3.21
CA LYS B 1170 8.35 22.53 -3.62
C LYS B 1170 7.55 22.34 -4.90
N ILE B 1171 6.62 23.25 -5.14
CA ILE B 1171 5.83 23.25 -6.37
C ILE B 1171 6.19 24.50 -7.17
N ARG B 1172 6.67 24.31 -8.39
CA ARG B 1172 7.09 25.40 -9.23
C ARG B 1172 6.21 25.47 -10.47
N SER B 1173 5.76 26.67 -10.80
CA SER B 1173 4.85 26.92 -11.91
C SER B 1173 5.47 27.97 -12.82
N ASP B 1174 6.29 27.51 -13.75
CA ASP B 1174 7.03 28.39 -14.64
C ASP B 1174 6.58 28.20 -16.09
N GLU B 1175 6.74 29.24 -16.88
CA GLU B 1175 6.49 29.15 -18.31
C GLU B 1175 7.62 28.38 -18.99
N VAL B 1176 7.37 27.98 -20.23
CA VAL B 1176 8.34 27.20 -20.98
C VAL B 1176 8.97 28.05 -22.08
N VAL B 1180 11.41 24.79 -25.55
CA VAL B 1180 10.65 23.57 -25.76
C VAL B 1180 9.31 23.89 -26.41
N LYS B 1181 8.76 22.92 -27.14
CA LYS B 1181 7.47 23.07 -27.79
C LYS B 1181 6.67 21.78 -27.72
N GLY B 1182 5.68 21.72 -26.85
CA GLY B 1182 4.88 20.52 -26.69
C GLY B 1182 4.69 20.12 -25.24
N LYS B 1183 5.15 20.97 -24.33
CA LYS B 1183 5.05 20.72 -22.89
C LYS B 1183 4.00 21.62 -22.24
N SER B 1184 3.39 22.52 -23.02
CA SER B 1184 2.48 23.53 -22.49
C SER B 1184 3.14 24.30 -21.35
N TYR B 1185 2.86 23.91 -20.12
CA TYR B 1185 3.38 24.58 -18.94
C TYR B 1185 4.34 23.67 -18.19
N ASN B 1186 5.29 24.30 -17.49
CA ASN B 1186 6.20 23.58 -16.62
C ASN B 1186 5.64 23.68 -15.20
N TYR B 1187 4.65 22.84 -14.93
CA TYR B 1187 3.96 22.80 -13.65
C TYR B 1187 4.26 21.45 -13.02
N ARG B 1188 5.15 21.43 -12.04
CA ARG B 1188 5.59 20.18 -11.44
C ARG B 1188 6.12 20.45 -10.05
N VAL B 1189 6.21 19.39 -9.26
CA VAL B 1189 6.74 19.44 -7.91
C VAL B 1189 8.19 18.96 -7.95
N VAL B 1190 9.08 19.77 -7.40
CA VAL B 1190 10.50 19.47 -7.41
C VAL B 1190 10.95 19.08 -6.01
N MET B 1191 12.08 18.38 -5.94
CA MET B 1191 12.69 17.97 -4.69
C MET B 1191 14.12 18.47 -4.64
N TYR B 1192 14.55 18.89 -3.46
CA TYR B 1192 15.89 19.43 -3.24
C TYR B 1192 16.72 18.40 -2.49
N LYS B 1193 17.53 17.64 -3.23
CA LYS B 1193 18.42 16.66 -2.61
C LYS B 1193 19.76 17.35 -2.38
N GLN B 1194 19.91 17.91 -1.18
CA GLN B 1194 21.14 18.60 -0.78
C GLN B 1194 21.38 19.83 -1.67
N ASP B 1195 20.42 20.76 -1.58
CA ASP B 1195 20.42 22.06 -2.27
C ASP B 1195 20.67 21.95 -3.78
N VAL B 1196 20.33 20.82 -4.39
CA VAL B 1196 20.24 20.71 -5.85
C VAL B 1196 18.81 20.33 -6.21
N GLU B 1197 18.24 21.03 -7.19
CA GLU B 1197 16.82 20.92 -7.49
C GLU B 1197 16.59 19.89 -8.58
N LEU B 1198 15.72 18.91 -8.29
CA LEU B 1198 15.38 17.85 -9.23
C LEU B 1198 13.88 17.67 -9.27
N ASP B 1199 13.34 17.44 -10.47
CA ASP B 1199 11.91 17.20 -10.60
C ASP B 1199 11.57 15.85 -9.98
N MET B 1200 10.53 15.82 -9.16
CA MET B 1200 10.22 14.63 -8.39
C MET B 1200 9.55 13.53 -9.21
N ARG B 1201 8.98 13.87 -10.36
CA ARG B 1201 8.21 12.93 -11.14
C ARG B 1201 9.15 12.17 -12.09
N GLY B 1202 9.18 10.85 -11.93
CA GLY B 1202 10.04 10.00 -12.73
C GLY B 1202 11.27 9.50 -12.02
N ARG B 1203 11.65 10.12 -10.91
CA ARG B 1203 12.82 9.70 -10.13
C ARG B 1203 12.50 9.71 -8.65
N CYS B 1204 11.34 9.17 -8.30
CA CYS B 1204 10.95 9.03 -6.90
C CYS B 1204 10.33 7.66 -6.71
N SER B 1205 10.47 7.13 -5.49
CA SER B 1205 9.95 5.82 -5.19
C SER B 1205 8.45 5.87 -4.96
N ALA B 1206 7.85 4.70 -4.82
CA ALA B 1206 6.40 4.61 -4.62
C ALA B 1206 5.96 5.16 -3.27
N GLY B 1207 6.84 5.18 -2.28
CA GLY B 1207 6.48 5.70 -0.97
C GLY B 1207 6.70 7.19 -0.84
N GLN B 1208 7.74 7.70 -1.49
CA GLN B 1208 8.01 9.12 -1.46
C GLN B 1208 6.94 9.91 -2.20
N LYS B 1209 6.45 9.38 -3.32
CA LYS B 1209 5.38 10.05 -4.05
C LYS B 1209 4.03 9.91 -3.36
N VAL B 1210 3.90 8.99 -2.41
CA VAL B 1210 2.70 8.93 -1.57
C VAL B 1210 2.80 9.95 -0.45
N LEU B 1211 3.95 10.01 0.22
CA LEU B 1211 4.11 10.98 1.30
C LEU B 1211 4.02 12.40 0.78
N ALA B 1212 4.61 12.67 -0.39
CA ALA B 1212 4.52 14.02 -0.96
C ALA B 1212 3.07 14.39 -1.25
N SER B 1213 2.31 13.45 -1.80
CA SER B 1213 0.90 13.73 -2.09
C SER B 1213 0.11 14.02 -0.83
N ILE B 1214 0.30 13.21 0.21
CA ILE B 1214 -0.42 13.42 1.46
C ILE B 1214 -0.06 14.76 2.05
N ILE B 1215 1.24 15.10 2.06
CA ILE B 1215 1.68 16.36 2.64
C ILE B 1215 1.14 17.55 1.85
N ILE B 1216 1.13 17.44 0.52
CA ILE B 1216 0.61 18.54 -0.30
C ILE B 1216 -0.88 18.74 -0.04
N ARG B 1217 -1.65 17.64 0.06
CA ARG B 1217 -3.07 17.78 0.38
C ARG B 1217 -3.27 18.39 1.77
N LEU B 1218 -2.45 18.00 2.74
CA LEU B 1218 -2.57 18.58 4.08
C LEU B 1218 -2.25 20.06 4.07
N ALA B 1219 -1.24 20.47 3.32
CA ALA B 1219 -0.89 21.89 3.24
C ALA B 1219 -1.93 22.68 2.47
N LEU B 1220 -2.61 22.05 1.51
CA LEU B 1220 -3.70 22.72 0.82
C LEU B 1220 -4.91 22.88 1.72
N SER B 1221 -5.20 21.87 2.53
CA SER B 1221 -6.32 21.96 3.48
C SER B 1221 -5.87 22.57 4.79
N GLU B 1222 -5.13 23.67 4.67
CA GLU B 1222 -4.83 24.58 5.77
C GLU B 1222 -4.91 26.03 5.37
N THR B 1223 -4.74 26.36 4.09
CA THR B 1223 -4.80 27.72 3.58
C THR B 1223 -6.08 27.98 2.80
N PHE B 1224 -6.40 27.13 1.83
CA PHE B 1224 -7.63 27.23 1.06
C PHE B 1224 -8.75 26.37 1.63
N GLY B 1225 -8.52 25.75 2.78
CA GLY B 1225 -9.56 25.02 3.47
C GLY B 1225 -9.65 25.41 4.92
N ALA B 1226 -9.39 26.68 5.22
CA ALA B 1226 -9.45 27.16 6.59
C ALA B 1226 -10.87 27.43 7.06
N ASN B 1227 -11.84 27.53 6.15
CA ASN B 1227 -13.23 27.74 6.52
C ASN B 1227 -13.99 26.43 6.70
N CYS B 1228 -13.40 25.30 6.32
CA CYS B 1228 -14.03 23.99 6.45
C CYS B 1228 -12.94 23.03 6.90
N GLY B 1229 -12.89 22.76 8.20
CA GLY B 1229 -11.84 21.92 8.76
C GLY B 1229 -12.14 20.44 8.67
N VAL B 1230 -12.23 19.91 7.46
CA VAL B 1230 -12.44 18.49 7.24
C VAL B 1230 -11.33 17.99 6.32
N ILE B 1231 -10.90 16.75 6.53
CA ILE B 1231 -9.93 16.13 5.63
C ILE B 1231 -10.10 14.62 5.74
N ALA B 1232 -10.33 13.97 4.61
CA ALA B 1232 -10.59 12.54 4.56
C ALA B 1232 -9.37 11.83 3.98
N LEU B 1233 -8.64 11.11 4.83
CA LEU B 1233 -7.49 10.35 4.39
C LEU B 1233 -7.91 8.89 4.21
N ASP B 1234 -7.73 8.38 2.99
CA ASP B 1234 -8.15 7.04 2.64
C ASP B 1234 -6.90 6.20 2.43
N GLN B 1235 -6.64 5.27 3.35
CA GLN B 1235 -5.45 4.44 3.35
C GLN B 1235 -4.20 5.29 3.24
N PRO B 1236 -3.88 6.10 4.25
CA PRO B 1236 -2.69 6.96 4.15
C PRO B 1236 -1.40 6.18 4.00
N THR B 1237 -1.30 5.00 4.61
CA THR B 1237 -0.04 4.28 4.71
C THR B 1237 0.05 3.18 3.66
N THR B 1238 0.08 3.59 2.40
CA THR B 1238 0.33 2.68 1.29
C THR B 1238 1.76 2.88 0.81
N ASN B 1239 2.54 1.80 0.80
CA ASN B 1239 3.95 1.82 0.40
C ASN B 1239 4.82 2.64 1.34
N LEU B 1240 4.37 2.89 2.55
CA LEU B 1240 5.16 3.61 3.55
C LEU B 1240 5.77 2.61 4.52
N ASP B 1241 7.06 2.76 4.78
CA ASP B 1241 7.75 1.83 5.67
C ASP B 1241 7.45 2.16 7.12
N GLU B 1242 8.13 1.45 8.03
CA GLU B 1242 7.87 1.60 9.46
C GLU B 1242 8.10 3.04 9.91
N GLU B 1243 9.27 3.60 9.58
CA GLU B 1243 9.61 4.93 10.04
C GLU B 1243 8.64 5.98 9.52
N ASN B 1244 8.27 5.90 8.25
CA ASN B 1244 7.35 6.87 7.67
C ASN B 1244 5.93 6.71 8.20
N ILE B 1245 5.50 5.48 8.47
CA ILE B 1245 4.19 5.29 9.10
C ILE B 1245 4.17 5.95 10.48
N GLU B 1246 5.21 5.72 11.27
CA GLU B 1246 5.26 6.30 12.61
C GLU B 1246 5.32 7.82 12.54
N SER B 1247 6.16 8.38 11.67
CA SER B 1247 6.28 9.84 11.61
C SER B 1247 5.03 10.49 11.05
N LEU B 1248 4.35 9.84 10.11
CA LEU B 1248 3.08 10.36 9.62
C LEU B 1248 2.04 10.36 10.73
N ALA B 1249 2.01 9.31 11.56
CA ALA B 1249 1.07 9.30 12.68
C ALA B 1249 1.36 10.43 13.65
N LYS B 1250 2.63 10.63 13.99
CA LYS B 1250 2.99 11.72 14.89
C LYS B 1250 2.60 13.08 14.30
N SER B 1251 2.82 13.24 12.99
CA SER B 1251 2.51 14.51 12.34
C SER B 1251 1.01 14.77 12.31
N LEU B 1252 0.22 13.73 12.08
CA LEU B 1252 -1.23 13.89 12.15
C LEU B 1252 -1.69 14.24 13.56
N HIS B 1253 -1.07 13.63 14.56
CA HIS B 1253 -1.38 13.98 15.95
C HIS B 1253 -1.07 15.46 16.21
N ASN B 1254 0.09 15.93 15.73
CA ASN B 1254 0.45 17.33 15.90
C ASN B 1254 -0.53 18.24 15.17
N ILE B 1255 -0.96 17.86 13.97
CA ILE B 1255 -1.92 18.66 13.23
C ILE B 1255 -3.25 18.73 13.97
N ILE B 1256 -3.70 17.60 14.51
CA ILE B 1256 -4.96 17.60 15.25
C ILE B 1256 -4.88 18.53 16.45
N ASN B 1257 -3.76 18.47 17.18
CA ASN B 1257 -3.60 19.36 18.33
C ASN B 1257 -3.55 20.82 17.90
N MET B 1258 -2.81 21.12 16.83
CA MET B 1258 -2.59 22.52 16.45
C MET B 1258 -3.83 23.15 15.87
N ARG B 1259 -4.54 22.44 14.99
CA ARG B 1259 -5.66 23.02 14.26
C ARG B 1259 -6.96 23.00 15.06
N ARG B 1260 -6.96 22.43 16.27
CA ARG B 1260 -8.17 22.36 17.06
C ARG B 1260 -8.21 23.40 18.20
N HIS B 1261 -7.10 24.07 18.49
CA HIS B 1261 -7.18 25.27 19.32
C HIS B 1261 -8.08 26.31 18.68
N GLN B 1262 -8.12 26.32 17.35
CA GLN B 1262 -9.07 27.11 16.57
C GLN B 1262 -10.42 26.42 16.56
N LYS B 1263 -11.28 26.81 15.63
CA LYS B 1263 -12.63 26.28 15.56
C LYS B 1263 -12.59 24.86 15.00
N ASN B 1264 -13.76 24.36 14.58
CA ASN B 1264 -13.96 22.95 14.29
C ASN B 1264 -12.88 22.37 13.39
N PHE B 1265 -12.57 21.09 13.62
CA PHE B 1265 -11.65 20.33 12.80
C PHE B 1265 -11.99 18.86 12.90
N GLN B 1266 -12.10 18.18 11.76
CA GLN B 1266 -12.40 16.77 11.70
C GLN B 1266 -11.42 16.07 10.77
N LEU B 1267 -11.13 14.81 11.07
CA LEU B 1267 -10.15 14.04 10.29
C LEU B 1267 -10.67 12.61 10.18
N ILE B 1268 -11.22 12.28 9.02
CA ILE B 1268 -11.65 10.91 8.76
C ILE B 1268 -10.45 10.11 8.29
N VAL B 1269 -10.25 8.94 8.88
CA VAL B 1269 -9.16 8.05 8.52
C VAL B 1269 -9.77 6.70 8.18
N ILE B 1270 -9.53 6.23 6.96
CA ILE B 1270 -9.90 4.89 6.54
C ILE B 1270 -8.63 4.07 6.42
N THR B 1271 -8.58 2.94 7.10
CA THR B 1271 -7.40 2.10 7.05
C THR B 1271 -7.75 0.71 7.54
N HIS B 1272 -6.88 -0.23 7.23
CA HIS B 1272 -6.86 -1.53 7.92
C HIS B 1272 -5.39 -1.96 8.04
N ASP B 1273 -4.78 -1.57 9.16
CA ASP B 1273 -3.43 -1.98 9.55
C ASP B 1273 -3.20 -1.54 10.99
N GLU B 1274 -2.47 -2.37 11.74
CA GLU B 1274 -2.34 -2.18 13.18
C GLU B 1274 -1.33 -1.10 13.56
N LYS B 1275 -0.25 -0.96 12.80
CA LYS B 1275 0.83 -0.06 13.20
C LYS B 1275 0.38 1.40 13.22
N PHE B 1276 -0.35 1.81 12.19
CA PHE B 1276 -0.83 3.19 12.14
C PHE B 1276 -1.79 3.49 13.28
N LEU B 1277 -2.69 2.54 13.57
CA LEU B 1277 -3.61 2.69 14.68
C LEU B 1277 -2.86 2.82 16.00
N GLY B 1278 -1.84 1.98 16.20
CA GLY B 1278 -1.08 2.04 17.44
C GLY B 1278 -0.31 3.34 17.59
N HIS B 1279 0.32 3.79 16.51
CA HIS B 1279 1.16 4.99 16.61
C HIS B 1279 0.35 6.27 16.68
N MET B 1280 -0.85 6.30 16.11
CA MET B 1280 -1.58 7.56 16.03
C MET B 1280 -2.23 7.95 17.35
N ASN B 1281 -2.30 7.04 18.33
CA ASN B 1281 -3.05 7.23 19.56
C ASN B 1281 -4.52 7.52 19.26
N ALA B 1282 -5.14 6.55 18.58
CA ALA B 1282 -6.53 6.71 18.17
C ALA B 1282 -7.46 6.78 19.38
N ALA B 1283 -7.23 5.91 20.37
CA ALA B 1283 -8.14 5.80 21.50
C ALA B 1283 -8.18 7.05 22.36
N ALA B 1284 -7.22 7.95 22.22
CA ALA B 1284 -7.17 9.18 23.00
C ALA B 1284 -8.06 10.27 22.44
N PHE B 1285 -8.70 10.03 21.30
CA PHE B 1285 -9.56 11.03 20.66
C PHE B 1285 -11.01 10.62 20.61
N THR B 1286 -11.30 9.34 20.43
CA THR B 1286 -12.67 8.85 20.36
C THR B 1286 -12.82 7.64 21.28
N ASP B 1287 -14.06 7.15 21.36
CA ASP B 1287 -14.36 5.94 22.13
C ASP B 1287 -15.01 4.88 21.27
N HIS B 1288 -14.92 5.01 19.95
CA HIS B 1288 -15.60 4.09 19.03
C HIS B 1288 -14.97 4.22 17.66
N PHE B 1289 -15.35 3.30 16.78
CA PHE B 1289 -14.97 3.37 15.38
C PHE B 1289 -16.01 2.62 14.58
N PHE B 1290 -16.32 3.12 13.39
CA PHE B 1290 -17.31 2.48 12.55
C PHE B 1290 -16.67 1.38 11.72
N LYS B 1291 -17.36 0.24 11.62
CA LYS B 1291 -16.86 -0.93 10.94
C LYS B 1291 -17.83 -1.31 9.84
N VAL B 1292 -17.38 -1.26 8.60
CA VAL B 1292 -18.22 -1.60 7.46
C VAL B 1292 -18.07 -3.08 7.15
N LYS B 1293 -19.19 -3.76 6.98
CA LYS B 1293 -19.22 -5.19 6.78
C LYS B 1293 -20.33 -5.52 5.79
N ARG B 1294 -20.20 -6.68 5.13
CA ARG B 1294 -21.23 -7.18 4.25
C ARG B 1294 -21.96 -8.32 4.94
N ASP B 1295 -23.29 -8.26 4.96
CA ASP B 1295 -24.09 -9.25 5.65
C ASP B 1295 -24.25 -10.50 4.77
N ASP B 1296 -25.13 -11.40 5.18
CA ASP B 1296 -25.34 -12.66 4.50
C ASP B 1296 -25.94 -12.50 3.11
N ARG B 1297 -26.43 -11.30 2.77
CA ARG B 1297 -27.04 -11.03 1.48
C ARG B 1297 -26.17 -10.14 0.62
N GLN B 1298 -24.89 -10.01 0.95
CA GLN B 1298 -23.89 -9.22 0.23
C GLN B 1298 -24.16 -7.72 0.27
N LYS B 1299 -25.00 -7.24 1.17
CA LYS B 1299 -25.27 -5.82 1.32
C LYS B 1299 -24.40 -5.24 2.41
N SER B 1300 -23.74 -4.12 2.11
CA SER B 1300 -22.84 -3.51 3.07
C SER B 1300 -23.63 -2.89 4.21
N GLN B 1301 -23.05 -2.96 5.41
CA GLN B 1301 -23.68 -2.41 6.61
C GLN B 1301 -22.61 -1.72 7.45
N ILE B 1302 -23.03 -0.70 8.18
CA ILE B 1302 -22.11 0.10 9.00
C ILE B 1302 -22.50 -0.10 10.46
N GLU B 1303 -21.50 -0.38 11.31
CA GLU B 1303 -21.72 -0.77 12.69
C GLU B 1303 -20.94 0.12 13.63
N TRP B 1304 -21.54 0.41 14.79
CA TRP B 1304 -20.93 1.22 15.85
C TRP B 1304 -20.38 0.27 16.91
N VAL B 1305 -19.05 0.27 17.09
CA VAL B 1305 -18.40 -0.68 17.99
C VAL B 1305 -17.49 0.07 18.95
N ASP B 1306 -17.00 -0.66 19.95
CA ASP B 1306 -16.15 -0.09 20.99
C ASP B 1306 -14.77 0.23 20.44
N ILE B 1307 -14.09 1.17 21.10
CA ILE B 1307 -12.73 1.52 20.69
C ILE B 1307 -11.75 0.42 21.05
N ASN B 1308 -11.94 -0.22 22.20
CA ASN B 1308 -11.03 -1.26 22.67
C ASN B 1308 -11.35 -2.62 22.06
N ARG B 1309 -12.10 -2.65 20.96
CA ARG B 1309 -12.41 -3.89 20.28
C ARG B 1309 -11.60 -4.13 19.02
N VAL B 1310 -10.80 -3.14 18.59
CA VAL B 1310 -9.88 -3.34 17.47
C VAL B 1310 -8.63 -4.00 18.03
N THR B 1311 -8.49 -5.30 17.81
CA THR B 1311 -7.40 -6.09 18.39
C THR B 1311 -6.03 -5.51 18.04
N MET C 1 -5.27 -43.05 39.12
CA MET C 1 -4.27 -44.09 38.99
C MET C 1 -3.35 -44.11 40.21
N ASP C 2 -3.09 -45.31 40.73
CA ASP C 2 -2.36 -45.42 41.99
C ASP C 2 -0.92 -44.96 41.84
N TYR C 3 -0.31 -44.64 42.97
CA TYR C 3 1.04 -44.11 42.97
C TYR C 3 2.00 -45.10 42.32
N PRO C 4 3.01 -44.64 41.58
CA PRO C 4 3.99 -45.54 40.98
C PRO C 4 4.78 -46.30 42.04
N ASP C 5 5.44 -47.37 41.61
CA ASP C 5 6.42 -48.02 42.46
C ASP C 5 7.56 -47.04 42.76
N PRO C 6 8.13 -47.05 43.98
CA PRO C 6 9.28 -46.19 44.28
C PRO C 6 10.46 -46.33 43.33
N ASP C 7 10.53 -47.43 42.58
CA ASP C 7 11.58 -47.63 41.58
C ASP C 7 11.03 -47.45 40.17
N THR C 8 9.92 -46.73 40.03
CA THR C 8 9.26 -46.57 38.73
C THR C 8 9.10 -45.09 38.44
N ILE C 9 9.67 -44.64 37.32
CA ILE C 9 9.53 -43.26 36.89
C ILE C 9 8.41 -43.19 35.86
N ARG C 10 7.35 -42.46 36.20
CA ARG C 10 6.17 -42.33 35.34
C ARG C 10 6.16 -40.92 34.75
N ILE C 11 6.12 -40.84 33.42
CA ILE C 11 6.19 -39.56 32.73
C ILE C 11 5.02 -39.44 31.76
N LEU C 12 4.45 -38.25 31.67
CA LEU C 12 3.39 -37.96 30.71
C LEU C 12 4.00 -37.28 29.50
N ILE C 13 3.62 -37.73 28.32
CA ILE C 13 4.22 -37.28 27.06
C ILE C 13 3.17 -36.53 26.28
N THR C 14 3.43 -35.26 25.99
CA THR C 14 2.55 -34.44 25.17
C THR C 14 3.40 -33.64 24.21
N THR C 15 2.79 -33.20 23.12
CA THR C 15 3.49 -32.42 22.14
C THR C 15 2.49 -31.72 21.25
N ASP C 16 2.96 -30.67 20.57
CA ASP C 16 2.19 -29.98 19.55
C ASP C 16 0.86 -29.46 20.08
N ASN C 17 0.90 -28.87 21.28
CA ASN C 17 -0.31 -28.31 21.87
C ASN C 17 -0.81 -27.13 21.04
N HIS C 18 0.09 -26.32 20.53
CA HIS C 18 -0.26 -25.18 19.68
C HIS C 18 -1.23 -24.24 20.37
N VAL C 19 -0.92 -23.89 21.62
CA VAL C 19 -1.75 -22.93 22.34
C VAL C 19 -1.70 -21.60 21.60
N GLY C 20 -2.86 -21.01 21.38
CA GLY C 20 -2.97 -19.80 20.62
C GLY C 20 -3.42 -19.98 19.18
N TYR C 21 -3.80 -21.18 18.80
CA TYR C 21 -4.32 -21.43 17.46
C TYR C 21 -5.77 -20.97 17.38
N ASN C 22 -6.09 -20.15 16.39
CA ASN C 22 -7.43 -19.63 16.19
C ASN C 22 -7.93 -18.91 17.45
N GLU C 23 -7.10 -18.01 17.97
CA GLU C 23 -7.43 -17.34 19.22
C GLU C 23 -8.69 -16.52 19.10
N ASN C 24 -8.87 -15.83 17.98
CA ASN C 24 -9.96 -14.88 17.81
C ASN C 24 -11.22 -15.51 17.21
N ASP C 25 -11.22 -16.82 17.02
CA ASP C 25 -12.41 -17.47 16.48
C ASP C 25 -13.55 -17.37 17.48
N PRO C 26 -14.74 -16.95 17.07
CA PRO C 26 -15.85 -16.82 18.03
C PRO C 26 -16.29 -18.14 18.64
N ILE C 27 -16.12 -19.26 17.94
CA ILE C 27 -16.57 -20.55 18.46
C ILE C 27 -15.40 -21.36 18.99
N THR C 28 -14.49 -21.75 18.11
CA THR C 28 -13.33 -22.55 18.49
C THR C 28 -12.14 -21.62 18.76
N GLY C 29 -12.29 -20.80 19.78
CA GLY C 29 -11.26 -19.84 20.10
C GLY C 29 -10.45 -20.24 21.32
N ASP C 30 -11.06 -21.01 22.21
CA ASP C 30 -10.38 -21.45 23.40
C ASP C 30 -10.02 -22.91 23.32
N ASP C 31 -10.35 -23.53 22.21
CA ASP C 31 -10.08 -24.94 22.01
C ASP C 31 -8.68 -25.43 22.34
N SER C 32 -7.66 -24.69 21.92
CA SER C 32 -6.28 -25.06 22.21
C SER C 32 -5.82 -24.99 23.64
N TRP C 33 -6.16 -23.92 24.34
CA TRP C 33 -5.80 -23.81 25.75
C TRP C 33 -6.55 -24.74 26.68
N LYS C 34 -7.82 -24.98 26.39
CA LYS C 34 -8.63 -25.87 27.19
C LYS C 34 -8.13 -27.27 27.14
N THR C 35 -7.68 -27.70 25.97
CA THR C 35 -7.11 -29.02 25.80
C THR C 35 -5.80 -29.18 26.53
N PHE C 36 -5.02 -28.10 26.62
CA PHE C 36 -3.75 -28.12 27.33
C PHE C 36 -3.98 -28.19 28.81
N HIS C 37 -5.02 -27.53 29.30
CA HIS C 37 -5.33 -27.60 30.71
C HIS C 37 -5.76 -29.00 31.03
N GLU C 38 -6.53 -29.63 30.16
CA GLU C 38 -6.92 -31.01 30.41
C GLU C 38 -5.72 -31.93 30.43
N VAL C 39 -4.75 -31.71 29.52
CA VAL C 39 -3.54 -32.52 29.51
C VAL C 39 -2.77 -32.34 30.82
N MET C 40 -2.63 -31.10 31.29
CA MET C 40 -1.87 -30.84 32.50
C MET C 40 -2.66 -31.14 33.77
N MET C 41 -3.95 -31.43 33.65
CA MET C 41 -4.72 -31.96 34.77
C MET C 41 -4.78 -33.48 34.77
N LEU C 42 -4.61 -34.11 33.61
CA LEU C 42 -4.46 -35.55 33.50
C LEU C 42 -3.10 -36.02 33.97
N ALA C 43 -2.27 -35.09 34.43
CA ALA C 43 -1.00 -35.38 35.07
C ALA C 43 -1.00 -35.09 36.56
N LYS C 44 -1.71 -34.05 36.99
CA LYS C 44 -1.78 -33.72 38.41
C LYS C 44 -2.44 -34.84 39.20
N ASN C 45 -3.55 -35.38 38.70
CA ASN C 45 -4.28 -36.43 39.39
C ASN C 45 -3.97 -37.81 38.84
N ASN C 46 -2.95 -37.93 37.99
CA ASN C 46 -2.42 -39.22 37.60
C ASN C 46 -1.12 -39.54 38.29
N ASN C 47 -0.60 -38.63 39.12
CA ASN C 47 0.58 -38.86 39.95
C ASN C 47 1.81 -39.17 39.10
N VAL C 48 1.97 -38.45 38.00
CA VAL C 48 3.15 -38.60 37.17
C VAL C 48 4.32 -37.90 37.84
N ASP C 49 5.51 -38.48 37.72
CA ASP C 49 6.70 -37.86 38.32
C ASP C 49 7.08 -36.58 37.60
N MET C 50 7.02 -36.59 36.27
CA MET C 50 7.33 -35.41 35.47
C MET C 50 6.67 -35.58 34.11
N VAL C 51 6.58 -34.49 33.36
CA VAL C 51 6.05 -34.54 32.01
C VAL C 51 7.08 -33.94 31.06
N VAL C 52 7.10 -34.45 29.83
CA VAL C 52 7.98 -33.94 28.79
C VAL C 52 7.12 -33.44 27.63
N GLN C 53 7.52 -32.31 27.06
CA GLN C 53 6.75 -31.65 26.01
C GLN C 53 7.65 -31.48 24.80
N SER C 54 7.33 -32.18 23.71
CA SER C 54 8.20 -32.20 22.54
C SER C 54 7.89 -31.07 21.56
N GLY C 55 7.89 -29.84 22.07
CA GLY C 55 7.86 -28.67 21.22
C GLY C 55 6.47 -28.21 20.85
N ASP C 56 6.42 -27.02 20.26
CA ASP C 56 5.20 -26.39 19.81
C ASP C 56 4.16 -26.32 20.92
N LEU C 57 4.57 -25.72 22.04
CA LEU C 57 3.61 -25.39 23.08
C LEU C 57 2.77 -24.19 22.67
N PHE C 58 3.30 -23.33 21.82
CA PHE C 58 2.59 -22.16 21.34
C PHE C 58 2.50 -22.21 19.82
N HIS C 59 1.41 -21.67 19.28
CA HIS C 59 1.24 -21.67 17.83
C HIS C 59 2.10 -20.61 17.16
N VAL C 60 2.36 -19.50 17.82
CA VAL C 60 3.07 -18.39 17.21
C VAL C 60 4.42 -18.23 17.90
N ASN C 61 5.31 -17.52 17.21
CA ASN C 61 6.64 -17.25 17.75
C ASN C 61 6.57 -16.26 18.92
N LYS C 62 5.63 -15.33 18.87
CA LYS C 62 5.42 -14.36 19.93
C LYS C 62 4.00 -14.56 20.47
N PRO C 63 3.83 -15.33 21.54
CA PRO C 63 2.48 -15.60 22.03
C PRO C 63 1.80 -14.34 22.53
N SER C 64 0.49 -14.32 22.43
CA SER C 64 -0.28 -13.19 22.92
C SER C 64 -0.42 -13.25 24.43
N LYS C 65 -1.06 -12.23 24.97
CA LYS C 65 -1.28 -12.14 26.39
C LYS C 65 -2.20 -13.23 26.86
N LYS C 66 -3.25 -13.53 26.13
CA LYS C 66 -4.17 -14.57 26.58
C LYS C 66 -3.62 -15.97 26.48
N SER C 67 -2.65 -16.18 25.60
CA SER C 67 -2.06 -17.50 25.44
C SER C 67 -1.12 -17.71 26.58
N LEU C 68 -0.26 -16.75 26.82
CA LEU C 68 0.70 -16.82 27.88
C LEU C 68 0.06 -16.89 29.24
N TYR C 69 -1.03 -16.17 29.42
CA TYR C 69 -1.68 -16.15 30.72
C TYR C 69 -2.48 -17.39 30.98
N GLN C 70 -2.90 -18.10 29.96
CA GLN C 70 -3.70 -19.28 30.18
C GLN C 70 -2.86 -20.53 30.27
N VAL C 71 -1.57 -20.37 29.99
CA VAL C 71 -0.60 -21.45 30.08
C VAL C 71 0.11 -21.33 31.41
N LEU C 72 0.07 -20.15 32.02
CA LEU C 72 0.68 -19.91 33.30
C LEU C 72 -0.32 -20.25 34.36
N LYS C 73 -1.60 -20.14 34.02
CA LYS C 73 -2.65 -20.53 34.95
C LYS C 73 -2.68 -22.03 35.18
N THR C 74 -2.53 -22.84 34.12
CA THR C 74 -2.49 -24.28 34.31
C THR C 74 -1.14 -24.76 34.86
N LEU C 75 -0.05 -24.10 34.50
CA LEU C 75 1.25 -24.50 35.06
C LEU C 75 1.37 -24.16 36.52
N ARG C 76 0.61 -23.19 37.03
CA ARG C 76 0.65 -22.84 38.44
C ARG C 76 -0.35 -23.61 39.27
N LEU C 77 -1.45 -24.05 38.69
CA LEU C 77 -2.46 -24.81 39.41
C LEU C 77 -2.25 -26.31 39.35
N CYS C 78 -1.24 -26.78 38.60
CA CYS C 78 -1.00 -28.21 38.46
C CYS C 78 0.41 -28.64 38.82
N CYS C 79 1.40 -27.77 38.73
CA CYS C 79 2.78 -28.10 39.10
C CYS C 79 3.10 -27.73 40.55
N MET C 80 2.64 -26.59 41.03
CA MET C 80 2.93 -26.19 42.39
C MET C 80 2.18 -27.08 43.37
N GLY C 81 2.90 -27.58 44.37
CA GLY C 81 2.31 -28.44 45.36
C GLY C 81 3.25 -28.61 46.54
N ASP C 82 2.84 -29.47 47.47
CA ASP C 82 3.63 -29.72 48.67
C ASP C 82 4.31 -31.08 48.69
N LYS C 83 3.89 -32.02 47.85
CA LYS C 83 4.50 -33.33 47.81
C LYS C 83 5.78 -33.26 47.00
N PRO C 84 6.95 -33.47 47.62
CA PRO C 84 8.21 -33.34 46.88
C PRO C 84 8.37 -34.45 45.86
N CYS C 85 8.94 -34.10 44.71
CA CYS C 85 9.22 -35.10 43.70
C CYS C 85 10.40 -35.97 44.13
N GLU C 86 10.39 -37.21 43.63
CA GLU C 86 11.36 -38.21 44.04
C GLU C 86 12.48 -38.40 43.02
N LEU C 87 12.60 -37.49 42.07
CA LEU C 87 13.66 -37.57 41.07
C LEU C 87 14.88 -36.80 41.57
N GLU C 88 16.01 -37.47 41.64
CA GLU C 88 17.26 -36.82 42.02
C GLU C 88 18.11 -36.62 40.77
N LEU C 89 18.46 -35.36 40.49
CA LEU C 89 19.23 -35.03 39.30
C LEU C 89 20.68 -35.43 39.52
N LEU C 90 21.15 -36.40 38.75
CA LEU C 90 22.50 -36.91 38.94
C LEU C 90 23.55 -36.05 38.25
N SER C 91 23.20 -35.41 37.14
CA SER C 91 24.16 -34.66 36.36
C SER C 91 24.28 -33.24 36.92
N ASP C 92 25.03 -32.39 36.21
CA ASP C 92 25.15 -30.99 36.55
C ASP C 92 24.22 -30.20 35.64
N PRO C 93 23.17 -29.57 36.17
CA PRO C 93 22.21 -28.91 35.28
C PRO C 93 22.77 -27.72 34.53
N SER C 94 23.87 -27.13 34.99
CA SER C 94 24.40 -25.94 34.33
C SER C 94 24.85 -26.24 32.91
N GLN C 95 25.26 -27.47 32.63
CA GLN C 95 25.60 -27.85 31.26
C GLN C 95 24.37 -28.03 30.39
N VAL C 96 23.18 -28.13 30.97
CA VAL C 96 21.95 -28.30 30.22
C VAL C 96 21.11 -27.03 30.17
N PHE C 97 21.24 -26.15 31.16
CA PHE C 97 20.48 -24.90 31.24
C PHE C 97 21.42 -23.71 31.14
N HIS C 98 22.34 -23.75 30.19
CA HIS C 98 23.45 -22.80 30.11
C HIS C 98 23.03 -21.42 29.62
N TYR C 99 21.75 -21.16 29.39
CA TYR C 99 21.35 -19.89 28.79
C TYR C 99 21.51 -18.72 29.77
N ASP C 100 21.15 -18.92 31.03
CA ASP C 100 21.07 -17.83 31.99
C ASP C 100 21.62 -18.30 33.32
N GLU C 101 21.29 -17.55 34.38
CA GLU C 101 21.73 -17.88 35.73
C GLU C 101 20.81 -18.88 36.41
N PHE C 102 19.69 -19.17 35.78
CA PHE C 102 18.79 -20.20 36.30
C PHE C 102 19.27 -21.56 35.77
N THR C 103 20.39 -22.01 36.32
CA THR C 103 21.11 -23.18 35.82
C THR C 103 20.80 -24.45 36.61
N ASN C 104 19.58 -24.59 37.12
CA ASN C 104 19.19 -25.81 37.80
C ASN C 104 17.72 -26.07 37.56
N VAL C 105 17.31 -27.33 37.73
CA VAL C 105 15.92 -27.69 37.52
C VAL C 105 15.04 -26.92 38.50
N ASN C 106 13.79 -26.69 38.09
CA ASN C 106 12.92 -25.81 38.86
C ASN C 106 12.57 -26.39 40.22
N TYR C 107 12.51 -27.72 40.34
CA TYR C 107 12.09 -28.30 41.61
C TYR C 107 13.19 -28.34 42.66
N GLU C 108 14.42 -28.02 42.29
CA GLU C 108 15.49 -27.84 43.26
C GLU C 108 15.55 -26.41 43.79
N ASP C 109 14.81 -25.49 43.21
CA ASP C 109 14.89 -24.10 43.62
C ASP C 109 14.23 -23.94 44.98
N PRO C 110 14.93 -23.41 45.99
CA PRO C 110 14.33 -23.30 47.33
C PRO C 110 13.11 -22.40 47.36
N ASN C 111 13.02 -21.43 46.46
CA ASN C 111 11.93 -20.47 46.49
C ASN C 111 10.65 -21.00 45.87
N PHE C 112 10.68 -22.12 45.16
CA PHE C 112 9.51 -22.69 44.52
C PHE C 112 9.24 -24.08 45.06
N ASN C 113 7.94 -24.37 45.24
CA ASN C 113 7.47 -25.71 45.57
C ASN C 113 6.90 -26.32 44.30
N ILE C 114 7.61 -27.27 43.72
CA ILE C 114 7.22 -27.92 42.48
C ILE C 114 7.03 -29.41 42.76
N SER C 115 5.84 -29.93 42.46
CA SER C 115 5.59 -31.36 42.60
C SER C 115 5.68 -32.11 41.29
N ILE C 116 5.53 -31.42 40.16
CA ILE C 116 5.62 -32.03 38.84
C ILE C 116 6.47 -31.13 37.95
N PRO C 117 7.73 -31.45 37.70
CA PRO C 117 8.54 -30.61 36.81
C PRO C 117 8.24 -30.91 35.34
N VAL C 118 7.98 -29.86 34.58
CA VAL C 118 7.65 -29.96 33.16
C VAL C 118 8.90 -29.63 32.36
N PHE C 119 9.37 -30.57 31.55
CA PHE C 119 10.53 -30.39 30.69
C PHE C 119 10.07 -30.26 29.25
N GLY C 120 10.58 -29.27 28.54
CA GLY C 120 10.12 -29.02 27.19
C GLY C 120 11.23 -28.52 26.29
N ILE C 121 11.08 -28.81 25.00
CA ILE C 121 11.99 -28.31 23.98
C ILE C 121 11.22 -27.34 23.09
N SER C 122 11.95 -26.67 22.21
CA SER C 122 11.34 -25.72 21.28
C SER C 122 10.93 -26.42 20.00
N GLY C 123 9.96 -25.82 19.31
CA GLY C 123 9.47 -26.36 18.07
C GLY C 123 9.73 -25.46 16.88
N ASN C 124 9.13 -25.78 15.75
CA ASN C 124 9.34 -24.98 14.55
C ASN C 124 8.45 -23.75 14.50
N HIS C 125 7.53 -23.58 15.45
CA HIS C 125 6.67 -22.40 15.52
C HIS C 125 7.05 -21.47 16.65
N ASP C 126 7.30 -21.99 17.85
CA ASP C 126 7.71 -21.18 18.98
C ASP C 126 9.23 -21.23 19.16
N ASP C 127 9.94 -20.77 18.14
CA ASP C 127 11.39 -20.88 18.10
C ASP C 127 12.06 -19.54 18.43
N ALA C 128 13.38 -19.55 18.42
CA ALA C 128 14.14 -18.38 18.80
C ALA C 128 14.00 -17.27 17.77
N SER C 129 13.72 -16.06 18.23
CA SER C 129 13.51 -14.93 17.33
C SER C 129 13.73 -13.64 18.09
N GLY C 130 14.30 -12.65 17.41
CA GLY C 130 14.54 -11.34 17.96
C GLY C 130 16.01 -10.98 17.88
N ASP C 131 16.35 -9.82 18.44
CA ASP C 131 17.75 -9.45 18.52
C ASP C 131 18.51 -10.32 19.50
N SER C 132 17.86 -10.74 20.59
CA SER C 132 18.49 -11.55 21.62
C SER C 132 18.25 -13.04 21.44
N LEU C 133 17.50 -13.44 20.42
CA LEU C 133 17.21 -14.85 20.14
C LEU C 133 16.57 -15.53 21.34
N LEU C 134 15.40 -15.02 21.73
CA LEU C 134 14.65 -15.54 22.86
C LEU C 134 13.45 -16.34 22.37
N CYS C 135 13.33 -17.53 22.90
CA CYS C 135 12.27 -18.45 22.61
C CYS C 135 11.09 -18.10 23.52
N PRO C 136 9.91 -18.67 23.26
CA PRO C 136 8.79 -18.41 24.17
C PRO C 136 8.87 -19.28 25.42
N MET C 137 9.68 -20.32 25.39
CA MET C 137 9.90 -21.22 26.49
C MET C 137 10.97 -20.69 27.42
N ASP C 138 11.67 -19.67 26.99
CA ASP C 138 12.69 -19.03 27.80
C ASP C 138 12.04 -18.04 28.73
N ILE C 139 10.85 -17.59 28.37
CA ILE C 139 10.07 -16.66 29.17
C ILE C 139 9.24 -17.42 30.17
N LEU C 140 9.14 -18.74 30.00
CA LEU C 140 8.41 -19.59 30.92
C LEU C 140 9.41 -20.16 31.89
N HIS C 141 10.64 -20.37 31.42
CA HIS C 141 11.72 -20.90 32.24
C HIS C 141 12.14 -19.88 33.27
N ALA C 142 12.06 -18.61 32.93
CA ALA C 142 12.39 -17.55 33.86
C ALA C 142 11.38 -17.56 34.97
N THR C 143 10.11 -17.71 34.62
CA THR C 143 9.03 -17.71 35.60
C THR C 143 9.27 -18.77 36.68
N GLY C 144 9.89 -19.89 36.32
CA GLY C 144 10.17 -20.95 37.25
C GLY C 144 9.20 -22.11 37.20
N LEU C 145 8.30 -22.15 36.24
CA LEU C 145 7.29 -23.20 36.15
C LEU C 145 7.65 -24.29 35.16
N ILE C 146 8.49 -23.99 34.16
CA ILE C 146 8.97 -24.95 33.19
C ILE C 146 10.48 -24.81 33.13
N ASN C 147 11.15 -25.85 32.63
CA ASN C 147 12.58 -25.75 32.36
C ASN C 147 12.86 -26.16 30.92
N HIS C 148 13.15 -25.15 30.09
CA HIS C 148 13.53 -25.37 28.70
C HIS C 148 14.89 -26.04 28.64
N PHE C 149 14.99 -27.12 27.86
CA PHE C 149 16.24 -27.83 27.72
C PHE C 149 16.44 -28.19 26.26
N GLY C 150 17.71 -28.40 25.90
CA GLY C 150 18.03 -28.81 24.55
C GLY C 150 17.98 -27.69 23.54
N LYS C 151 18.69 -26.59 23.79
CA LYS C 151 18.83 -25.52 22.82
C LYS C 151 19.99 -25.84 21.87
N VAL C 152 20.03 -25.10 20.77
CA VAL C 152 21.10 -25.22 19.79
C VAL C 152 21.68 -23.84 19.61
N ILE C 153 22.82 -23.57 20.27
CA ILE C 153 23.46 -22.27 20.14
C ILE C 153 23.98 -22.09 18.72
N GLU C 154 24.77 -23.04 18.24
CA GLU C 154 25.30 -23.02 16.88
C GLU C 154 24.71 -24.20 16.12
N SER C 155 24.14 -23.92 14.96
CA SER C 155 23.36 -24.93 14.22
C SER C 155 24.23 -25.86 13.38
N ASP C 156 25.54 -25.63 13.32
CA ASP C 156 26.42 -26.48 12.54
C ASP C 156 27.21 -27.48 13.38
N LYS C 157 27.51 -27.15 14.63
CA LYS C 157 28.21 -28.05 15.53
C LYS C 157 27.31 -28.26 16.76
N ILE C 158 26.50 -29.30 16.70
CA ILE C 158 25.49 -29.58 17.72
C ILE C 158 26.02 -30.65 18.66
N LYS C 159 25.93 -30.42 19.96
CA LYS C 159 26.30 -31.41 20.97
C LYS C 159 25.15 -31.55 21.95
N VAL C 160 24.58 -32.75 22.01
CA VAL C 160 23.39 -33.01 22.83
C VAL C 160 23.85 -33.52 24.20
N VAL C 161 23.45 -32.82 25.25
CA VAL C 161 23.80 -33.15 26.62
C VAL C 161 22.57 -33.69 27.32
N PRO C 162 22.62 -34.87 27.92
CA PRO C 162 21.44 -35.43 28.59
C PRO C 162 21.23 -34.88 29.98
N LEU C 163 20.00 -35.04 30.45
CA LEU C 163 19.65 -34.84 31.85
C LEU C 163 19.54 -36.21 32.49
N LEU C 164 20.25 -36.41 33.59
CA LEU C 164 20.40 -37.72 34.22
C LEU C 164 19.59 -37.74 35.51
N PHE C 165 18.46 -38.45 35.49
CA PHE C 165 17.64 -38.66 36.67
C PHE C 165 17.82 -40.08 37.18
N GLN C 166 17.31 -40.32 38.38
CA GLN C 166 17.33 -41.65 38.97
C GLN C 166 16.30 -41.69 40.08
N LYS C 167 15.38 -42.65 40.02
CA LYS C 167 14.38 -42.84 41.07
C LYS C 167 14.67 -44.16 41.78
N GLY C 168 15.48 -44.10 42.82
CA GLY C 168 15.78 -45.26 43.64
C GLY C 168 16.81 -46.20 43.00
N SER C 169 16.36 -47.01 42.06
CA SER C 169 17.27 -47.89 41.33
C SER C 169 17.09 -47.82 39.83
N THR C 170 16.13 -47.04 39.34
CA THR C 170 15.89 -46.86 37.92
C THR C 170 16.45 -45.51 37.50
N LYS C 171 17.31 -45.52 36.50
CA LYS C 171 17.93 -44.31 35.97
C LYS C 171 17.31 -43.94 34.64
N LEU C 172 17.48 -42.68 34.25
CA LEU C 172 16.91 -42.18 33.00
C LEU C 172 17.77 -41.06 32.47
N ALA C 173 18.11 -41.14 31.18
CA ALA C 173 18.88 -40.11 30.49
C ALA C 173 17.97 -39.46 29.45
N LEU C 174 17.71 -38.17 29.62
CA LEU C 174 16.72 -37.45 28.81
C LEU C 174 17.45 -36.55 27.81
N TYR C 175 17.71 -37.08 26.62
CA TYR C 175 18.30 -36.29 25.55
C TYR C 175 17.22 -35.49 24.84
N GLY C 176 17.56 -34.26 24.47
CA GLY C 176 16.60 -33.43 23.79
C GLY C 176 17.23 -32.54 22.74
N LEU C 177 16.73 -32.62 21.52
CA LEU C 177 17.18 -31.78 20.42
C LEU C 177 16.01 -30.92 19.96
N ALA C 178 16.23 -29.60 19.90
CA ALA C 178 15.20 -28.68 19.49
C ALA C 178 14.85 -28.88 18.02
N ALA C 179 14.00 -28.02 17.49
CA ALA C 179 13.59 -28.08 16.10
C ALA C 179 14.47 -27.14 15.30
N VAL C 180 15.37 -27.71 14.50
CA VAL C 180 16.20 -26.93 13.59
C VAL C 180 15.79 -27.27 12.16
N ARG C 181 16.19 -26.41 11.24
CA ARG C 181 15.81 -26.61 9.84
C ARG C 181 16.35 -27.94 9.33
N ASP C 182 15.51 -28.69 8.64
CA ASP C 182 15.85 -30.06 8.27
C ASP C 182 16.92 -30.10 7.19
N GLU C 183 16.96 -29.10 6.31
CA GLU C 183 18.02 -29.04 5.32
C GLU C 183 19.38 -28.90 5.98
N ARG C 184 19.48 -28.05 7.01
CA ARG C 184 20.73 -27.86 7.72
C ARG C 184 20.99 -28.99 8.71
N LEU C 185 19.94 -29.55 9.32
CA LEU C 185 20.14 -30.66 10.25
C LEU C 185 20.67 -31.90 9.53
N PHE C 186 20.14 -32.19 8.35
CA PHE C 186 20.67 -33.31 7.57
C PHE C 186 22.11 -33.05 7.16
N ARG C 187 22.40 -31.82 6.72
CA ARG C 187 23.76 -31.48 6.32
C ARG C 187 24.72 -31.55 7.49
N THR C 188 24.24 -31.34 8.71
CA THR C 188 25.08 -31.47 9.89
C THR C 188 25.27 -32.91 10.31
N PHE C 189 24.19 -33.70 10.31
CA PHE C 189 24.30 -35.11 10.65
C PHE C 189 25.16 -35.87 9.65
N LYS C 190 25.19 -35.42 8.39
CA LYS C 190 25.90 -36.15 7.35
C LYS C 190 27.40 -36.21 7.64
N ASP C 191 27.97 -35.11 8.11
CA ASP C 191 29.41 -35.02 8.37
C ASP C 191 29.65 -34.73 9.85
N GLY C 192 29.55 -35.77 10.67
CA GLY C 192 29.97 -35.76 12.06
C GLY C 192 29.72 -34.49 12.85
N GLY C 193 28.55 -33.87 12.65
CA GLY C 193 28.26 -32.63 13.33
C GLY C 193 27.58 -32.83 14.66
N VAL C 194 26.49 -33.60 14.67
CA VAL C 194 25.74 -33.83 15.89
C VAL C 194 26.41 -34.91 16.71
N THR C 195 26.74 -34.61 17.96
CA THR C 195 27.36 -35.57 18.85
C THR C 195 26.55 -35.66 20.13
N PHE C 196 26.53 -36.86 20.71
CA PHE C 196 25.89 -37.11 21.99
C PHE C 196 26.95 -37.59 22.96
N GLU C 197 26.97 -36.99 24.16
CA GLU C 197 27.88 -37.46 25.20
C GLU C 197 27.11 -38.39 26.13
N VAL C 198 27.07 -39.67 25.75
CA VAL C 198 26.47 -40.71 26.57
C VAL C 198 27.21 -40.79 27.90
N PRO C 199 26.54 -40.95 29.03
CA PRO C 199 27.27 -41.09 30.30
C PRO C 199 28.21 -42.29 30.31
N THR C 200 29.38 -42.08 30.91
CA THR C 200 30.43 -43.10 30.94
C THR C 200 30.40 -43.91 32.22
N MET C 201 30.06 -43.28 33.35
CA MET C 201 30.01 -43.99 34.62
C MET C 201 28.83 -44.96 34.64
N ARG C 202 29.08 -46.18 35.09
CA ARG C 202 28.05 -47.22 35.29
C ARG C 202 27.01 -47.22 34.17
N GLU C 203 27.47 -47.45 32.95
CA GLU C 203 26.57 -47.52 31.81
C GLU C 203 26.04 -48.93 31.62
N GLY C 204 24.74 -49.04 31.37
CA GLY C 204 24.10 -50.33 31.15
C GLY C 204 22.71 -50.41 31.74
N GLU C 205 22.38 -49.49 32.65
CA GLU C 205 21.08 -49.49 33.30
C GLU C 205 20.29 -48.23 33.03
N TRP C 206 20.80 -47.32 32.19
CA TRP C 206 20.07 -46.11 31.87
C TRP C 206 18.98 -46.41 30.84
N PHE C 207 17.90 -45.63 30.91
CA PHE C 207 16.87 -45.64 29.89
C PHE C 207 17.08 -44.37 29.07
N ASN C 208 17.52 -44.55 27.82
CA ASN C 208 17.88 -43.43 26.98
C ASN C 208 16.67 -42.96 26.20
N LEU C 209 16.21 -41.75 26.48
CA LEU C 209 15.00 -41.20 25.87
C LEU C 209 15.36 -39.93 25.12
N MET C 210 14.77 -39.74 23.96
CA MET C 210 15.07 -38.59 23.11
C MET C 210 13.80 -37.95 22.62
N CYS C 211 13.78 -36.62 22.59
CA CYS C 211 12.68 -35.84 22.05
C CYS C 211 13.17 -35.09 20.82
N VAL C 212 12.50 -35.30 19.70
CA VAL C 212 12.86 -34.63 18.44
C VAL C 212 11.62 -33.95 17.90
N HIS C 213 11.84 -32.92 17.08
CA HIS C 213 10.76 -32.14 16.49
C HIS C 213 11.04 -31.88 15.02
N GLN C 214 11.36 -32.93 14.27
CA GLN C 214 11.65 -32.84 12.85
C GLN C 214 10.62 -33.65 12.05
N ASN C 215 10.72 -33.55 10.72
CA ASN C 215 9.85 -34.31 9.84
C ASN C 215 10.24 -35.78 9.86
N HIS C 216 9.26 -36.67 9.98
CA HIS C 216 9.56 -38.09 9.94
C HIS C 216 9.84 -38.55 8.52
N THR C 217 9.03 -38.09 7.56
CA THR C 217 9.22 -38.40 6.15
C THR C 217 8.91 -37.16 5.34
N GLY C 218 9.77 -36.83 4.39
CA GLY C 218 9.66 -35.61 3.62
C GLY C 218 9.26 -35.92 2.19
N HIS C 219 8.42 -35.04 1.62
CA HIS C 219 7.99 -35.19 0.23
C HIS C 219 9.09 -34.81 -0.75
N THR C 220 10.03 -33.98 -0.33
CA THR C 220 11.12 -33.54 -1.18
C THR C 220 12.28 -34.55 -1.07
N ASN C 221 13.47 -34.13 -1.52
CA ASN C 221 14.60 -35.05 -1.56
C ASN C 221 15.27 -35.18 -0.20
N THR C 222 15.70 -34.06 0.39
CA THR C 222 16.56 -34.09 1.57
C THR C 222 16.06 -33.10 2.62
N ALA C 223 14.77 -33.12 2.90
CA ALA C 223 14.17 -32.21 3.87
C ALA C 223 13.42 -32.98 4.94
N PHE C 224 14.06 -34.01 5.49
CA PHE C 224 13.51 -34.72 6.64
C PHE C 224 14.67 -35.37 7.39
N LEU C 225 14.42 -35.68 8.65
CA LEU C 225 15.41 -36.32 9.50
C LEU C 225 15.27 -37.82 9.39
N PRO C 226 16.24 -38.53 8.82
CA PRO C 226 16.14 -39.98 8.77
C PRO C 226 16.15 -40.58 10.16
N GLU C 227 15.38 -41.63 10.33
CA GLU C 227 15.30 -42.28 11.60
C GLU C 227 16.49 -43.19 11.80
N GLN C 228 17.52 -43.01 10.98
CA GLN C 228 18.71 -43.83 11.02
C GLN C 228 19.95 -43.01 11.33
N PHE C 229 19.80 -41.71 11.49
CA PHE C 229 20.92 -40.85 11.79
C PHE C 229 21.12 -40.71 13.29
N LEU C 230 20.24 -41.31 14.07
CA LEU C 230 20.31 -41.24 15.53
C LEU C 230 21.28 -42.25 16.11
N PRO C 231 21.54 -42.20 17.41
CA PRO C 231 22.48 -43.20 17.92
C PRO C 231 21.81 -44.48 18.38
N ASP C 232 22.46 -45.60 18.15
CA ASP C 232 21.93 -46.91 18.53
C ASP C 232 21.79 -47.10 20.03
N PHE C 233 22.41 -46.24 20.85
CA PHE C 233 22.31 -46.44 22.29
C PHE C 233 20.98 -45.96 22.85
N LEU C 234 20.15 -45.32 22.04
CA LEU C 234 18.83 -44.88 22.47
C LEU C 234 17.91 -46.07 22.64
N ASP C 235 16.89 -45.88 23.48
CA ASP C 235 15.88 -46.90 23.72
C ASP C 235 14.48 -46.50 23.32
N MET C 236 14.22 -45.21 23.09
CA MET C 236 12.93 -44.74 22.62
C MET C 236 13.09 -43.32 22.12
N VAL C 237 12.39 -42.99 21.04
CA VAL C 237 12.41 -41.66 20.46
C VAL C 237 10.99 -41.11 20.46
N ILE C 238 10.83 -39.90 21.00
CA ILE C 238 9.53 -39.24 21.07
C ILE C 238 9.50 -38.25 19.92
N TRP C 239 8.84 -38.63 18.82
CA TRP C 239 8.87 -37.83 17.61
C TRP C 239 7.76 -36.79 17.64
N GLY C 240 8.13 -35.52 17.72
CA GLY C 240 7.20 -34.43 17.59
C GLY C 240 7.05 -33.96 16.16
N HIS C 241 6.42 -32.79 16.00
CA HIS C 241 6.26 -32.09 14.74
C HIS C 241 5.30 -32.79 13.78
N GLU C 242 4.88 -34.01 14.09
CA GLU C 242 3.94 -34.73 13.25
C GLU C 242 2.62 -34.78 13.99
N HIS C 243 1.55 -34.35 13.32
CA HIS C 243 0.27 -34.15 13.98
C HIS C 243 -0.64 -35.36 13.93
N GLU C 244 -0.26 -36.43 13.25
CA GLU C 244 -1.06 -37.64 13.27
C GLU C 244 -0.69 -38.47 14.50
N CYS C 245 -1.71 -38.85 15.27
CA CYS C 245 -1.48 -39.64 16.47
C CYS C 245 -1.35 -41.11 16.12
N ILE C 246 -0.33 -41.75 16.68
CA ILE C 246 -0.14 -43.20 16.52
C ILE C 246 -0.09 -43.82 17.91
N PRO C 247 -1.17 -44.46 18.38
CA PRO C 247 -1.18 -44.94 19.76
C PRO C 247 -0.16 -46.02 20.07
N ASN C 248 0.42 -46.66 19.05
CA ASN C 248 1.35 -47.75 19.26
C ASN C 248 2.79 -47.24 19.16
N LEU C 249 3.73 -48.18 19.26
CA LEU C 249 5.14 -47.86 19.14
C LEU C 249 5.69 -48.60 17.94
N VAL C 250 6.34 -47.88 17.04
CA VAL C 250 6.90 -48.50 15.86
C VAL C 250 8.34 -48.89 16.13
N HIS C 251 8.54 -50.12 16.58
CA HIS C 251 9.88 -50.60 16.88
C HIS C 251 10.80 -50.55 15.69
N ASN C 252 11.89 -49.79 15.80
CA ASN C 252 12.89 -49.72 14.76
C ASN C 252 13.84 -50.90 14.95
N PRO C 253 13.80 -51.87 14.01
CA PRO C 253 14.58 -53.10 14.05
C PRO C 253 16.09 -52.98 14.21
N ILE C 254 16.76 -52.39 13.22
CA ILE C 254 18.22 -52.28 13.23
C ILE C 254 18.85 -51.41 14.32
N LYS C 255 18.11 -50.47 14.89
CA LYS C 255 18.66 -49.62 15.93
C LYS C 255 18.10 -49.96 17.31
N ASN C 256 17.29 -50.99 17.35
CA ASN C 256 16.69 -51.48 18.59
C ASN C 256 15.97 -50.45 19.48
N PHE C 257 15.33 -49.45 18.89
CA PHE C 257 14.58 -48.48 19.69
C PHE C 257 13.18 -48.22 19.16
N ASP C 258 12.24 -47.88 20.03
CA ASP C 258 10.87 -47.65 19.61
C ASP C 258 10.53 -46.19 19.41
N VAL C 259 10.02 -45.84 18.24
CA VAL C 259 9.65 -44.47 18.00
C VAL C 259 8.20 -44.22 18.35
N LEU C 260 7.97 -43.21 19.18
CA LEU C 260 6.63 -42.82 19.59
C LEU C 260 6.25 -41.52 18.90
N GLN C 261 5.07 -41.49 18.29
CA GLN C 261 4.55 -40.31 17.63
C GLN C 261 3.25 -39.89 18.31
N PRO C 262 3.30 -39.01 19.30
CA PRO C 262 2.08 -38.68 20.05
C PRO C 262 1.07 -37.85 19.26
N GLY C 263 1.44 -37.27 18.13
CA GLY C 263 0.49 -36.50 17.38
C GLY C 263 0.33 -35.10 17.91
N SER C 264 -0.91 -34.65 18.07
CA SER C 264 -1.17 -33.29 18.51
C SER C 264 -2.40 -33.28 19.40
N SER C 265 -2.59 -32.18 20.10
CA SER C 265 -3.77 -31.99 20.93
C SER C 265 -4.84 -31.15 20.25
N VAL C 266 -4.45 -30.22 19.41
CA VAL C 266 -5.38 -29.41 18.64
C VAL C 266 -5.18 -29.74 17.17
N ALA C 267 -6.22 -29.48 16.37
CA ALA C 267 -6.17 -29.70 14.93
C ALA C 267 -5.94 -28.35 14.27
N THR C 268 -4.69 -28.07 13.90
CA THR C 268 -4.34 -26.83 13.24
C THR C 268 -4.59 -26.87 11.75
N SER C 269 -5.03 -28.01 11.22
CA SER C 269 -5.35 -28.13 9.81
C SER C 269 -6.36 -29.27 9.66
N LEU C 270 -7.31 -29.10 8.75
CA LEU C 270 -8.37 -30.08 8.57
C LEU C 270 -7.97 -31.02 7.42
N CYS C 271 -7.20 -32.04 7.79
CA CYS C 271 -6.71 -33.05 6.86
C CYS C 271 -7.04 -34.44 7.40
N GLU C 272 -6.66 -35.46 6.63
CA GLU C 272 -6.89 -36.84 7.02
C GLU C 272 -6.01 -37.27 8.18
N ALA C 273 -4.85 -36.62 8.36
CA ALA C 273 -3.99 -36.94 9.49
C ALA C 273 -4.61 -36.50 10.81
N GLU C 274 -5.29 -35.35 10.81
CA GLU C 274 -5.82 -34.77 12.03
C GLU C 274 -7.27 -35.15 12.28
N ALA C 275 -7.80 -36.10 11.51
CA ALA C 275 -9.08 -36.70 11.83
C ALA C 275 -8.93 -37.94 12.72
N GLN C 276 -7.71 -38.41 12.92
CA GLN C 276 -7.48 -39.57 13.77
C GLN C 276 -7.66 -39.18 15.24
N PRO C 277 -8.13 -40.11 16.08
CA PRO C 277 -8.31 -39.78 17.50
C PRO C 277 -6.99 -39.39 18.15
N LYS C 278 -7.04 -38.39 19.01
CA LYS C 278 -5.87 -37.88 19.70
C LYS C 278 -5.71 -38.53 21.05
N TYR C 279 -4.46 -38.64 21.51
CA TYR C 279 -4.12 -39.28 22.76
C TYR C 279 -3.00 -38.51 23.43
N VAL C 280 -2.81 -38.76 24.72
CA VAL C 280 -1.60 -38.40 25.44
C VAL C 280 -1.12 -39.66 26.16
N PHE C 281 0.19 -39.84 26.20
CA PHE C 281 0.77 -41.12 26.59
C PHE C 281 1.45 -41.03 27.94
N ILE C 282 1.48 -42.17 28.63
CA ILE C 282 2.11 -42.28 29.94
C ILE C 282 3.10 -43.44 29.89
N LEU C 283 4.39 -43.13 29.99
CA LEU C 283 5.42 -44.15 30.08
C LEU C 283 5.56 -44.63 31.52
N ASP C 284 6.19 -45.79 31.67
CA ASP C 284 6.45 -46.35 33.00
C ASP C 284 7.79 -47.06 32.92
N ILE C 285 8.85 -46.35 33.28
CA ILE C 285 10.20 -46.89 33.25
C ILE C 285 10.44 -47.65 34.54
N LYS C 286 10.81 -48.92 34.40
CA LYS C 286 11.10 -49.77 35.57
C LYS C 286 12.26 -50.67 35.21
N TYR C 287 13.29 -50.68 36.07
CA TYR C 287 14.49 -51.45 35.79
C TYR C 287 14.19 -52.94 35.78
N GLY C 288 14.64 -53.62 34.73
CA GLY C 288 14.50 -55.06 34.66
C GLY C 288 13.41 -55.53 33.71
N GLU C 289 12.38 -54.72 33.53
CA GLU C 289 11.23 -55.08 32.72
C GLU C 289 10.99 -54.02 31.64
N ALA C 290 10.02 -54.28 30.79
CA ALA C 290 9.74 -53.44 29.64
C ALA C 290 9.06 -52.14 30.05
N PRO C 291 9.23 -51.08 29.25
CA PRO C 291 8.53 -49.82 29.56
C PRO C 291 7.09 -49.82 29.08
N LYS C 292 6.17 -50.31 29.90
CA LYS C 292 4.76 -50.33 29.52
C LYS C 292 4.23 -48.92 29.31
N MET C 293 3.34 -48.77 28.34
CA MET C 293 2.80 -47.48 27.93
C MET C 293 1.29 -47.55 27.88
N THR C 294 0.65 -46.47 28.32
CA THR C 294 -0.82 -46.41 28.40
C THR C 294 -1.32 -45.13 27.73
N PRO C 295 -1.95 -45.22 26.57
CA PRO C 295 -2.51 -44.02 25.93
C PRO C 295 -3.88 -43.70 26.50
N ILE C 296 -4.06 -42.45 26.94
CA ILE C 296 -5.34 -42.02 27.50
C ILE C 296 -5.95 -40.95 26.60
N PRO C 297 -7.07 -41.24 25.95
CA PRO C 297 -7.60 -40.32 24.95
C PRO C 297 -8.04 -39.00 25.55
N LEU C 298 -7.88 -37.93 24.77
CA LEU C 298 -8.30 -36.61 25.19
C LEU C 298 -9.80 -36.45 25.05
N GLU C 299 -10.43 -35.80 26.03
CA GLU C 299 -11.87 -35.62 26.07
C GLU C 299 -12.28 -34.17 25.81
N THR C 300 -11.41 -33.41 25.15
CA THR C 300 -11.73 -32.04 24.85
C THR C 300 -11.48 -31.69 23.39
N ILE C 301 -11.21 -32.68 22.57
CA ILE C 301 -10.98 -32.48 21.14
C ILE C 301 -12.33 -32.31 20.45
N ARG C 302 -12.47 -31.22 19.70
CA ARG C 302 -13.71 -30.96 18.99
C ARG C 302 -13.92 -32.00 17.91
N THR C 303 -15.17 -32.42 17.74
CA THR C 303 -15.49 -33.51 16.82
C THR C 303 -15.17 -33.11 15.39
N PHE C 304 -14.44 -33.97 14.68
CA PHE C 304 -13.96 -33.70 13.33
C PHE C 304 -14.36 -34.87 12.44
N LYS C 305 -15.07 -34.57 11.36
CA LYS C 305 -15.42 -35.54 10.34
C LYS C 305 -14.89 -35.05 9.00
N MET C 306 -14.29 -35.96 8.23
CA MET C 306 -13.71 -35.59 6.94
C MET C 306 -14.11 -36.61 5.88
N LYS C 307 -14.48 -36.10 4.70
CA LYS C 307 -14.78 -36.89 3.53
C LYS C 307 -14.15 -36.17 2.33
N SER C 308 -13.45 -36.88 1.46
CA SER C 308 -12.84 -36.30 0.27
C SER C 308 -13.40 -37.00 -0.95
N ILE C 309 -14.29 -36.31 -1.67
CA ILE C 309 -14.99 -36.88 -2.81
C ILE C 309 -14.43 -36.30 -4.09
N SER C 310 -14.75 -36.96 -5.20
CA SER C 310 -14.44 -36.48 -6.54
C SER C 310 -15.74 -36.36 -7.32
N LEU C 311 -15.96 -35.21 -7.94
CA LEU C 311 -17.21 -34.97 -8.65
C LEU C 311 -17.33 -35.81 -9.91
N GLN C 312 -16.22 -36.10 -10.58
CA GLN C 312 -16.25 -36.91 -11.78
C GLN C 312 -16.48 -38.40 -11.48
N ASP C 313 -16.39 -38.81 -10.23
CA ASP C 313 -16.58 -40.20 -9.86
C ASP C 313 -18.03 -40.57 -9.61
N VAL C 314 -18.91 -39.59 -9.51
CA VAL C 314 -20.33 -39.82 -9.24
C VAL C 314 -21.11 -39.49 -10.50
N PRO C 315 -22.00 -40.39 -10.97
CA PRO C 315 -22.74 -40.12 -12.21
C PRO C 315 -23.83 -39.07 -12.03
N HIS C 316 -24.61 -38.84 -13.09
CA HIS C 316 -25.77 -37.94 -13.07
C HIS C 316 -25.37 -36.51 -12.71
N LEU C 317 -24.08 -36.20 -12.80
CA LEU C 317 -23.58 -34.84 -12.54
C LEU C 317 -22.91 -34.33 -13.82
N ARG C 318 -23.56 -33.36 -14.45
CA ARG C 318 -23.03 -32.81 -15.69
C ARG C 318 -22.41 -31.45 -15.43
N PRO C 319 -21.23 -31.17 -16.00
CA PRO C 319 -20.51 -29.94 -15.63
C PRO C 319 -21.22 -28.66 -15.98
N HIS C 320 -22.18 -28.68 -16.92
CA HIS C 320 -22.70 -27.42 -17.45
C HIS C 320 -23.53 -26.67 -16.41
N ASP C 321 -24.21 -27.38 -15.52
CA ASP C 321 -25.07 -26.74 -14.54
C ASP C 321 -24.34 -26.52 -13.22
N LYS C 322 -24.93 -25.66 -12.39
CA LYS C 322 -24.49 -25.45 -11.02
C LYS C 322 -25.59 -25.72 -10.00
N ASP C 323 -26.86 -25.68 -10.41
CA ASP C 323 -27.98 -25.88 -9.50
C ASP C 323 -28.18 -27.34 -9.11
N ALA C 324 -27.50 -28.28 -9.78
CA ALA C 324 -27.60 -29.69 -9.44
C ALA C 324 -26.35 -30.23 -8.78
N THR C 325 -25.23 -29.49 -8.84
CA THR C 325 -24.04 -29.84 -8.08
C THR C 325 -24.11 -29.37 -6.64
N SER C 326 -24.59 -28.15 -6.41
CA SER C 326 -24.71 -27.60 -5.08
C SER C 326 -25.92 -28.13 -4.33
N LYS C 327 -26.74 -28.95 -4.97
CA LYS C 327 -27.78 -29.70 -4.28
C LYS C 327 -27.29 -31.06 -3.79
N TYR C 328 -26.34 -31.67 -4.51
CA TYR C 328 -25.69 -32.88 -4.05
C TYR C 328 -24.63 -32.60 -3.00
N LEU C 329 -23.89 -31.50 -3.14
CA LEU C 329 -22.91 -31.14 -2.11
C LEU C 329 -23.58 -30.84 -0.78
N ILE C 330 -24.72 -30.16 -0.80
CA ILE C 330 -25.44 -29.88 0.44
C ILE C 330 -25.87 -31.18 1.10
N GLU C 331 -26.39 -32.12 0.31
CA GLU C 331 -26.80 -33.39 0.87
C GLU C 331 -25.61 -34.22 1.35
N GLN C 332 -24.42 -34.01 0.79
CA GLN C 332 -23.24 -34.71 1.28
C GLN C 332 -22.65 -34.09 2.54
N VAL C 333 -22.83 -32.78 2.74
CA VAL C 333 -22.37 -32.16 3.98
C VAL C 333 -23.37 -32.36 5.11
N GLU C 334 -24.67 -32.39 4.78
CA GLU C 334 -25.68 -32.53 5.81
C GLU C 334 -25.70 -33.93 6.42
N GLU C 335 -25.30 -34.95 5.68
CA GLU C 335 -25.28 -36.29 6.27
C GLU C 335 -24.12 -36.46 7.24
N MET C 336 -22.99 -35.82 6.98
CA MET C 336 -21.87 -35.92 7.90
C MET C 336 -21.84 -34.81 8.94
N ILE C 337 -22.76 -33.85 8.87
CA ILE C 337 -23.07 -33.09 10.08
C ILE C 337 -23.80 -33.96 11.08
N ARG C 338 -24.78 -34.73 10.60
CA ARG C 338 -25.50 -35.66 11.46
C ARG C 338 -24.60 -36.77 11.97
N ASP C 339 -23.71 -37.27 11.12
CA ASP C 339 -22.75 -38.29 11.55
C ASP C 339 -21.87 -37.81 12.70
N ALA C 340 -21.47 -36.54 12.70
CA ALA C 340 -20.65 -35.99 13.76
C ALA C 340 -21.44 -35.62 15.00
N ASN C 341 -22.66 -35.09 14.82
CA ASN C 341 -23.49 -34.80 15.99
C ASN C 341 -23.89 -36.07 16.72
N GLU C 342 -24.16 -37.15 15.99
CA GLU C 342 -24.44 -38.42 16.63
C GLU C 342 -23.23 -38.91 17.42
N GLU C 343 -22.03 -38.78 16.86
CA GLU C 343 -20.83 -39.17 17.61
C GLU C 343 -20.63 -38.32 18.85
N THR C 344 -20.82 -37.00 18.75
CA THR C 344 -20.66 -36.13 19.90
C THR C 344 -21.66 -36.49 21.00
N LYS C 345 -22.93 -36.70 20.63
CA LYS C 345 -23.94 -37.04 21.63
C LYS C 345 -23.69 -38.42 22.22
N GLN C 346 -23.26 -39.39 21.41
CA GLN C 346 -22.97 -40.71 21.94
C GLN C 346 -21.77 -40.71 22.88
N LYS C 347 -20.75 -39.91 22.59
CA LYS C 347 -19.60 -39.81 23.49
C LYS C 347 -19.91 -39.00 24.74
N LEU C 348 -20.83 -38.04 24.66
CA LEU C 348 -21.29 -37.33 25.84
C LEU C 348 -22.23 -38.17 26.70
N ALA C 349 -22.90 -39.16 26.10
CA ALA C 349 -23.76 -40.07 26.85
C ALA C 349 -23.12 -41.44 27.04
N ASP C 350 -21.79 -41.47 27.13
CA ASP C 350 -21.05 -42.70 27.35
C ASP C 350 -20.04 -42.54 28.49
N ASP C 351 -20.29 -41.56 29.37
CA ASP C 351 -19.38 -41.32 30.49
C ASP C 351 -20.15 -41.00 31.77
N GLY C 352 -21.36 -41.52 31.93
CA GLY C 352 -22.20 -41.23 33.06
C GLY C 352 -23.16 -40.07 32.86
N GLU C 353 -23.04 -39.35 31.76
CA GLU C 353 -23.91 -38.22 31.44
C GLU C 353 -25.00 -38.61 30.43
N GLY C 354 -25.47 -39.85 30.50
CA GLY C 354 -26.48 -40.33 29.58
C GLY C 354 -27.91 -39.99 29.93
N ASP C 355 -28.15 -39.35 31.06
CA ASP C 355 -29.50 -39.00 31.50
C ASP C 355 -29.89 -37.58 31.12
N MET C 356 -29.03 -36.86 30.41
CA MET C 356 -29.32 -35.48 30.02
C MET C 356 -28.80 -35.25 28.61
N VAL C 357 -29.58 -34.54 27.81
CA VAL C 357 -29.20 -34.12 26.47
C VAL C 357 -28.92 -32.62 26.52
N ALA C 358 -27.66 -32.26 26.31
CA ALA C 358 -27.21 -30.89 26.43
C ALA C 358 -27.19 -30.22 25.06
N GLU C 359 -26.65 -29.00 25.01
CA GLU C 359 -26.42 -28.29 23.75
C GLU C 359 -25.08 -28.78 23.20
N LEU C 360 -25.12 -29.61 22.17
CA LEU C 360 -23.92 -30.22 21.65
C LEU C 360 -23.00 -29.17 21.05
N PRO C 361 -21.71 -29.14 21.41
CA PRO C 361 -20.79 -28.24 20.71
C PRO C 361 -20.72 -28.60 19.24
N LYS C 362 -20.61 -27.57 18.41
CA LYS C 362 -20.63 -27.77 16.97
C LYS C 362 -19.38 -28.54 16.54
N PRO C 363 -19.49 -29.44 15.56
CA PRO C 363 -18.33 -30.17 15.10
C PRO C 363 -17.53 -29.38 14.06
N LEU C 364 -16.38 -29.91 13.71
CA LEU C 364 -15.57 -29.40 12.62
C LEU C 364 -15.79 -30.31 11.42
N ILE C 365 -16.33 -29.76 10.34
CA ILE C 365 -16.70 -30.54 9.16
C ILE C 365 -15.89 -30.05 7.99
N ARG C 366 -15.32 -30.98 7.24
CA ARG C 366 -14.58 -30.66 6.02
C ARG C 366 -14.96 -31.63 4.92
N LEU C 367 -15.28 -31.09 3.76
CA LEU C 367 -15.53 -31.88 2.55
C LEU C 367 -14.58 -31.36 1.49
N ARG C 368 -13.64 -32.20 1.06
CA ARG C 368 -12.66 -31.83 0.04
C ARG C 368 -13.15 -32.39 -1.28
N VAL C 369 -13.58 -31.51 -2.18
CA VAL C 369 -14.22 -31.88 -3.43
C VAL C 369 -13.23 -31.65 -4.57
N ASP C 370 -13.10 -32.62 -5.46
CA ASP C 370 -12.26 -32.50 -6.65
C ASP C 370 -13.16 -32.19 -7.84
N TYR C 371 -13.18 -30.91 -8.23
CA TYR C 371 -14.03 -30.45 -9.32
C TYR C 371 -13.30 -30.47 -10.66
N SER C 372 -12.69 -31.59 -10.98
CA SER C 372 -11.96 -31.72 -12.24
C SER C 372 -12.84 -32.39 -13.29
N ALA C 373 -12.66 -31.97 -14.54
CA ALA C 373 -13.39 -32.55 -15.64
C ALA C 373 -12.93 -33.98 -15.89
N PRO C 374 -13.82 -34.87 -16.31
CA PRO C 374 -13.42 -36.25 -16.59
C PRO C 374 -12.50 -36.33 -17.81
N SER C 375 -11.80 -37.47 -17.90
CA SER C 375 -10.85 -37.66 -18.98
C SER C 375 -11.51 -37.67 -20.35
N ASN C 376 -12.65 -38.37 -20.47
CA ASN C 376 -13.25 -38.57 -21.79
C ASN C 376 -13.66 -37.25 -22.43
N THR C 377 -14.19 -36.33 -21.63
CA THR C 377 -14.69 -35.07 -22.16
C THR C 377 -13.52 -34.09 -22.26
N GLN C 378 -13.21 -33.65 -23.49
CA GLN C 378 -12.10 -32.72 -23.72
C GLN C 378 -12.68 -31.33 -23.97
N SER C 379 -12.97 -30.64 -22.88
CA SER C 379 -13.46 -29.30 -22.94
C SER C 379 -12.74 -28.45 -21.90
N PRO C 380 -12.53 -27.15 -22.15
CA PRO C 380 -11.92 -26.28 -21.14
C PRO C 380 -12.69 -26.18 -19.82
N ILE C 381 -14.01 -25.99 -19.87
CA ILE C 381 -14.75 -25.80 -18.62
C ILE C 381 -14.88 -27.14 -17.91
N ASP C 382 -14.61 -27.13 -16.61
CA ASP C 382 -14.82 -28.26 -15.73
C ASP C 382 -16.16 -28.11 -15.03
N TYR C 383 -16.36 -28.86 -13.94
CA TYR C 383 -17.58 -28.72 -13.15
C TYR C 383 -17.71 -27.31 -12.59
N GLN C 384 -18.95 -26.83 -12.53
CA GLN C 384 -19.23 -25.53 -11.96
C GLN C 384 -19.55 -25.67 -10.48
N VAL C 385 -18.87 -24.89 -9.65
CA VAL C 385 -18.97 -24.99 -8.20
C VAL C 385 -19.11 -23.60 -7.61
N GLU C 386 -19.94 -23.48 -6.59
CA GLU C 386 -20.22 -22.18 -5.99
C GLU C 386 -19.02 -21.68 -5.19
N ASN C 387 -19.07 -20.41 -4.82
CA ASN C 387 -18.03 -19.81 -4.01
C ASN C 387 -17.90 -20.57 -2.68
N PRO C 388 -16.72 -21.08 -2.35
CA PRO C 388 -16.59 -21.89 -1.12
C PRO C 388 -16.93 -21.13 0.15
N ARG C 389 -16.57 -19.85 0.23
CA ARG C 389 -16.84 -19.07 1.43
C ARG C 389 -18.32 -18.80 1.59
N ARG C 390 -19.05 -18.66 0.49
CA ARG C 390 -20.49 -18.48 0.56
C ARG C 390 -21.25 -19.80 0.62
N PHE C 391 -20.71 -20.86 0.04
CA PHE C 391 -21.35 -22.16 0.15
C PHE C 391 -21.35 -22.66 1.58
N SER C 392 -20.25 -22.47 2.29
CA SER C 392 -20.13 -22.93 3.66
C SER C 392 -20.70 -21.96 4.67
N ASN C 393 -21.10 -20.77 4.24
CA ASN C 393 -21.77 -19.80 5.09
C ASN C 393 -23.26 -20.10 5.25
N ARG C 394 -23.77 -21.09 4.55
CA ARG C 394 -25.16 -21.51 4.73
C ARG C 394 -25.30 -22.63 5.74
N PHE C 395 -24.20 -23.08 6.32
CA PHE C 395 -24.21 -24.03 7.43
C PHE C 395 -23.92 -23.39 8.77
N VAL C 396 -23.82 -22.06 8.82
CA VAL C 396 -23.48 -21.40 10.07
C VAL C 396 -24.55 -21.68 11.11
N GLY C 397 -24.13 -21.82 12.36
CA GLY C 397 -25.00 -22.18 13.44
C GLY C 397 -25.13 -23.67 13.66
N ARG C 398 -24.72 -24.47 12.68
CA ARG C 398 -24.76 -25.92 12.80
C ARG C 398 -23.39 -26.56 12.83
N VAL C 399 -22.34 -25.84 12.43
CA VAL C 399 -20.99 -26.37 12.35
C VAL C 399 -20.02 -25.32 12.86
N ALA C 400 -19.01 -25.76 13.59
CA ALA C 400 -17.98 -24.84 14.09
C ALA C 400 -17.07 -24.36 12.98
N ASN C 401 -17.06 -25.04 11.83
CA ASN C 401 -16.32 -24.62 10.65
C ASN C 401 -17.10 -23.50 9.99
N GLY C 402 -16.80 -22.27 10.38
CA GLY C 402 -17.58 -21.15 9.89
C GLY C 402 -17.53 -21.00 8.39
N ASN C 403 -16.36 -20.68 7.87
CA ASN C 403 -16.21 -20.25 6.48
C ASN C 403 -15.56 -21.28 5.57
N ASN C 404 -15.05 -22.39 6.11
CA ASN C 404 -14.38 -23.40 5.30
C ASN C 404 -14.91 -24.78 5.65
N VAL C 405 -16.08 -25.12 5.11
CA VAL C 405 -16.63 -26.46 5.21
C VAL C 405 -16.34 -27.26 3.95
N VAL C 406 -16.14 -26.62 2.82
CA VAL C 406 -15.86 -27.27 1.56
C VAL C 406 -14.61 -26.64 0.96
N GLN C 407 -13.75 -27.46 0.36
CA GLN C 407 -12.53 -26.99 -0.27
C GLN C 407 -12.43 -27.63 -1.64
N PHE C 408 -12.42 -26.80 -2.68
CA PHE C 408 -12.40 -27.28 -4.06
C PHE C 408 -10.96 -27.28 -4.56
N TYR C 409 -10.54 -28.41 -5.12
CA TYR C 409 -9.19 -28.56 -5.66
C TYR C 409 -9.28 -29.36 -6.96
N LYS C 410 -8.23 -29.25 -7.76
CA LYS C 410 -8.14 -29.96 -9.04
C LYS C 410 -7.10 -31.07 -8.91
N LYS C 411 -7.52 -32.30 -9.17
CA LYS C 411 -6.61 -33.44 -9.07
C LYS C 411 -5.66 -33.46 -10.26
N ARG C 412 -4.45 -33.94 -10.02
CA ARG C 412 -3.44 -34.05 -11.06
C ARG C 412 -3.13 -35.51 -11.37
N LEU C 444 -1.62 -23.09 -35.19
CA LEU C 444 -2.12 -22.21 -36.23
C LEU C 444 -1.71 -20.77 -35.97
N GLU C 445 -0.42 -20.57 -35.74
CA GLU C 445 0.12 -19.24 -35.46
C GLU C 445 -0.31 -18.20 -36.49
N VAL C 446 -1.44 -17.55 -36.23
CA VAL C 446 -1.99 -16.50 -37.11
C VAL C 446 -2.19 -16.91 -38.57
N GLN C 447 -1.11 -16.89 -39.34
CA GLN C 447 -1.11 -17.23 -40.77
C GLN C 447 -1.94 -18.45 -41.14
N THR C 448 -1.78 -19.55 -40.41
CA THR C 448 -2.52 -20.78 -40.67
C THR C 448 -4.02 -20.51 -40.73
N LEU C 449 -4.54 -19.80 -39.74
CA LEU C 449 -5.95 -19.48 -39.68
C LEU C 449 -6.23 -18.26 -40.55
N VAL C 450 -5.19 -17.49 -40.83
CA VAL C 450 -5.33 -16.30 -41.66
C VAL C 450 -5.39 -16.68 -43.13
N ASN C 451 -4.81 -17.82 -43.47
CA ASN C 451 -4.78 -18.29 -44.85
C ASN C 451 -6.12 -18.89 -45.27
N ASP C 452 -6.92 -19.30 -44.29
CA ASP C 452 -8.23 -19.88 -44.55
C ASP C 452 -9.27 -18.78 -44.73
N LEU C 453 -8.89 -17.56 -44.36
CA LEU C 453 -9.78 -16.42 -44.49
C LEU C 453 -9.70 -15.80 -45.88
N LEU C 454 -8.57 -16.02 -46.55
CA LEU C 454 -8.33 -15.48 -47.90
C LEU C 454 -9.50 -15.60 -48.88
N ASN C 455 -10.11 -16.77 -48.95
CA ASN C 455 -11.23 -17.00 -49.87
C ASN C 455 -12.34 -15.94 -49.76
N LYS C 456 -12.71 -15.61 -48.53
CA LYS C 456 -13.77 -14.63 -48.27
C LYS C 456 -13.42 -13.22 -48.77
N MET C 457 -12.37 -12.63 -48.18
CA MET C 457 -11.92 -11.28 -48.53
C MET C 457 -11.78 -11.09 -50.04
N GLN C 458 -12.86 -10.67 -50.68
CA GLN C 458 -12.88 -10.49 -52.12
C GLN C 458 -12.78 -9.03 -52.55
N LEU C 459 -11.56 -8.62 -52.92
CA LEU C 459 -11.30 -7.27 -53.38
C LEU C 459 -11.65 -7.18 -54.87
N SER C 460 -11.75 -5.97 -55.40
CA SER C 460 -12.14 -5.82 -56.79
C SER C 460 -10.99 -5.36 -57.71
N LEU C 461 -9.84 -4.92 -57.17
CA LEU C 461 -8.64 -4.59 -57.96
C LEU C 461 -7.43 -5.45 -57.55
N LEU C 462 -7.10 -5.53 -56.25
CA LEU C 462 -5.94 -6.27 -55.74
C LEU C 462 -6.15 -7.81 -55.79
N PRO C 463 -5.24 -8.59 -56.43
CA PRO C 463 -5.20 -10.06 -56.32
C PRO C 463 -4.92 -10.54 -54.88
N GLU C 464 -5.77 -11.45 -54.40
CA GLU C 464 -5.71 -12.07 -53.08
C GLU C 464 -4.39 -12.82 -52.81
N VAL C 465 -3.93 -13.64 -53.79
CA VAL C 465 -2.74 -14.48 -53.69
C VAL C 465 -1.43 -13.70 -53.56
N GLY C 466 -1.28 -12.61 -54.33
CA GLY C 466 -0.10 -11.75 -54.29
C GLY C 466 -0.07 -10.89 -53.01
N LEU C 467 -1.26 -10.58 -52.45
CA LEU C 467 -1.41 -9.77 -51.24
C LEU C 467 -1.26 -10.59 -49.95
N ASN C 468 -1.76 -11.82 -49.95
CA ASN C 468 -1.55 -12.65 -48.78
C ASN C 468 -0.06 -12.97 -48.76
N GLU C 469 0.53 -13.11 -49.96
CA GLU C 469 1.94 -13.39 -50.11
C GLU C 469 2.74 -12.11 -50.05
N ALA C 470 2.07 -10.98 -50.19
CA ALA C 470 2.76 -9.70 -50.11
C ALA C 470 2.94 -9.35 -48.65
N VAL C 471 2.05 -9.87 -47.79
CA VAL C 471 2.10 -9.64 -46.37
C VAL C 471 2.85 -10.76 -45.70
N LYS C 472 2.72 -11.98 -46.23
CA LYS C 472 3.44 -13.12 -45.68
C LYS C 472 4.91 -12.80 -45.76
N LYS C 473 5.36 -12.38 -46.93
CA LYS C 473 6.74 -12.00 -47.11
C LYS C 473 7.09 -10.88 -46.14
N PHE C 474 6.24 -9.87 -46.02
CA PHE C 474 6.47 -8.77 -45.10
C PHE C 474 6.71 -9.25 -43.68
N VAL C 475 5.86 -10.17 -43.23
CA VAL C 475 5.91 -10.71 -41.87
C VAL C 475 7.08 -11.65 -41.56
N ASP C 476 7.19 -12.75 -42.31
CA ASP C 476 8.25 -13.73 -42.07
C ASP C 476 9.65 -13.32 -42.48
N LYS C 477 9.78 -12.73 -43.65
CA LYS C 477 11.09 -12.34 -44.15
C LYS C 477 11.62 -11.00 -43.65
N ASP C 478 10.84 -10.32 -42.81
CA ASP C 478 11.21 -9.02 -42.25
C ASP C 478 11.67 -8.04 -43.32
N GLU C 479 10.89 -7.92 -44.39
CA GLU C 479 11.23 -7.01 -45.46
C GLU C 479 10.29 -5.83 -45.34
N LYS C 480 10.67 -4.90 -44.47
CA LYS C 480 9.93 -3.67 -44.15
C LYS C 480 9.07 -3.07 -45.27
N THR C 481 9.69 -2.84 -46.43
CA THR C 481 8.98 -2.30 -47.57
C THR C 481 8.55 -3.41 -48.53
N ALA C 482 7.31 -3.85 -48.41
CA ALA C 482 6.78 -4.90 -49.32
C ALA C 482 5.29 -4.76 -49.65
N LEU C 483 4.51 -4.33 -48.65
CA LEU C 483 3.07 -4.15 -48.73
C LEU C 483 2.68 -2.83 -49.40
N LYS C 484 3.47 -1.76 -49.20
CA LYS C 484 3.39 -0.50 -49.96
C LYS C 484 3.70 -0.71 -51.45
N GLU C 485 4.83 -1.38 -51.73
CA GLU C 485 5.36 -1.66 -53.05
C GLU C 485 4.47 -2.58 -53.88
N PHE C 486 3.94 -3.65 -53.26
CA PHE C 486 2.97 -4.55 -53.90
C PHE C 486 1.69 -3.80 -54.32
N ILE C 487 1.14 -3.01 -53.40
CA ILE C 487 -0.02 -2.15 -53.64
C ILE C 487 0.25 -1.12 -54.76
N SER C 488 1.34 -0.33 -54.65
CA SER C 488 1.78 0.68 -55.62
C SER C 488 2.05 0.13 -57.04
N HIS C 489 2.66 -1.07 -57.11
CA HIS C 489 2.93 -1.79 -58.36
C HIS C 489 1.65 -2.30 -59.03
N GLU C 490 0.76 -2.93 -58.23
CA GLU C 490 -0.49 -3.52 -58.70
C GLU C 490 -1.52 -2.45 -59.12
N ILE C 491 -1.49 -1.29 -58.44
CA ILE C 491 -2.15 -0.05 -58.85
C ILE C 491 -1.69 0.36 -60.26
N SER C 492 -0.37 0.54 -60.43
CA SER C 492 0.26 1.02 -61.67
C SER C 492 -0.03 0.11 -62.89
N ASN C 493 -0.09 -1.20 -62.65
CA ASN C 493 -0.50 -2.20 -63.64
C ASN C 493 -1.99 -2.09 -63.98
N GLU C 494 -2.85 -1.96 -62.97
CA GLU C 494 -4.30 -1.77 -63.13
C GLU C 494 -4.67 -0.42 -63.77
N VAL C 495 -3.99 0.69 -63.40
CA VAL C 495 -4.06 2.00 -64.10
C VAL C 495 -3.68 1.84 -65.59
N GLY C 496 -2.58 1.10 -65.85
CA GLY C 496 -2.04 0.84 -67.18
C GLY C 496 -3.04 0.08 -68.06
N ILE C 497 -3.65 -0.99 -67.51
CA ILE C 497 -4.67 -1.81 -68.17
C ILE C 497 -5.98 -1.03 -68.46
N LEU C 498 -6.40 -0.18 -67.52
CA LEU C 498 -7.61 0.66 -67.65
C LEU C 498 -7.41 1.83 -68.63
N SER C 499 -6.19 2.40 -68.68
CA SER C 499 -5.84 3.52 -69.57
C SER C 499 -5.72 3.14 -71.06
N THR C 500 -5.35 1.88 -71.35
CA THR C 500 -5.29 1.35 -72.73
C THR C 500 -6.67 0.99 -73.32
N ASN C 501 -7.75 1.01 -72.51
CA ASN C 501 -9.12 0.83 -72.96
C ASN C 501 -9.81 2.21 -73.03
N GLU C 502 -9.97 2.74 -74.25
CA GLU C 502 -10.66 4.01 -74.52
C GLU C 502 -12.17 4.01 -74.19
N GLU C 503 -12.81 2.84 -74.15
CA GLU C 503 -14.22 2.68 -73.75
C GLU C 503 -14.47 2.92 -72.25
N PHE C 504 -13.45 2.70 -71.41
CA PHE C 504 -13.50 2.89 -69.95
C PHE C 504 -13.67 4.36 -69.55
N LEU C 505 -13.22 5.26 -70.42
CA LEU C 505 -13.16 6.71 -70.23
C LEU C 505 -14.44 7.45 -70.69
N ARG C 506 -15.38 6.74 -71.33
CA ARG C 506 -16.65 7.30 -71.82
C ARG C 506 -17.86 6.90 -70.95
N THR C 507 -17.64 6.14 -69.87
CA THR C 507 -18.72 5.58 -69.04
C THR C 507 -18.71 6.22 -67.64
N MET E 1 20.68 1.73 53.44
CA MET E 1 19.94 1.89 54.69
C MET E 1 19.86 0.57 55.44
N ASP E 2 19.62 0.65 56.74
CA ASP E 2 19.63 -0.51 57.62
C ASP E 2 18.21 -1.04 57.81
N TYR E 3 18.06 -1.99 58.73
CA TYR E 3 16.76 -2.58 58.98
C TYR E 3 15.82 -1.53 59.61
N PRO E 4 14.60 -1.42 59.11
CA PRO E 4 13.68 -0.41 59.66
C PRO E 4 13.16 -0.84 61.02
N ASP E 5 12.52 0.13 61.68
CA ASP E 5 11.88 -0.13 62.95
C ASP E 5 10.77 -1.17 62.75
N PRO E 6 10.60 -2.11 63.69
CA PRO E 6 9.47 -3.03 63.61
C PRO E 6 8.12 -2.33 63.57
N ASP E 7 8.05 -1.05 63.92
CA ASP E 7 6.82 -0.28 63.79
C ASP E 7 6.72 0.47 62.47
N THR E 8 7.73 0.37 61.61
CA THR E 8 7.77 1.15 60.37
C THR E 8 7.43 0.28 59.17
N ILE E 9 6.60 0.81 58.29
CA ILE E 9 6.35 0.21 56.99
C ILE E 9 7.12 1.04 55.97
N ARG E 10 8.14 0.44 55.37
CA ARG E 10 9.01 1.12 54.42
C ARG E 10 8.60 0.75 53.00
N ILE E 11 8.41 1.75 52.16
CA ILE E 11 7.92 1.55 50.80
C ILE E 11 8.88 2.21 49.82
N LEU E 12 9.10 1.56 48.69
CA LEU E 12 9.90 2.11 47.60
C LEU E 12 8.95 2.49 46.47
N ILE E 13 8.81 3.77 46.20
CA ILE E 13 7.85 4.24 45.21
C ILE E 13 8.55 4.50 43.89
N THR E 14 8.03 3.93 42.82
CA THR E 14 8.55 4.17 41.48
C THR E 14 7.40 4.07 40.49
N THR E 15 7.62 4.66 39.31
CA THR E 15 6.57 4.68 38.30
C THR E 15 7.21 4.90 36.93
N ASP E 16 6.40 4.65 35.90
CA ASP E 16 6.74 4.99 34.53
C ASP E 16 8.08 4.39 34.12
N ASN E 17 8.27 3.12 34.47
CA ASN E 17 9.52 2.44 34.12
C ASN E 17 9.66 2.31 32.61
N HIS E 18 8.56 2.07 31.91
CA HIS E 18 8.54 1.90 30.47
C HIS E 18 9.58 0.92 30.00
N VAL E 19 9.54 -0.31 30.50
CA VAL E 19 10.49 -1.34 30.14
C VAL E 19 10.18 -1.78 28.71
N GLY E 20 10.92 -1.25 27.75
CA GLY E 20 10.68 -1.58 26.37
C GLY E 20 10.82 -0.40 25.44
N TYR E 21 11.14 0.77 25.99
CA TYR E 21 11.34 1.95 25.16
C TYR E 21 12.65 1.83 24.38
N ASN E 22 12.57 2.07 23.08
CA ASN E 22 13.72 1.93 22.18
C ASN E 22 14.35 0.55 22.33
N GLU E 23 13.50 -0.47 22.19
CA GLU E 23 13.96 -1.83 22.44
C GLU E 23 15.04 -2.25 21.44
N ASN E 24 14.92 -1.80 20.19
CA ASN E 24 15.81 -2.24 19.12
C ASN E 24 16.96 -1.28 18.84
N ASP E 25 17.06 -0.18 19.58
CA ASP E 25 18.14 0.77 19.37
C ASP E 25 19.49 0.12 19.69
N PRO E 26 20.47 0.18 18.78
CA PRO E 26 21.76 -0.46 19.09
C PRO E 26 22.44 0.04 20.34
N ILE E 27 22.36 1.34 20.64
CA ILE E 27 23.04 1.86 21.81
C ILE E 27 22.14 1.84 23.02
N THR E 28 21.06 2.60 22.98
CA THR E 28 20.14 2.72 24.11
C THR E 28 18.99 1.73 23.97
N GLY E 29 19.34 0.45 23.82
CA GLY E 29 18.31 -0.56 23.66
C GLY E 29 18.04 -1.29 24.96
N ASP E 30 18.94 -1.12 25.93
CA ASP E 30 18.85 -1.81 27.21
C ASP E 30 18.80 -0.83 28.38
N ASP E 31 18.43 0.42 28.13
CA ASP E 31 18.43 1.41 29.21
C ASP E 31 17.18 1.33 30.08
N SER E 32 16.14 0.64 29.62
CA SER E 32 14.90 0.57 30.38
C SER E 32 14.92 -0.58 31.39
N TRP E 33 15.22 -1.79 30.92
CA TRP E 33 15.23 -2.93 31.84
C TRP E 33 16.45 -2.89 32.76
N LYS E 34 17.57 -2.32 32.31
CA LYS E 34 18.72 -2.17 33.20
C LYS E 34 18.40 -1.24 34.36
N THR E 35 17.72 -0.13 34.10
CA THR E 35 17.37 0.78 35.19
C THR E 35 16.23 0.26 36.04
N PHE E 36 15.31 -0.54 35.47
CA PHE E 36 14.35 -1.23 36.32
C PHE E 36 15.04 -2.22 37.25
N HIS E 37 16.04 -2.92 36.73
CA HIS E 37 16.82 -3.83 37.58
C HIS E 37 17.54 -3.05 38.67
N GLU E 38 18.08 -1.87 38.34
CA GLU E 38 18.72 -1.05 39.36
C GLU E 38 17.72 -0.60 40.42
N VAL E 39 16.50 -0.25 40.02
CA VAL E 39 15.47 0.13 41.00
C VAL E 39 15.16 -1.03 41.93
N MET E 40 14.96 -2.23 41.36
CA MET E 40 14.63 -3.37 42.21
C MET E 40 15.80 -3.76 43.10
N MET E 41 17.05 -3.53 42.65
CA MET E 41 18.19 -3.76 43.53
C MET E 41 18.31 -2.72 44.61
N LEU E 42 17.95 -1.47 44.34
CA LEU E 42 17.87 -0.46 45.39
C LEU E 42 16.74 -0.72 46.35
N ALA E 43 15.77 -1.56 45.96
CA ALA E 43 14.77 -2.05 46.90
C ALA E 43 15.20 -3.28 47.67
N LYS E 44 16.00 -4.15 47.07
CA LYS E 44 16.39 -5.39 47.74
C LYS E 44 17.27 -5.11 48.96
N ASN E 45 18.29 -4.27 48.78
CA ASN E 45 19.28 -4.05 49.83
C ASN E 45 19.11 -2.69 50.53
N ASN E 46 17.96 -2.06 50.38
CA ASN E 46 17.52 -1.02 51.30
C ASN E 46 16.52 -1.56 52.32
N ASN E 47 16.21 -2.85 52.25
CA ASN E 47 15.35 -3.53 53.21
C ASN E 47 13.97 -2.89 53.29
N VAL E 48 13.40 -2.59 52.13
CA VAL E 48 12.05 -2.04 52.09
C VAL E 48 11.04 -3.18 52.26
N ASP E 49 9.94 -2.88 52.96
CA ASP E 49 8.93 -3.90 53.22
C ASP E 49 8.15 -4.26 51.96
N MET E 50 7.81 -3.28 51.13
CA MET E 50 7.08 -3.50 49.91
C MET E 50 7.39 -2.35 48.96
N VAL E 51 7.25 -2.61 47.66
CA VAL E 51 7.40 -1.55 46.66
C VAL E 51 6.09 -1.44 45.92
N VAL E 52 5.65 -0.21 45.68
CA VAL E 52 4.41 0.07 44.96
C VAL E 52 4.77 0.80 43.68
N GLN E 53 4.36 0.25 42.56
CA GLN E 53 4.54 0.89 41.27
C GLN E 53 3.24 1.56 40.87
N SER E 54 3.34 2.80 40.37
CA SER E 54 2.13 3.54 40.08
C SER E 54 1.98 3.78 38.58
N GLY E 55 2.20 2.74 37.78
CA GLY E 55 1.84 2.79 36.39
C GLY E 55 2.97 2.69 35.39
N ASP E 56 2.65 2.18 34.19
CA ASP E 56 3.57 2.16 33.06
C ASP E 56 4.87 1.42 33.38
N LEU E 57 4.71 0.14 33.73
CA LEU E 57 5.87 -0.73 33.85
C LEU E 57 6.38 -1.17 32.49
N PHE E 58 5.50 -1.23 31.50
CA PHE E 58 5.86 -1.60 30.14
C PHE E 58 5.50 -0.46 29.21
N HIS E 59 6.30 -0.30 28.16
CA HIS E 59 6.04 0.79 27.22
C HIS E 59 4.85 0.49 26.32
N VAL E 60 4.67 -0.78 25.94
CA VAL E 60 3.69 -1.14 24.92
C VAL E 60 2.57 -1.94 25.56
N ASN E 61 1.50 -2.12 24.78
CA ASN E 61 0.33 -2.86 25.24
C ASN E 61 0.61 -4.35 25.27
N LYS E 62 1.32 -4.87 24.27
CA LYS E 62 1.76 -6.26 24.25
C LYS E 62 3.27 -6.29 24.40
N PRO E 63 3.79 -6.51 25.61
CA PRO E 63 5.25 -6.50 25.80
C PRO E 63 5.91 -7.62 25.01
N SER E 64 7.14 -7.36 24.59
CA SER E 64 7.89 -8.29 23.78
C SER E 64 8.46 -9.41 24.62
N LYS E 65 9.19 -10.32 23.99
CA LYS E 65 9.82 -11.41 24.73
C LYS E 65 11.04 -10.94 25.50
N LYS E 66 11.70 -9.88 25.08
CA LYS E 66 12.84 -9.39 25.84
C LYS E 66 12.40 -8.61 27.07
N SER E 67 11.35 -7.79 26.94
CA SER E 67 10.87 -7.03 28.08
C SER E 67 10.30 -7.92 29.16
N LEU E 68 9.45 -8.88 28.77
CA LEU E 68 8.90 -9.83 29.74
C LEU E 68 10.01 -10.66 30.38
N TYR E 69 10.97 -11.13 29.59
CA TYR E 69 12.05 -11.93 30.13
C TYR E 69 12.88 -11.14 31.13
N GLN E 70 13.25 -9.92 30.78
CA GLN E 70 14.07 -9.11 31.67
C GLN E 70 13.32 -8.73 32.94
N VAL E 71 12.03 -8.38 32.84
CA VAL E 71 11.25 -8.07 34.03
C VAL E 71 11.06 -9.30 34.92
N LEU E 72 10.81 -10.47 34.34
CA LEU E 72 10.68 -11.68 35.15
C LEU E 72 11.99 -12.06 35.81
N LYS E 73 13.10 -11.92 35.10
CA LYS E 73 14.40 -12.22 35.70
C LYS E 73 14.71 -11.24 36.83
N THR E 74 14.37 -9.96 36.66
CA THR E 74 14.56 -9.00 37.73
C THR E 74 13.70 -9.34 38.94
N LEU E 75 12.43 -9.65 38.72
CA LEU E 75 11.54 -9.92 39.84
C LEU E 75 11.93 -11.19 40.58
N ARG E 76 12.31 -12.23 39.84
CA ARG E 76 12.63 -13.50 40.49
C ARG E 76 13.85 -13.38 41.38
N LEU E 77 14.86 -12.62 40.96
CA LEU E 77 16.11 -12.57 41.70
C LEU E 77 16.00 -11.76 42.98
N CYS E 78 15.34 -10.61 42.93
CA CYS E 78 15.31 -9.71 44.08
C CYS E 78 13.88 -9.46 44.56
N CYS E 79 13.07 -10.50 44.64
CA CYS E 79 11.80 -10.43 45.36
C CYS E 79 11.62 -11.67 46.22
N MET E 80 12.34 -12.74 45.88
CA MET E 80 12.24 -13.98 46.61
C MET E 80 13.40 -14.14 47.56
N GLY E 81 13.12 -14.63 48.77
CA GLY E 81 14.14 -14.80 49.77
C GLY E 81 13.60 -15.53 50.98
N ASP E 82 14.51 -16.05 51.78
CA ASP E 82 14.12 -16.87 52.93
C ASP E 82 13.43 -16.04 54.01
N LYS E 83 13.77 -14.77 54.13
CA LYS E 83 13.23 -13.92 55.18
C LYS E 83 11.73 -13.73 54.96
N PRO E 84 10.87 -14.05 55.92
CA PRO E 84 9.44 -13.83 55.74
C PRO E 84 9.10 -12.35 55.73
N CYS E 85 8.05 -12.02 54.98
CA CYS E 85 7.52 -10.67 54.98
C CYS E 85 6.77 -10.42 56.28
N GLU E 86 7.02 -9.26 56.89
CA GLU E 86 6.45 -8.94 58.20
C GLU E 86 5.15 -8.16 58.10
N LEU E 87 4.62 -7.96 56.89
CA LEU E 87 3.34 -7.30 56.73
C LEU E 87 2.21 -8.26 57.05
N GLU E 88 1.19 -7.78 57.75
CA GLU E 88 0.02 -8.55 58.10
C GLU E 88 -1.17 -8.02 57.34
N LEU E 89 -1.88 -8.91 56.65
CA LEU E 89 -3.06 -8.52 55.88
C LEU E 89 -4.28 -8.49 56.79
N LEU E 90 -5.05 -7.41 56.71
CA LEU E 90 -6.28 -7.30 57.47
C LEU E 90 -7.54 -7.36 56.61
N SER E 91 -7.45 -7.01 55.34
CA SER E 91 -8.61 -7.08 54.47
C SER E 91 -8.72 -8.46 53.84
N ASP E 92 -9.87 -8.73 53.24
CA ASP E 92 -10.03 -9.93 52.43
C ASP E 92 -9.46 -9.67 51.05
N PRO E 93 -8.43 -10.41 50.62
CA PRO E 93 -7.80 -10.12 49.31
C PRO E 93 -8.72 -10.25 48.13
N SER E 94 -9.75 -11.09 48.23
CA SER E 94 -10.63 -11.35 47.08
C SER E 94 -11.34 -10.09 46.63
N GLN E 95 -11.59 -9.16 47.55
CA GLN E 95 -12.24 -7.92 47.16
C GLN E 95 -11.34 -7.06 46.28
N VAL E 96 -10.03 -7.10 46.52
CA VAL E 96 -9.09 -6.30 45.76
C VAL E 96 -8.64 -7.01 44.50
N PHE E 97 -8.24 -8.28 44.61
CA PHE E 97 -7.81 -9.06 43.46
C PHE E 97 -9.00 -9.86 42.93
N HIS E 98 -9.95 -9.14 42.34
CA HIS E 98 -11.18 -9.74 41.83
C HIS E 98 -11.10 -10.01 40.33
N TYR E 99 -10.17 -10.88 39.96
CA TYR E 99 -10.08 -11.21 38.54
C TYR E 99 -10.05 -12.70 38.26
N ASP E 100 -9.41 -13.50 39.12
CA ASP E 100 -9.16 -14.90 38.82
C ASP E 100 -9.23 -15.70 40.12
N GLU E 101 -8.74 -16.93 40.08
CA GLU E 101 -8.65 -17.76 41.27
C GLU E 101 -7.42 -17.48 42.10
N PHE E 102 -6.55 -16.59 41.64
CA PHE E 102 -5.41 -16.12 42.43
C PHE E 102 -5.89 -14.90 43.22
N THR E 103 -6.56 -15.19 44.33
CA THR E 103 -7.19 -14.16 45.15
C THR E 103 -6.52 -14.00 46.50
N ASN E 104 -5.19 -14.02 46.52
CA ASN E 104 -4.44 -13.74 47.73
C ASN E 104 -3.12 -13.11 47.34
N VAL E 105 -2.54 -12.36 48.28
CA VAL E 105 -1.27 -11.70 48.00
C VAL E 105 -0.18 -12.75 47.81
N ASN E 106 0.83 -12.40 47.01
CA ASN E 106 1.83 -13.38 46.62
C ASN E 106 2.64 -13.88 47.81
N TYR E 107 2.92 -13.01 48.78
CA TYR E 107 3.76 -13.42 49.88
C TYR E 107 3.03 -14.27 50.92
N GLU E 108 1.72 -14.39 50.83
CA GLU E 108 0.95 -15.29 51.69
C GLU E 108 0.62 -16.61 51.00
N ASP E 109 1.13 -16.82 49.81
CA ASP E 109 0.90 -18.04 49.05
C ASP E 109 1.73 -19.20 49.61
N PRO E 110 1.13 -20.36 49.87
CA PRO E 110 1.87 -21.46 50.50
C PRO E 110 3.02 -22.02 49.69
N ASN E 111 3.05 -21.83 48.38
CA ASN E 111 4.11 -22.40 47.55
C ASN E 111 4.88 -21.32 46.81
N PHE E 112 5.22 -20.26 47.53
CA PHE E 112 6.11 -19.21 47.04
C PHE E 112 6.90 -18.67 48.24
N ASN E 113 8.07 -18.13 47.95
CA ASN E 113 8.90 -17.53 49.00
C ASN E 113 9.15 -16.06 48.74
N ILE E 114 8.09 -15.30 48.47
CA ILE E 114 8.23 -13.87 48.25
C ILE E 114 8.62 -13.19 49.56
N SER E 115 9.72 -12.44 49.52
CA SER E 115 10.22 -11.74 50.70
C SER E 115 9.98 -10.24 50.66
N ILE E 116 9.54 -9.71 49.53
CA ILE E 116 9.27 -8.28 49.38
C ILE E 116 8.24 -8.13 48.27
N PRO E 117 6.95 -8.00 48.60
CA PRO E 117 5.92 -7.98 47.56
C PRO E 117 5.95 -6.69 46.74
N VAL E 118 5.76 -6.84 45.44
CA VAL E 118 5.70 -5.72 44.50
C VAL E 118 4.26 -5.54 44.06
N PHE E 119 3.65 -4.43 44.45
CA PHE E 119 2.29 -4.15 44.02
C PHE E 119 2.32 -3.38 42.71
N GLY E 120 1.18 -2.83 42.30
CA GLY E 120 1.21 -1.99 41.11
C GLY E 120 -0.08 -1.87 40.34
N ILE E 121 -0.42 -0.64 39.95
CA ILE E 121 -1.59 -0.37 39.13
C ILE E 121 -1.17 -0.38 37.67
N SER E 122 -2.14 -0.49 36.77
CA SER E 122 -1.84 -0.43 35.35
C SER E 122 -1.71 1.02 34.90
N GLY E 123 -1.08 1.22 33.75
CA GLY E 123 -0.87 2.53 33.18
C GLY E 123 -1.72 2.72 31.93
N ASN E 124 -1.52 3.90 31.32
CA ASN E 124 -2.21 4.20 30.08
C ASN E 124 -1.53 3.58 28.86
N HIS E 125 -0.32 3.07 29.02
CA HIS E 125 0.40 2.37 27.96
C HIS E 125 0.21 0.85 28.04
N ASP E 126 0.47 0.27 29.20
CA ASP E 126 0.29 -1.17 29.40
C ASP E 126 -1.09 -1.46 29.98
N ASP E 127 -2.10 -0.98 29.27
CA ASP E 127 -3.48 -1.07 29.71
C ASP E 127 -4.13 -2.33 29.13
N ALA E 128 -5.30 -2.65 29.66
CA ALA E 128 -6.02 -3.85 29.26
C ALA E 128 -6.68 -3.62 27.91
N SER E 129 -6.22 -4.31 26.88
CA SER E 129 -6.82 -4.19 25.56
C SER E 129 -6.60 -5.49 24.81
N GLY E 130 -7.64 -6.30 24.71
CA GLY E 130 -7.59 -7.53 23.97
C GLY E 130 -8.97 -8.13 23.85
N ASP E 131 -9.01 -9.38 23.41
CA ASP E 131 -10.29 -10.08 23.35
C ASP E 131 -10.90 -10.25 24.73
N SER E 132 -10.08 -10.58 25.73
CA SER E 132 -10.53 -10.80 27.10
C SER E 132 -10.09 -9.69 28.04
N LEU E 133 -9.58 -8.58 27.51
CA LEU E 133 -9.16 -7.43 28.30
C LEU E 133 -8.12 -7.81 29.35
N LEU E 134 -6.97 -8.27 28.87
CA LEU E 134 -5.83 -8.61 29.70
C LEU E 134 -4.75 -7.55 29.53
N CYS E 135 -4.28 -7.02 30.63
CA CYS E 135 -3.15 -6.12 30.62
C CYS E 135 -1.87 -6.88 30.91
N PRO E 136 -0.70 -6.31 30.62
CA PRO E 136 0.55 -7.02 30.89
C PRO E 136 0.76 -7.38 32.35
N MET E 137 0.15 -6.66 33.29
CA MET E 137 0.32 -7.00 34.69
C MET E 137 -0.54 -8.17 35.13
N ASP E 138 -1.60 -8.49 34.39
CA ASP E 138 -2.37 -9.68 34.69
C ASP E 138 -1.60 -10.96 34.37
N ILE E 139 -0.64 -10.88 33.45
CA ILE E 139 0.26 -12.00 33.22
C ILE E 139 1.22 -12.16 34.38
N LEU E 140 1.80 -11.05 34.86
CA LEU E 140 2.74 -11.13 35.97
C LEU E 140 2.06 -11.56 37.25
N HIS E 141 0.80 -11.16 37.44
CA HIS E 141 0.04 -11.64 38.59
C HIS E 141 -0.14 -13.15 38.53
N ALA E 142 -0.26 -13.73 37.34
CA ALA E 142 -0.43 -15.17 37.20
C ALA E 142 0.86 -15.92 37.52
N THR E 143 2.01 -15.26 37.40
CA THR E 143 3.28 -15.87 37.76
C THR E 143 3.56 -15.84 39.25
N GLY E 144 2.83 -15.02 40.00
CA GLY E 144 3.03 -14.88 41.42
C GLY E 144 4.10 -13.91 41.85
N LEU E 145 4.65 -13.12 40.92
CA LEU E 145 5.78 -12.26 41.26
C LEU E 145 5.35 -10.85 41.61
N ILE E 146 4.25 -10.35 41.05
CA ILE E 146 3.64 -9.11 41.50
C ILE E 146 2.16 -9.39 41.75
N ASN E 147 1.49 -8.43 42.37
CA ASN E 147 0.06 -8.49 42.62
C ASN E 147 -0.57 -7.23 42.09
N HIS E 148 -1.20 -7.34 40.94
CA HIS E 148 -1.84 -6.22 40.27
C HIS E 148 -3.13 -5.85 40.99
N PHE E 149 -3.23 -4.60 41.44
CA PHE E 149 -4.40 -4.14 42.18
C PHE E 149 -4.93 -2.86 41.55
N GLY E 150 -6.15 -2.51 41.94
CA GLY E 150 -6.79 -1.33 41.40
C GLY E 150 -7.12 -1.47 39.93
N LYS E 151 -7.98 -2.42 39.59
CA LYS E 151 -8.38 -2.67 38.22
C LYS E 151 -9.85 -2.35 38.09
N VAL E 152 -10.19 -1.46 37.15
CA VAL E 152 -11.56 -1.02 36.97
C VAL E 152 -12.23 -1.91 35.92
N ILE E 153 -13.45 -2.35 36.22
CA ILE E 153 -14.18 -3.22 35.31
C ILE E 153 -15.04 -2.36 34.39
N GLU E 154 -15.93 -1.57 35.00
CA GLU E 154 -16.79 -0.65 34.27
C GLU E 154 -16.39 0.77 34.60
N SER E 155 -16.29 1.60 33.56
CA SER E 155 -15.80 2.97 33.75
C SER E 155 -16.85 3.87 34.37
N ASP E 156 -18.14 3.56 34.17
CA ASP E 156 -19.20 4.45 34.64
C ASP E 156 -19.25 4.48 36.18
N LYS E 157 -19.25 3.31 36.80
CA LYS E 157 -19.26 3.21 38.25
C LYS E 157 -17.93 2.62 38.72
N ILE E 158 -17.31 3.28 39.69
CA ILE E 158 -16.00 2.88 40.20
C ILE E 158 -16.09 2.71 41.70
N LYS E 159 -15.63 1.56 42.19
CA LYS E 159 -15.50 1.29 43.61
C LYS E 159 -14.03 1.00 43.90
N VAL E 160 -13.46 1.71 44.86
CA VAL E 160 -12.04 1.64 45.16
C VAL E 160 -11.88 0.93 46.50
N VAL E 161 -11.59 -0.36 46.45
CA VAL E 161 -11.38 -1.16 47.66
C VAL E 161 -9.90 -1.11 48.01
N PRO E 162 -9.53 -0.67 49.21
CA PRO E 162 -8.13 -0.58 49.58
C PRO E 162 -7.58 -1.88 50.14
N LEU E 163 -6.25 -1.99 50.12
CA LEU E 163 -5.53 -3.07 50.75
C LEU E 163 -5.07 -2.59 52.13
N LEU E 164 -5.46 -3.30 53.17
CA LEU E 164 -5.20 -2.89 54.54
C LEU E 164 -4.05 -3.70 55.11
N PHE E 165 -2.98 -3.03 55.50
CA PHE E 165 -1.78 -3.65 56.02
C PHE E 165 -1.51 -3.18 57.44
N GLN E 166 -0.82 -4.02 58.20
CA GLN E 166 -0.40 -3.65 59.53
C GLN E 166 0.95 -4.26 59.81
N LYS E 167 1.89 -3.43 60.26
CA LYS E 167 3.19 -3.87 60.73
C LYS E 167 3.42 -3.26 62.10
N GLY E 168 3.81 -4.08 63.06
CA GLY E 168 3.97 -3.61 64.43
C GLY E 168 2.71 -2.99 64.96
N SER E 169 2.72 -1.67 65.14
CA SER E 169 1.53 -0.93 65.56
C SER E 169 1.10 0.07 64.51
N THR E 170 1.63 -0.03 63.30
CA THR E 170 1.37 0.92 62.22
C THR E 170 0.48 0.27 61.18
N LYS E 171 -0.60 0.95 60.80
CA LYS E 171 -1.54 0.45 59.81
C LYS E 171 -1.46 1.29 58.55
N LEU E 172 -1.71 0.64 57.41
CA LEU E 172 -1.64 1.29 56.11
C LEU E 172 -2.86 0.92 55.29
N ALA E 173 -3.33 1.83 54.46
CA ALA E 173 -4.45 1.59 53.56
C ALA E 173 -4.03 1.99 52.16
N LEU E 174 -3.77 0.99 51.31
CA LEU E 174 -3.26 1.22 49.97
C LEU E 174 -4.41 1.30 48.99
N TYR E 175 -4.74 2.50 48.55
CA TYR E 175 -5.76 2.71 47.54
C TYR E 175 -5.10 2.77 46.17
N GLY E 176 -5.81 2.27 45.16
CA GLY E 176 -5.26 2.26 43.82
C GLY E 176 -6.30 2.41 42.75
N LEU E 177 -6.04 3.28 41.78
CA LEU E 177 -6.92 3.49 40.66
C LEU E 177 -6.11 3.36 39.38
N ALA E 178 -6.60 2.58 38.43
CA ALA E 178 -5.88 2.34 37.20
C ALA E 178 -5.86 3.61 36.34
N ALA E 179 -5.41 3.46 35.10
CA ALA E 179 -5.35 4.57 34.17
C ALA E 179 -6.46 4.40 33.13
N VAL E 180 -7.52 5.18 33.29
CA VAL E 180 -8.59 5.25 32.30
C VAL E 180 -8.63 6.68 31.78
N ARG E 181 -9.13 6.83 30.54
CA ARG E 181 -9.10 8.09 29.81
C ARG E 181 -9.51 9.26 30.69
N ASP E 182 -8.67 10.31 30.70
CA ASP E 182 -8.85 11.39 31.65
C ASP E 182 -10.19 12.09 31.45
N GLU E 183 -10.62 12.24 30.20
CA GLU E 183 -11.84 12.98 29.89
C GLU E 183 -13.09 12.14 30.02
N ARG E 184 -12.98 10.95 30.60
CA ARG E 184 -14.14 10.17 31.04
C ARG E 184 -14.15 9.95 32.53
N LEU E 185 -13.00 9.63 33.15
CA LEU E 185 -12.95 9.62 34.60
C LEU E 185 -13.26 10.98 35.18
N PHE E 186 -13.03 12.05 34.42
CA PHE E 186 -13.50 13.36 34.84
C PHE E 186 -15.00 13.37 35.00
N ARG E 187 -15.72 12.81 34.02
CA ARG E 187 -17.18 12.75 34.11
C ARG E 187 -17.63 11.84 35.23
N THR E 188 -16.95 10.71 35.42
CA THR E 188 -17.31 9.78 36.49
C THR E 188 -17.13 10.40 37.86
N PHE E 189 -16.03 11.13 38.07
CA PHE E 189 -15.85 11.84 39.32
C PHE E 189 -16.84 12.99 39.46
N LYS E 190 -17.26 13.58 38.34
CA LYS E 190 -18.12 14.74 38.39
C LYS E 190 -19.47 14.42 39.02
N ASP E 191 -20.14 13.38 38.53
CA ASP E 191 -21.44 12.99 39.05
C ASP E 191 -21.33 11.84 40.06
N GLY E 192 -20.54 12.09 41.11
CA GLY E 192 -20.39 11.20 42.24
C GLY E 192 -20.31 9.72 41.93
N GLY E 193 -19.61 9.36 40.87
CA GLY E 193 -19.56 7.98 40.44
C GLY E 193 -18.31 7.23 40.89
N VAL E 194 -17.59 7.79 41.86
CA VAL E 194 -16.38 7.17 42.39
C VAL E 194 -16.52 7.10 43.90
N THR E 195 -16.36 5.91 44.47
CA THR E 195 -16.56 5.68 45.89
C THR E 195 -15.33 5.02 46.48
N PHE E 196 -15.00 5.39 47.71
CA PHE E 196 -13.86 4.84 48.43
C PHE E 196 -14.35 4.08 49.65
N GLU E 197 -14.04 2.79 49.71
CA GLU E 197 -14.49 1.94 50.80
C GLU E 197 -13.52 2.08 51.97
N VAL E 198 -13.79 3.05 52.84
CA VAL E 198 -12.96 3.29 54.01
C VAL E 198 -13.08 2.11 54.96
N PRO E 199 -12.05 1.80 55.76
CA PRO E 199 -12.20 0.74 56.76
C PRO E 199 -13.19 1.13 57.84
N THR E 200 -13.88 0.11 58.36
CA THR E 200 -14.94 0.33 59.34
C THR E 200 -14.38 0.56 60.74
N MET E 201 -13.28 -0.10 61.10
CA MET E 201 -12.75 0.03 62.44
C MET E 201 -11.64 1.07 62.53
N ARG E 202 -11.61 1.75 63.67
CA ARG E 202 -10.53 2.66 64.07
C ARG E 202 -10.27 3.73 63.02
N GLU E 203 -11.21 4.65 62.91
CA GLU E 203 -11.02 5.82 62.07
C GLU E 203 -10.00 6.76 62.70
N GLY E 204 -9.07 7.26 61.89
CA GLY E 204 -8.05 8.19 62.35
C GLY E 204 -6.69 7.61 62.64
N GLU E 205 -6.43 6.37 62.22
CA GLU E 205 -5.18 5.68 62.50
C GLU E 205 -4.50 5.16 61.25
N TRP E 206 -5.15 5.22 60.10
CA TRP E 206 -4.59 4.64 58.89
C TRP E 206 -3.88 5.73 58.10
N PHE E 207 -2.77 5.35 57.47
CA PHE E 207 -2.12 6.18 56.47
C PHE E 207 -2.71 5.82 55.11
N ASN E 208 -3.52 6.71 54.56
CA ASN E 208 -4.26 6.41 53.34
C ASN E 208 -3.44 6.89 52.15
N LEU E 209 -2.83 5.94 51.45
CA LEU E 209 -1.96 6.21 50.31
C LEU E 209 -2.69 5.80 49.04
N MET E 210 -2.67 6.68 48.04
CA MET E 210 -3.35 6.41 46.77
C MET E 210 -2.41 6.58 45.60
N CYS E 211 -2.41 5.62 44.69
CA CYS E 211 -1.58 5.63 43.48
C CYS E 211 -2.48 5.95 42.30
N VAL E 212 -2.41 7.17 41.83
CA VAL E 212 -3.22 7.62 40.69
C VAL E 212 -2.29 7.80 39.50
N HIS E 213 -2.79 7.54 38.29
CA HIS E 213 -1.99 7.65 37.06
C HIS E 213 -2.65 8.50 35.99
N GLN E 214 -3.10 9.69 36.35
CA GLN E 214 -3.77 10.60 35.42
C GLN E 214 -2.94 11.85 35.20
N ASN E 215 -3.39 12.66 34.24
CA ASN E 215 -2.74 13.94 33.96
C ASN E 215 -2.91 14.88 35.14
N HIS E 216 -1.79 15.33 35.70
CA HIS E 216 -1.85 16.22 36.86
C HIS E 216 -2.46 17.56 36.50
N THR E 217 -1.98 18.17 35.42
CA THR E 217 -2.46 19.47 34.99
C THR E 217 -2.89 19.38 33.54
N GLY E 218 -3.94 20.13 33.21
CA GLY E 218 -4.38 20.20 31.84
C GLY E 218 -4.07 21.56 31.24
N HIS E 219 -3.06 21.60 30.35
CA HIS E 219 -2.75 22.86 29.68
C HIS E 219 -3.92 23.35 28.86
N THR E 220 -4.59 22.44 28.15
CA THR E 220 -5.87 22.75 27.56
C THR E 220 -6.96 22.62 28.62
N ASN E 221 -8.15 23.13 28.30
CA ASN E 221 -9.22 23.18 29.28
C ASN E 221 -9.64 21.79 29.74
N THR E 222 -9.73 20.84 28.80
CA THR E 222 -10.18 19.48 29.09
C THR E 222 -9.03 18.53 28.76
N ALA E 223 -8.12 18.33 29.71
CA ALA E 223 -7.03 17.40 29.48
C ALA E 223 -6.57 16.61 30.72
N PHE E 224 -7.24 16.75 31.86
CA PHE E 224 -6.63 16.28 33.11
C PHE E 224 -7.70 15.89 34.12
N LEU E 225 -7.24 15.53 35.32
CA LEU E 225 -8.07 15.30 36.49
C LEU E 225 -7.54 16.17 37.62
N PRO E 226 -8.39 16.98 38.26
CA PRO E 226 -7.91 17.89 39.30
C PRO E 226 -7.72 17.14 40.62
N GLU E 227 -7.03 17.82 41.53
CA GLU E 227 -6.85 17.30 42.88
C GLU E 227 -8.03 17.60 43.79
N GLN E 228 -9.03 18.32 43.30
CA GLN E 228 -10.21 18.64 44.10
C GLN E 228 -11.24 17.53 44.10
N PHE E 229 -11.12 16.56 43.19
CA PHE E 229 -12.02 15.42 43.17
C PHE E 229 -11.61 14.34 44.16
N LEU E 230 -10.36 14.31 44.58
CA LEU E 230 -9.86 13.29 45.49
C LEU E 230 -10.36 13.57 46.91
N PRO E 231 -10.65 12.53 47.69
CA PRO E 231 -11.24 12.74 49.02
C PRO E 231 -10.23 13.25 50.03
N ASP E 232 -10.76 13.88 51.08
CA ASP E 232 -9.94 14.57 52.05
C ASP E 232 -9.30 13.66 53.08
N PHE E 233 -9.73 12.40 53.18
CA PHE E 233 -9.16 11.51 54.18
C PHE E 233 -7.81 10.95 53.76
N LEU E 234 -7.42 11.12 52.50
CA LEU E 234 -6.14 10.62 52.04
C LEU E 234 -5.01 11.37 52.72
N ASP E 235 -3.90 10.67 52.96
CA ASP E 235 -2.73 11.27 53.56
C ASP E 235 -1.58 11.47 52.59
N MET E 236 -1.64 10.87 51.40
CA MET E 236 -0.58 10.99 50.42
C MET E 236 -1.10 10.53 49.08
N VAL E 237 -0.65 11.17 48.01
CA VAL E 237 -1.03 10.81 46.65
C VAL E 237 0.25 10.61 45.84
N ILE E 238 0.31 9.52 45.09
CA ILE E 238 1.46 9.19 44.26
C ILE E 238 1.03 9.38 42.81
N TRP E 239 1.45 10.46 42.19
CA TRP E 239 0.96 10.81 40.87
C TRP E 239 1.86 10.22 39.80
N GLY E 240 1.29 9.34 38.97
CA GLY E 240 2.00 8.77 37.85
C GLY E 240 1.71 9.51 36.56
N HIS E 241 2.10 8.89 35.46
CA HIS E 241 1.93 9.41 34.11
C HIS E 241 2.58 10.75 33.87
N GLU E 242 3.26 11.26 34.88
CA GLU E 242 4.00 12.52 34.79
C GLU E 242 5.48 12.20 34.89
N HIS E 243 6.22 12.49 33.84
CA HIS E 243 7.63 12.18 33.78
C HIS E 243 8.56 13.19 34.38
N GLU E 244 8.06 14.36 34.73
CA GLU E 244 8.91 15.37 35.34
C GLU E 244 9.07 15.07 36.82
N CYS E 245 10.27 14.66 37.21
CA CYS E 245 10.53 14.23 38.59
C CYS E 245 10.60 15.46 39.49
N ILE E 246 9.59 15.63 40.34
CA ILE E 246 9.61 16.65 41.38
C ILE E 246 9.96 15.94 42.70
N PRO E 247 11.16 16.16 43.25
CA PRO E 247 11.59 15.38 44.42
C PRO E 247 11.07 15.89 45.74
N ASN E 248 10.01 16.70 45.76
CA ASN E 248 9.45 17.23 46.99
C ASN E 248 7.98 16.85 47.09
N LEU E 249 7.46 16.89 48.32
CA LEU E 249 6.06 16.59 48.59
C LEU E 249 5.27 17.89 48.48
N VAL E 250 4.49 18.01 47.41
CA VAL E 250 3.65 19.19 47.21
C VAL E 250 2.44 19.08 48.12
N HIS E 251 2.36 19.93 49.12
CA HIS E 251 1.27 19.86 50.10
C HIS E 251 0.03 20.55 49.57
N ASN E 252 -1.12 19.88 49.70
CA ASN E 252 -2.39 20.48 49.35
C ASN E 252 -3.01 21.11 50.59
N PRO E 253 -3.22 22.42 50.62
CA PRO E 253 -3.60 23.07 51.87
C PRO E 253 -4.99 22.71 52.38
N ILE E 254 -5.94 22.53 51.46
CA ILE E 254 -7.33 22.35 51.88
C ILE E 254 -7.69 20.88 52.06
N LYS E 255 -7.27 20.01 51.15
CA LYS E 255 -7.60 18.60 51.26
C LYS E 255 -6.67 17.85 52.21
N ASN E 256 -5.58 18.48 52.65
CA ASN E 256 -4.68 17.93 53.66
C ASN E 256 -4.14 16.55 53.25
N PHE E 257 -3.40 16.55 52.14
CA PHE E 257 -2.58 15.41 51.78
C PHE E 257 -1.42 15.90 50.93
N ASP E 258 -0.38 15.08 50.87
CA ASP E 258 0.83 15.40 50.12
C ASP E 258 0.82 14.67 48.79
N VAL E 259 1.05 15.40 47.73
CA VAL E 259 1.19 14.80 46.40
C VAL E 259 2.65 14.50 46.16
N LEU E 260 2.92 13.34 45.55
CA LEU E 260 4.27 12.99 45.15
C LEU E 260 4.26 12.71 43.66
N GLN E 261 5.27 13.23 42.96
CA GLN E 261 5.41 13.00 41.54
C GLN E 261 6.76 12.36 41.28
N PRO E 262 6.88 11.04 41.41
CA PRO E 262 8.22 10.43 41.29
C PRO E 262 8.88 10.68 39.95
N GLY E 263 8.11 10.70 38.87
CA GLY E 263 8.69 10.92 37.57
C GLY E 263 8.73 9.67 36.71
N SER E 264 9.92 9.27 36.30
CA SER E 264 10.08 8.07 35.49
C SER E 264 11.52 7.59 35.63
N SER E 265 11.76 6.36 35.19
CA SER E 265 13.09 5.79 35.21
C SER E 265 13.84 5.99 33.91
N VAL E 266 13.13 6.12 32.79
CA VAL E 266 13.74 6.30 31.48
C VAL E 266 13.09 7.50 30.81
N ALA E 267 13.86 8.19 29.98
CA ALA E 267 13.37 9.35 29.25
C ALA E 267 12.80 8.88 27.92
N THR E 268 11.49 8.89 27.79
CA THR E 268 10.81 8.38 26.61
C THR E 268 10.64 9.43 25.51
N SER E 269 10.85 10.70 25.80
CA SER E 269 10.79 11.75 24.78
C SER E 269 11.77 12.84 25.16
N LEU E 270 12.71 13.13 24.28
CA LEU E 270 13.76 14.09 24.60
C LEU E 270 13.18 15.50 24.67
N CYS E 271 13.04 16.03 25.87
CA CYS E 271 12.50 17.37 26.09
C CYS E 271 12.89 17.81 27.49
N GLU E 272 12.41 19.00 27.87
CA GLU E 272 12.83 19.57 29.15
C GLU E 272 12.19 18.84 30.34
N ALA E 273 11.01 18.25 30.13
CA ALA E 273 10.36 17.50 31.20
C ALA E 273 11.26 16.37 31.71
N GLU E 274 11.89 15.64 30.80
CA GLU E 274 12.79 14.55 31.17
C GLU E 274 14.25 14.98 31.23
N ALA E 275 14.52 16.25 31.48
CA ALA E 275 15.89 16.73 31.65
C ALA E 275 16.19 17.09 33.09
N GLN E 276 15.30 16.78 34.00
CA GLN E 276 15.50 16.97 35.42
C GLN E 276 16.05 15.71 36.06
N PRO E 277 16.80 15.83 37.15
CA PRO E 277 17.33 14.63 37.81
C PRO E 277 16.19 13.70 38.21
N LYS E 278 16.39 12.41 37.98
CA LYS E 278 15.38 11.40 38.23
C LYS E 278 15.73 10.58 39.44
N TYR E 279 14.73 10.27 40.26
CA TYR E 279 14.89 9.61 41.54
C TYR E 279 13.90 8.46 41.68
N VAL E 280 14.16 7.60 42.65
CA VAL E 280 13.16 6.69 43.20
C VAL E 280 13.10 6.96 44.69
N PHE E 281 11.90 7.15 45.22
CA PHE E 281 11.75 7.64 46.58
C PHE E 281 11.48 6.50 47.54
N ILE E 282 11.72 6.75 48.82
CA ILE E 282 11.49 5.77 49.87
C ILE E 282 10.65 6.41 50.97
N LEU E 283 9.53 5.80 51.29
CA LEU E 283 8.62 6.29 52.32
C LEU E 283 8.87 5.52 53.60
N ASP E 284 8.64 6.19 54.74
CA ASP E 284 8.98 5.63 56.05
C ASP E 284 7.84 5.81 57.03
N ILE E 285 6.66 5.33 56.63
CA ILE E 285 5.46 5.42 57.47
C ILE E 285 5.72 4.83 58.84
N LYS E 286 5.31 5.56 59.89
CA LYS E 286 5.32 5.05 61.26
C LYS E 286 4.30 5.85 62.05
N TYR E 287 3.57 5.16 62.92
CA TYR E 287 2.55 5.86 63.71
C TYR E 287 3.19 6.65 64.84
N GLY E 288 2.76 7.89 64.99
CA GLY E 288 3.29 8.76 66.03
C GLY E 288 3.87 10.04 65.49
N GLU E 289 4.52 9.96 64.33
CA GLU E 289 5.13 11.12 63.69
C GLU E 289 4.76 11.13 62.22
N ALA E 290 5.19 12.18 61.52
CA ALA E 290 4.96 12.33 60.10
C ALA E 290 5.93 11.44 59.32
N PRO E 291 5.53 10.98 58.13
CA PRO E 291 6.45 10.19 57.31
C PRO E 291 7.62 11.03 56.83
N LYS E 292 8.74 10.35 56.58
CA LYS E 292 9.96 11.00 56.12
C LYS E 292 10.35 10.42 54.77
N MET E 293 10.46 11.29 53.76
CA MET E 293 10.86 10.90 52.42
C MET E 293 12.39 10.87 52.32
N THR E 294 12.88 10.14 51.32
CA THR E 294 14.31 10.05 51.07
C THR E 294 14.51 9.70 49.62
N PRO E 295 14.62 10.70 48.74
CA PRO E 295 14.99 10.42 47.36
C PRO E 295 16.40 9.85 47.28
N ILE E 296 16.59 8.92 46.36
CA ILE E 296 17.91 8.37 46.06
C ILE E 296 18.08 8.37 44.56
N PRO E 297 19.07 9.09 44.01
CA PRO E 297 19.17 9.24 42.56
C PRO E 297 19.45 7.91 41.87
N LEU E 298 18.99 7.82 40.63
CA LEU E 298 19.27 6.65 39.80
C LEU E 298 20.60 6.84 39.09
N GLU E 299 21.43 5.79 39.11
CA GLU E 299 22.79 5.85 38.60
C GLU E 299 22.99 5.05 37.32
N THR E 300 21.91 4.76 36.60
CA THR E 300 22.01 4.06 35.32
C THR E 300 21.24 4.82 34.24
N ILE E 301 21.10 6.13 34.40
CA ILE E 301 20.34 6.95 33.47
C ILE E 301 21.30 7.72 32.59
N ARG E 302 21.14 7.58 31.27
CA ARG E 302 22.06 8.18 30.32
C ARG E 302 22.04 9.70 30.44
N THR E 303 23.22 10.31 30.30
CA THR E 303 23.33 11.75 30.49
C THR E 303 22.66 12.48 29.33
N PHE E 304 21.67 13.30 29.66
CA PHE E 304 20.83 13.98 28.69
C PHE E 304 21.02 15.49 28.87
N LYS E 305 21.39 16.17 27.78
CA LYS E 305 21.58 17.61 27.79
C LYS E 305 20.59 18.24 26.81
N MET E 306 19.82 19.21 27.30
CA MET E 306 18.76 19.82 26.52
C MET E 306 19.00 21.32 26.41
N LYS E 307 19.02 21.82 25.19
CA LYS E 307 19.12 23.25 24.93
C LYS E 307 18.11 23.62 23.87
N SER E 308 17.52 24.80 24.01
CA SER E 308 16.48 25.27 23.11
C SER E 308 16.76 26.72 22.75
N ILE E 309 17.03 26.98 21.48
CA ILE E 309 17.35 28.32 21.03
C ILE E 309 16.41 28.68 19.87
N SER E 310 16.22 29.98 19.70
CA SER E 310 15.48 30.53 18.57
C SER E 310 16.47 31.17 17.63
N LEU E 311 16.45 30.76 16.37
CA LEU E 311 17.52 31.13 15.45
C LEU E 311 17.55 32.63 15.18
N GLN E 312 16.41 33.31 15.32
CA GLN E 312 16.33 34.71 14.94
C GLN E 312 17.01 35.64 15.94
N ASP E 313 17.15 35.23 17.20
CA ASP E 313 17.74 36.11 18.20
C ASP E 313 19.21 36.40 17.90
N VAL E 314 19.94 35.39 17.44
CA VAL E 314 21.37 35.55 17.19
C VAL E 314 21.57 36.40 15.94
N PRO E 315 22.35 37.48 15.99
CA PRO E 315 22.62 38.27 14.79
C PRO E 315 23.54 37.54 13.83
N HIS E 316 23.96 38.21 12.76
CA HIS E 316 24.89 37.67 11.76
C HIS E 316 24.46 36.28 11.28
N LEU E 317 23.15 36.09 11.16
CA LEU E 317 22.58 34.85 10.62
C LEU E 317 21.58 35.23 9.54
N ARG E 318 22.05 35.36 8.32
CA ARG E 318 21.17 35.72 7.22
C ARG E 318 20.42 34.49 6.73
N PRO E 319 19.09 34.53 6.68
CA PRO E 319 18.31 33.30 6.43
C PRO E 319 18.53 32.68 5.06
N HIS E 320 19.02 33.42 4.07
CA HIS E 320 19.07 32.89 2.71
C HIS E 320 20.06 31.73 2.59
N ASP E 321 21.22 31.84 3.23
CA ASP E 321 22.20 30.76 3.17
C ASP E 321 21.87 29.67 4.17
N LYS E 322 22.35 28.46 3.89
CA LYS E 322 22.15 27.32 4.77
C LYS E 322 23.47 26.74 5.25
N ASP E 323 24.57 27.47 5.11
CA ASP E 323 25.86 27.03 5.61
C ASP E 323 26.44 27.90 6.71
N ALA E 324 26.06 29.18 6.78
CA ALA E 324 26.49 30.00 7.91
C ALA E 324 25.68 29.71 9.17
N THR E 325 24.47 29.15 9.03
CA THR E 325 23.72 28.68 10.18
C THR E 325 24.07 27.24 10.55
N SER E 326 24.41 26.42 9.56
CA SER E 326 24.88 25.08 9.87
C SER E 326 26.18 25.09 10.66
N LYS E 327 27.11 25.99 10.32
CA LYS E 327 28.36 26.10 11.06
C LYS E 327 28.16 26.61 12.48
N TYR E 328 27.03 27.25 12.76
CA TYR E 328 26.68 27.69 14.10
C TYR E 328 26.01 26.58 14.90
N LEU E 329 25.06 25.88 14.28
CA LEU E 329 24.42 24.77 14.94
C LEU E 329 25.42 23.67 15.26
N ILE E 330 26.35 23.40 14.35
CA ILE E 330 27.35 22.37 14.57
C ILE E 330 28.19 22.69 15.80
N GLU E 331 28.65 23.93 15.91
CA GLU E 331 29.46 24.30 17.05
C GLU E 331 28.65 24.38 18.35
N GLN E 332 27.37 24.74 18.28
CA GLN E 332 26.56 24.71 19.50
C GLN E 332 26.36 23.29 20.01
N VAL E 333 26.05 22.36 19.10
CA VAL E 333 25.90 20.96 19.50
C VAL E 333 27.20 20.40 20.01
N GLU E 334 28.33 20.75 19.38
CA GLU E 334 29.60 20.24 19.85
C GLU E 334 30.05 20.92 21.14
N GLU E 335 29.52 22.11 21.44
CA GLU E 335 29.77 22.69 22.74
C GLU E 335 29.01 21.96 23.84
N MET E 336 27.74 21.65 23.60
CA MET E 336 26.99 20.95 24.63
C MET E 336 27.17 19.44 24.60
N ILE E 337 27.97 18.91 23.67
CA ILE E 337 28.44 17.53 23.80
C ILE E 337 29.51 17.44 24.87
N ARG E 338 30.46 18.37 24.89
CA ARG E 338 31.54 18.29 25.86
C ARG E 338 31.07 18.56 27.28
N ASP E 339 30.03 19.37 27.46
CA ASP E 339 29.42 19.50 28.78
C ASP E 339 28.84 18.18 29.25
N ALA E 340 28.12 17.47 28.36
CA ALA E 340 27.56 16.18 28.74
C ALA E 340 28.64 15.17 29.07
N ASN E 341 29.71 15.14 28.27
CA ASN E 341 30.80 14.21 28.56
C ASN E 341 31.50 14.56 29.86
N GLU E 342 31.69 15.85 30.13
CA GLU E 342 32.30 16.25 31.39
C GLU E 342 31.45 15.84 32.58
N GLU E 343 30.13 16.03 32.48
CA GLU E 343 29.25 15.60 33.57
C GLU E 343 29.25 14.08 33.72
N THR E 344 29.25 13.34 32.61
CA THR E 344 29.31 11.88 32.70
C THR E 344 30.59 11.42 33.39
N LYS E 345 31.74 11.99 33.01
CA LYS E 345 32.99 11.62 33.63
C LYS E 345 33.06 12.03 35.09
N GLN E 346 32.54 13.21 35.44
CA GLN E 346 32.53 13.67 36.82
C GLN E 346 31.61 12.86 37.70
N LYS E 347 30.52 12.31 37.16
CA LYS E 347 29.66 11.42 37.92
C LYS E 347 30.15 9.98 37.96
N LEU E 348 30.96 9.55 36.97
CA LEU E 348 31.50 8.20 36.97
C LEU E 348 32.78 8.07 37.78
N ALA E 349 33.55 9.16 37.93
CA ALA E 349 34.77 9.13 38.73
C ALA E 349 34.55 9.71 40.12
N ASP E 350 33.31 9.70 40.61
CA ASP E 350 33.01 10.20 41.94
C ASP E 350 32.22 9.17 42.76
N ASP E 351 32.15 7.92 42.31
CA ASP E 351 31.50 6.86 43.05
C ASP E 351 32.45 5.74 43.46
N GLY E 352 33.75 5.88 43.19
CA GLY E 352 34.70 4.82 43.50
C GLY E 352 35.57 4.46 42.32
N GLU E 353 35.53 5.28 41.27
CA GLU E 353 36.29 5.07 40.04
C GLU E 353 37.11 6.31 39.72
N GLY E 354 37.81 6.82 40.72
CA GLY E 354 38.68 7.97 40.58
C GLY E 354 40.09 7.64 40.12
N ASP E 355 40.37 6.38 39.80
CA ASP E 355 41.68 5.98 39.29
C ASP E 355 41.63 5.22 37.98
N MET E 356 40.47 4.73 37.55
CA MET E 356 40.33 3.95 36.33
C MET E 356 39.54 4.75 35.31
N VAL E 357 39.99 4.71 34.05
CA VAL E 357 39.36 5.41 32.95
C VAL E 357 38.78 4.38 31.99
N ALA E 358 37.50 4.55 31.66
CA ALA E 358 36.79 3.67 30.73
C ALA E 358 36.04 4.52 29.73
N GLU E 359 35.57 3.86 28.67
CA GLU E 359 34.82 4.56 27.63
C GLU E 359 33.50 5.07 28.20
N LEU E 360 33.33 6.38 28.21
CA LEU E 360 32.11 6.96 28.74
C LEU E 360 30.91 6.57 27.87
N PRO E 361 29.76 6.29 28.47
CA PRO E 361 28.55 6.08 27.66
C PRO E 361 28.22 7.33 26.87
N LYS E 362 27.76 7.13 25.64
CA LYS E 362 27.44 8.25 24.78
C LYS E 362 26.22 8.98 25.32
N PRO E 363 26.27 10.29 25.47
CA PRO E 363 25.14 11.02 26.05
C PRO E 363 23.99 11.12 25.07
N LEU E 364 22.86 11.58 25.60
CA LEU E 364 21.72 11.98 24.79
C LEU E 364 21.78 13.49 24.62
N ILE E 365 21.79 13.94 23.37
CA ILE E 365 21.89 15.36 23.05
C ILE E 365 20.65 15.74 22.26
N ARG E 366 20.06 16.88 22.60
CA ARG E 366 18.91 17.40 21.86
C ARG E 366 18.97 18.92 21.86
N LEU E 367 19.05 19.51 20.68
CA LEU E 367 19.01 20.95 20.49
C LEU E 367 17.74 21.29 19.73
N ARG E 368 16.91 22.15 20.31
CA ARG E 368 15.70 22.64 19.66
C ARG E 368 15.98 24.04 19.13
N VAL E 369 15.82 24.21 17.82
CA VAL E 369 16.14 25.48 17.17
C VAL E 369 14.91 25.94 16.40
N ASP E 370 14.62 27.24 16.51
CA ASP E 370 13.41 27.84 15.96
C ASP E 370 13.79 28.60 14.69
N TYR E 371 13.57 27.97 13.54
CA TYR E 371 13.91 28.59 12.27
C TYR E 371 12.75 29.41 11.71
N SER E 372 12.20 30.29 12.55
CA SER E 372 11.16 31.19 12.10
C SER E 372 11.79 32.44 11.51
N ALA E 373 11.11 33.03 10.54
CA ALA E 373 11.60 34.25 9.92
C ALA E 373 11.55 35.40 10.93
N PRO E 374 12.50 36.32 10.87
CA PRO E 374 12.49 37.43 11.82
C PRO E 374 11.25 38.30 11.66
N SER E 375 10.89 38.98 12.75
CA SER E 375 9.69 39.84 12.73
C SER E 375 9.86 41.02 11.78
N ASN E 376 11.09 41.42 11.49
CA ASN E 376 11.31 42.59 10.65
C ASN E 376 11.05 42.28 9.18
N THR E 377 11.44 41.11 8.70
CA THR E 377 11.28 40.75 7.31
C THR E 377 10.10 39.78 7.15
N GLN E 378 9.19 40.11 6.26
CA GLN E 378 7.98 39.33 6.06
C GLN E 378 8.01 38.48 4.80
N SER E 379 9.21 38.16 4.32
CA SER E 379 9.38 37.32 3.14
C SER E 379 8.92 35.90 3.45
N PRO E 380 8.35 35.18 2.46
CA PRO E 380 7.88 33.81 2.74
C PRO E 380 9.00 32.88 3.14
N ILE E 381 10.21 33.09 2.63
CA ILE E 381 11.34 32.23 2.96
C ILE E 381 11.90 32.61 4.32
N ASP E 382 11.91 31.66 5.25
CA ASP E 382 12.55 31.80 6.55
C ASP E 382 13.97 31.22 6.48
N TYR E 383 14.58 31.00 7.65
CA TYR E 383 15.91 30.43 7.68
C TYR E 383 15.95 29.09 6.96
N GLN E 384 16.97 28.89 6.15
CA GLN E 384 17.14 27.64 5.42
C GLN E 384 18.06 26.72 6.20
N VAL E 385 17.57 25.53 6.51
CA VAL E 385 18.28 24.55 7.31
C VAL E 385 18.23 23.21 6.59
N GLU E 386 19.19 22.34 6.89
CA GLU E 386 19.34 21.11 6.12
C GLU E 386 18.51 20.00 6.74
N ASN E 387 18.70 18.78 6.24
CA ASN E 387 17.89 17.66 6.68
C ASN E 387 18.15 17.38 8.16
N PRO E 388 17.11 17.30 9.00
CA PRO E 388 17.34 17.06 10.43
C PRO E 388 18.05 15.75 10.72
N ARG E 389 17.80 14.71 9.92
CA ARG E 389 18.44 13.42 10.18
C ARG E 389 19.87 13.40 9.63
N ARG E 390 20.10 14.02 8.48
CA ARG E 390 21.46 14.09 7.96
C ARG E 390 22.33 15.05 8.75
N PHE E 391 21.74 16.09 9.33
CA PHE E 391 22.50 16.94 10.23
C PHE E 391 22.89 16.21 11.51
N SER E 392 22.01 15.37 12.03
CA SER E 392 22.30 14.63 13.24
C SER E 392 23.12 13.38 12.99
N ASN E 393 23.24 12.94 11.74
CA ASN E 393 24.14 11.84 11.41
C ASN E 393 25.59 12.25 11.38
N ARG E 394 25.88 13.55 11.51
CA ARG E 394 27.26 14.00 11.57
C ARG E 394 27.93 13.69 12.88
N PHE E 395 27.15 13.39 13.93
CA PHE E 395 27.69 13.15 15.26
C PHE E 395 27.62 11.68 15.65
N VAL E 396 27.47 10.77 14.69
CA VAL E 396 27.47 9.35 15.01
C VAL E 396 28.80 8.97 15.63
N GLY E 397 28.75 8.11 16.64
CA GLY E 397 29.93 7.73 17.38
C GLY E 397 30.25 8.62 18.55
N ARG E 398 29.49 9.70 18.74
CA ARG E 398 29.67 10.59 19.88
C ARG E 398 28.37 10.93 20.59
N VAL E 399 27.23 10.45 20.11
CA VAL E 399 25.93 10.78 20.67
C VAL E 399 25.04 9.56 20.59
N ALA E 400 24.24 9.34 21.64
CA ALA E 400 23.39 8.16 21.71
C ALA E 400 22.30 8.19 20.62
N ASN E 401 21.60 9.31 20.48
CA ASN E 401 20.57 9.45 19.45
C ASN E 401 21.21 10.04 18.21
N GLY E 402 21.58 9.18 17.27
CA GLY E 402 22.25 9.66 16.09
C GLY E 402 21.38 10.21 15.00
N ASN E 403 20.05 10.20 15.18
CA ASN E 403 19.13 10.63 14.14
C ASN E 403 18.26 11.81 14.54
N ASN E 404 18.19 12.16 15.82
CA ASN E 404 17.36 13.27 16.28
C ASN E 404 18.11 14.12 17.28
N VAL E 405 19.34 14.49 16.95
CA VAL E 405 20.07 15.44 17.77
C VAL E 405 19.41 16.81 17.71
N VAL E 406 18.89 17.19 16.55
CA VAL E 406 18.36 18.52 16.32
C VAL E 406 16.91 18.42 15.88
N GLN E 407 16.09 19.34 16.36
CA GLN E 407 14.68 19.39 15.99
C GLN E 407 14.34 20.82 15.59
N PHE E 408 13.69 20.95 14.44
CA PHE E 408 13.35 22.25 13.88
C PHE E 408 11.85 22.49 14.04
N TYR E 409 11.49 23.70 14.49
CA TYR E 409 10.10 24.04 14.71
C TYR E 409 9.91 25.53 14.49
N LYS E 410 8.65 25.94 14.39
CA LYS E 410 8.26 27.33 14.22
C LYS E 410 7.57 27.81 15.48
N LYS E 411 8.04 28.90 16.07
CA LYS E 411 7.37 29.52 17.20
C LYS E 411 6.40 30.55 16.64
N ARG E 412 5.14 30.18 16.54
CA ARG E 412 4.11 31.02 15.96
C ARG E 412 3.48 31.93 17.01
N GLY E 442 -11.11 36.32 -4.95
CA GLY E 442 -11.73 35.70 -6.10
C GLY E 442 -10.74 35.38 -7.20
N GLU E 443 -10.42 36.37 -8.02
CA GLU E 443 -9.48 36.19 -9.12
C GLU E 443 -8.57 37.40 -9.26
N LEU E 444 -7.91 37.76 -8.16
CA LEU E 444 -7.00 38.91 -8.11
C LEU E 444 -7.65 40.14 -8.70
N GLU E 445 -8.82 40.49 -8.16
CA GLU E 445 -9.59 41.65 -8.61
C GLU E 445 -9.76 41.64 -10.13
N VAL E 446 -10.36 40.57 -10.64
CA VAL E 446 -10.58 40.39 -12.06
C VAL E 446 -9.31 40.63 -12.87
N GLN E 447 -9.31 41.71 -13.64
CA GLN E 447 -8.15 42.03 -14.47
C GLN E 447 -7.23 43.05 -13.80
N THR E 448 -7.17 43.04 -12.48
CA THR E 448 -6.31 43.96 -11.77
C THR E 448 -4.86 43.72 -12.18
N LEU E 449 -4.46 42.46 -12.17
CA LEU E 449 -3.11 42.07 -12.55
C LEU E 449 -3.00 42.04 -14.06
N VAL E 450 -4.14 41.85 -14.73
CA VAL E 450 -4.19 41.80 -16.19
C VAL E 450 -4.20 43.19 -16.80
N ASN E 451 -4.52 44.19 -15.97
CA ASN E 451 -4.56 45.57 -16.42
C ASN E 451 -3.22 46.01 -17.00
N ASP E 452 -2.14 45.66 -16.30
CA ASP E 452 -0.80 45.99 -16.75
C ASP E 452 -0.58 45.46 -18.16
N LEU E 453 -0.90 44.18 -18.35
CA LEU E 453 -0.77 43.54 -19.64
C LEU E 453 -1.70 44.18 -20.66
N LEU E 454 -2.91 44.51 -20.22
CA LEU E 454 -3.89 45.14 -21.10
C LEU E 454 -3.33 46.37 -21.78
N ASN E 455 -2.70 47.24 -20.99
CA ASN E 455 -2.12 48.47 -21.53
C ASN E 455 -0.87 48.23 -22.35
N LYS E 456 -0.18 47.13 -22.07
CA LYS E 456 1.03 46.78 -22.80
C LYS E 456 0.76 45.79 -23.93
N MET E 457 -0.48 45.34 -24.04
CA MET E 457 -0.86 44.39 -25.08
C MET E 457 -0.49 44.95 -26.44
N GLN E 458 -0.87 46.20 -26.67
CA GLN E 458 -0.55 46.91 -27.91
C GLN E 458 -0.93 46.16 -29.19
N LEU E 459 -2.21 45.95 -29.46
CA LEU E 459 -2.54 45.30 -30.72
C LEU E 459 -2.68 46.38 -31.77
N SER E 460 -2.87 45.97 -33.01
CA SER E 460 -2.85 46.95 -34.09
C SER E 460 -4.22 47.14 -34.77
N LEU E 461 -5.22 46.26 -34.51
CA LEU E 461 -6.60 46.42 -35.01
C LEU E 461 -7.63 46.52 -33.86
N LEU E 462 -7.60 45.57 -32.90
CA LEU E 462 -8.56 45.51 -31.78
C LEU E 462 -8.27 46.60 -30.71
N PRO E 463 -9.27 47.44 -30.36
CA PRO E 463 -9.21 48.33 -29.18
C PRO E 463 -9.09 47.56 -27.86
N GLU E 464 -8.09 47.95 -27.04
CA GLU E 464 -7.79 47.38 -25.73
C GLU E 464 -8.95 47.48 -24.73
N VAL E 465 -9.60 48.66 -24.66
CA VAL E 465 -10.68 48.97 -23.71
C VAL E 465 -11.95 48.14 -23.92
N GLY E 466 -12.35 47.95 -25.20
CA GLY E 466 -13.53 47.16 -25.56
C GLY E 466 -13.27 45.66 -25.39
N LEU E 467 -12.00 45.23 -25.51
CA LEU E 467 -11.58 43.84 -25.39
C LEU E 467 -11.35 43.41 -23.93
N ASN E 468 -10.80 44.31 -23.11
CA ASN E 468 -10.66 43.98 -21.71
C ASN E 468 -12.08 43.94 -21.15
N GLU E 469 -12.95 44.81 -21.67
CA GLU E 469 -14.33 44.89 -21.27
C GLU E 469 -15.16 43.86 -22.01
N ALA E 470 -14.60 43.32 -23.09
CA ALA E 470 -15.31 42.31 -23.85
C ALA E 470 -15.13 40.97 -23.14
N VAL E 471 -14.03 40.85 -22.41
CA VAL E 471 -13.73 39.63 -21.66
C VAL E 471 -14.22 39.77 -20.24
N LYS E 472 -14.17 40.99 -19.70
CA LYS E 472 -14.66 41.24 -18.35
C LYS E 472 -16.12 40.85 -18.32
N LYS E 473 -16.88 41.36 -19.29
CA LYS E 473 -18.27 41.02 -19.40
C LYS E 473 -18.42 39.50 -19.55
N PHE E 474 -17.56 38.90 -20.36
CA PHE E 474 -17.59 37.45 -20.56
C PHE E 474 -17.44 36.75 -19.24
N VAL E 475 -16.30 36.96 -18.59
CA VAL E 475 -16.01 36.32 -17.32
C VAL E 475 -16.93 36.77 -16.20
N ASP E 476 -17.13 38.08 -16.12
CA ASP E 476 -17.95 38.68 -15.06
C ASP E 476 -19.46 38.46 -15.00
N LYS E 477 -20.13 38.53 -16.14
CA LYS E 477 -21.59 38.38 -16.16
C LYS E 477 -22.05 37.26 -17.07
N ASP E 478 -21.39 36.11 -16.88
CA ASP E 478 -21.59 34.86 -17.61
C ASP E 478 -22.25 34.93 -18.98
N GLU E 479 -21.79 35.86 -19.80
CA GLU E 479 -22.39 35.97 -21.08
C GLU E 479 -21.62 35.19 -22.03
N LYS E 480 -21.81 33.90 -22.02
CA LYS E 480 -21.13 32.94 -22.90
C LYS E 480 -20.59 33.31 -24.29
N THR E 481 -21.26 34.18 -25.03
CA THR E 481 -20.85 34.59 -26.34
C THR E 481 -20.47 36.05 -26.39
N ALA E 482 -20.21 36.67 -25.26
CA ALA E 482 -19.84 38.08 -25.23
C ALA E 482 -18.60 38.48 -25.88
N LEU E 483 -17.64 37.56 -25.89
CA LEU E 483 -16.35 37.76 -26.46
C LEU E 483 -16.53 37.54 -27.86
N LYS E 484 -17.11 36.39 -28.18
CA LYS E 484 -17.34 35.94 -29.53
C LYS E 484 -17.83 36.98 -30.46
N GLU E 485 -18.89 37.71 -30.14
CA GLU E 485 -19.32 38.69 -31.07
C GLU E 485 -18.41 39.84 -31.18
N PHE E 486 -17.78 40.34 -30.11
CA PHE E 486 -16.86 41.50 -30.13
C PHE E 486 -15.85 41.43 -31.16
N ILE E 487 -15.26 40.28 -31.34
CA ILE E 487 -14.29 40.03 -32.35
C ILE E 487 -15.01 40.01 -33.65
N SER E 488 -16.20 39.46 -33.75
CA SER E 488 -16.82 39.43 -35.07
C SER E 488 -17.53 40.67 -35.52
N HIS E 489 -17.60 41.67 -34.68
CA HIS E 489 -18.12 42.94 -35.09
C HIS E 489 -16.89 43.44 -35.82
N GLU E 490 -15.69 43.34 -35.29
CA GLU E 490 -14.45 43.76 -35.97
C GLU E 490 -14.12 43.23 -37.34
N ILE E 491 -14.67 42.08 -37.67
CA ILE E 491 -14.58 41.47 -38.96
C ILE E 491 -15.85 41.76 -39.74
N SER E 492 -16.42 42.95 -39.54
CA SER E 492 -17.59 43.46 -40.18
C SER E 492 -17.26 44.90 -40.20
N ASN E 493 -17.55 45.65 -39.13
CA ASN E 493 -17.35 47.11 -39.05
C ASN E 493 -16.10 47.62 -39.69
N GLU E 494 -15.00 47.04 -39.30
CA GLU E 494 -13.78 47.49 -39.89
C GLU E 494 -13.39 46.84 -41.21
N VAL E 495 -14.28 46.09 -41.87
CA VAL E 495 -13.91 45.54 -43.14
C VAL E 495 -14.25 46.69 -44.01
N GLY E 496 -15.55 46.87 -44.20
CA GLY E 496 -16.14 47.93 -44.99
C GLY E 496 -15.47 49.28 -44.79
N ILE E 497 -15.29 49.71 -43.55
CA ILE E 497 -14.58 50.94 -43.22
C ILE E 497 -13.23 51.13 -43.90
N LEU E 498 -12.55 50.03 -44.19
CA LEU E 498 -11.25 50.06 -44.84
C LEU E 498 -11.49 49.90 -46.33
N SER E 499 -12.60 49.26 -46.65
CA SER E 499 -13.00 49.06 -48.03
C SER E 499 -13.41 50.42 -48.54
N THR E 500 -13.55 51.40 -47.63
CA THR E 500 -13.93 52.73 -48.09
C THR E 500 -12.74 53.62 -48.49
N ASN E 501 -11.49 53.19 -48.21
CA ASN E 501 -10.27 53.86 -48.65
C ASN E 501 -9.69 53.10 -49.86
N GLU E 502 -9.88 53.67 -51.07
CA GLU E 502 -9.35 53.12 -52.33
C GLU E 502 -7.81 53.12 -52.44
N GLU E 503 -7.11 53.97 -51.67
CA GLU E 503 -5.65 54.01 -51.59
C GLU E 503 -5.03 52.79 -50.87
N PHE E 504 -5.80 52.16 -49.97
CA PHE E 504 -5.38 50.98 -49.19
C PHE E 504 -5.19 49.73 -50.06
N LEU E 505 -5.90 49.69 -51.21
CA LEU E 505 -5.98 48.59 -52.15
C LEU E 505 -4.92 48.63 -53.26
N ARG E 506 -4.12 49.71 -53.33
CA ARG E 506 -3.05 49.91 -54.32
C ARG E 506 -1.64 49.72 -53.74
N THR E 507 -1.53 49.41 -52.42
CA THR E 507 -0.26 49.35 -51.72
C THR E 507 0.06 47.90 -51.30
N ASP E 508 0.96 47.25 -52.06
CA ASP E 508 1.48 45.90 -51.78
C ASP E 508 2.48 45.83 -50.61
N ASP E 509 2.94 46.97 -50.08
CA ASP E 509 3.91 47.05 -49.00
C ASP E 509 3.18 47.01 -47.64
N ALA E 510 3.51 45.99 -46.84
CA ALA E 510 2.95 45.74 -45.52
C ALA E 510 3.35 46.75 -44.43
N GLU E 511 4.50 47.44 -44.60
CA GLU E 511 4.96 48.47 -43.65
C GLU E 511 4.23 49.80 -43.80
N GLU E 512 3.93 50.22 -45.04
CA GLU E 512 3.09 51.39 -45.32
C GLU E 512 1.63 51.20 -44.87
N MET E 513 1.15 49.95 -44.96
CA MET E 513 -0.17 49.51 -44.49
C MET E 513 -0.33 49.65 -42.96
N LYS E 514 0.69 49.23 -42.21
CA LYS E 514 0.77 49.39 -40.75
C LYS E 514 0.86 50.85 -40.30
N ALA E 515 1.61 51.69 -41.06
CA ALA E 515 1.75 53.13 -40.81
C ALA E 515 0.44 53.90 -41.03
N LEU E 516 -0.30 53.54 -42.09
CA LEU E 516 -1.63 54.08 -42.41
C LEU E 516 -2.69 53.74 -41.34
N ILE E 517 -2.72 52.48 -40.88
CA ILE E 517 -3.61 52.01 -39.81
C ILE E 517 -3.34 52.72 -38.46
N LYS E 518 -2.05 52.91 -38.13
CA LYS E 518 -1.60 53.63 -36.94
C LYS E 518 -1.96 55.13 -36.97
N GLN E 519 -1.93 55.75 -38.17
CA GLN E 519 -2.29 57.15 -38.39
C GLN E 519 -3.81 57.38 -38.34
N VAL E 520 -4.61 56.42 -38.84
CA VAL E 520 -6.08 56.40 -38.74
C VAL E 520 -6.57 56.15 -37.28
N LYS E 521 -5.74 55.49 -36.46
CA LYS E 521 -6.03 55.27 -35.04
C LYS E 521 -5.72 56.48 -34.13
N ARG E 522 -4.66 57.26 -34.42
CA ARG E 522 -4.14 58.35 -33.58
C ARG E 522 -5.13 59.50 -33.52
#